data_3TJY
# 
_entry.id   3TJY 
# 
_audit_conform.dict_name       mmcif_pdbx.dic 
_audit_conform.dict_version    5.397 
_audit_conform.dict_location   http://mmcif.pdb.org/dictionaries/ascii/mmcif_pdbx.dic 
# 
loop_
_database_2.database_id 
_database_2.database_code 
_database_2.pdbx_database_accession 
_database_2.pdbx_DOI 
PDB   3TJY         pdb_00003tjy 10.2210/pdb3tjy/pdb 
RCSB  RCSB067570   ?            ?                   
WWPDB D_1000067570 ?            ?                   
# 
loop_
_pdbx_audit_revision_history.ordinal 
_pdbx_audit_revision_history.data_content_type 
_pdbx_audit_revision_history.major_revision 
_pdbx_audit_revision_history.minor_revision 
_pdbx_audit_revision_history.revision_date 
1 'Structure model' 1 0 2011-09-14 
2 'Structure model' 1 1 2012-01-11 
3 'Structure model' 1 2 2012-02-22 
4 'Structure model' 1 3 2013-01-09 
5 'Structure model' 1 4 2024-10-30 
# 
_pdbx_audit_revision_details.ordinal             1 
_pdbx_audit_revision_details.revision_ordinal    1 
_pdbx_audit_revision_details.data_content_type   'Structure model' 
_pdbx_audit_revision_details.provider            repository 
_pdbx_audit_revision_details.type                'Initial release' 
_pdbx_audit_revision_details.description         ? 
_pdbx_audit_revision_details.details             ? 
# 
loop_
_pdbx_audit_revision_group.ordinal 
_pdbx_audit_revision_group.revision_ordinal 
_pdbx_audit_revision_group.data_content_type 
_pdbx_audit_revision_group.group 
1 2 'Structure model' 'Database references'  
2 3 'Structure model' 'Structure summary'    
3 4 'Structure model' 'Database references'  
4 5 'Structure model' 'Data collection'      
5 5 'Structure model' 'Database references'  
6 5 'Structure model' 'Derived calculations' 
7 5 'Structure model' 'Structure summary'    
# 
loop_
_pdbx_audit_revision_category.ordinal 
_pdbx_audit_revision_category.revision_ordinal 
_pdbx_audit_revision_category.data_content_type 
_pdbx_audit_revision_category.category 
1 5 'Structure model' chem_comp_atom            
2 5 'Structure model' chem_comp_bond            
3 5 'Structure model' database_2                
4 5 'Structure model' pdbx_entry_details        
5 5 'Structure model' pdbx_modification_feature 
6 5 'Structure model' struct_conn               
7 5 'Structure model' struct_site               
# 
loop_
_pdbx_audit_revision_item.ordinal 
_pdbx_audit_revision_item.revision_ordinal 
_pdbx_audit_revision_item.data_content_type 
_pdbx_audit_revision_item.item 
1 5 'Structure model' '_database_2.pdbx_DOI'                         
2 5 'Structure model' '_database_2.pdbx_database_accession'          
3 5 'Structure model' '_pdbx_entry_details.has_protein_modification' 
4 5 'Structure model' '_struct_conn.pdbx_leaving_atom_flag'          
5 5 'Structure model' '_struct_site.pdbx_auth_asym_id'               
6 5 'Structure model' '_struct_site.pdbx_auth_comp_id'               
7 5 'Structure model' '_struct_site.pdbx_auth_seq_id'                
# 
_pdbx_database_status.status_code                     REL 
_pdbx_database_status.entry_id                        3TJY 
_pdbx_database_status.recvd_initial_deposition_date   2011-08-25 
_pdbx_database_status.deposit_site                    RCSB 
_pdbx_database_status.process_site                    RCSB 
_pdbx_database_status.status_code_sf                  REL 
_pdbx_database_status.status_code_mr                  ? 
_pdbx_database_status.SG_entry                        Y 
_pdbx_database_status.status_code_cs                  ? 
_pdbx_database_status.methods_development_category    ? 
_pdbx_database_status.pdb_format_compatible           Y 
_pdbx_database_status.status_code_nmr_data            ? 
# 
loop_
_pdbx_database_related.db_name 
_pdbx_database_related.db_id 
_pdbx_database_related.details 
_pdbx_database_related.content_type 
PDB      3SVI       'Structure of the Pto-binding domain of HopPmaL generated by limited thermolysin digestion' unspecified 
TargetDB APC40104.2 .                                                                                           unspecified 
# 
loop_
_audit_author.name 
_audit_author.pdbx_ordinal 
'Singer, A.U.'                                  1 
'Stein, A.'                                     2 
'Xu, X.'                                        3 
'Cui, H.'                                       4 
'Joachimiak, A.'                                5 
'Edwards, A.M.'                                 6 
'Savchenko, A.'                                 7 
'Midwest Center for Structural Genomics (MCSG)' 8 
# 
_citation.id                        primary 
_citation.title                     
;Structural analysis of HopPmaL reveals the presence of a second adaptor domain common to the HopAB family of Pseudomonas syringae type III effectors.
;
_citation.journal_abbrev            Biochemistry 
_citation.journal_volume            51 
_citation.page_first                1 
_citation.page_last                 3 
_citation.year                      2012 
_citation.journal_id_ASTM           BICHAW 
_citation.country                   US 
_citation.journal_id_ISSN           0006-2960 
_citation.journal_id_CSD            0033 
_citation.book_publisher            ? 
_citation.pdbx_database_id_PubMed   22191472 
_citation.pdbx_database_id_DOI      10.1021/bi2013883 
# 
loop_
_citation_author.citation_id 
_citation_author.name 
_citation_author.ordinal 
_citation_author.identifier_ORCID 
primary 'Singer, A.U.'     1  ? 
primary 'Wu, B.'           2  ? 
primary 'Yee, A.'          3  ? 
primary 'Houliston, S.'    4  ? 
primary 'Xu, X.'           5  ? 
primary 'Cui, H.'          6  ? 
primary 'Skarina, T.'      7  ? 
primary 'Garcia, M.'       8  ? 
primary 'Semesi, A.'       9  ? 
primary 'Arrowsmith, C.H.' 10 ? 
primary 'Savchenko, A.'    11 ? 
# 
loop_
_entity.id 
_entity.type 
_entity.src_method 
_entity.pdbx_description 
_entity.formula_weight 
_entity.pdbx_number_of_molecules 
_entity.pdbx_ec 
_entity.pdbx_mutation 
_entity.pdbx_fragment 
_entity.details 
1 polymer     man 'Effector protein hopAB3' 10655.572 1  ? none HopPmaL ? 
2 non-polymer syn 'SULFATE ION'             96.063    3  ? ?    ?       ? 
3 non-polymer syn 'CHLORIDE ION'            35.453    4  ? ?    ?       ? 
4 water       nat water                     18.015    80 ? ?    ?       ? 
# 
_entity_name_com.entity_id   1 
_entity_name_com.name        'Avirulence protein hopPmaL' 
# 
_entity_poly.entity_id                      1 
_entity_poly.type                           'polypeptide(L)' 
_entity_poly.nstd_linkage                   no 
_entity_poly.nstd_monomer                   yes 
_entity_poly.pdbx_seq_one_letter_code       
;TGAVPRANRIVQQLVEAGADLANIRT(MSE)FRN(MSE)LRGEE(MSE)ILSRAEQNVFLQHFPD(MSE)LPCGIDRNSE
LAIALREALRRADSQQAARAPARTPPRSSV
;
_entity_poly.pdbx_seq_one_letter_code_can   
;TGAVPRANRIVQQLVEAGADLANIRTMFRNMLRGEEMILSRAEQNVFLQHFPDMLPCGIDRNSELAIALREALRRADSQQ
AARAPARTPPRSSV
;
_entity_poly.pdbx_strand_id                 A 
_entity_poly.pdbx_target_identifier         APC40104.2 
# 
loop_
_pdbx_entity_nonpoly.entity_id 
_pdbx_entity_nonpoly.name 
_pdbx_entity_nonpoly.comp_id 
2 'SULFATE ION'  SO4 
3 'CHLORIDE ION' CL  
4 water          HOH 
# 
loop_
_entity_poly_seq.entity_id 
_entity_poly_seq.num 
_entity_poly_seq.mon_id 
_entity_poly_seq.hetero 
1 1  THR n 
1 2  GLY n 
1 3  ALA n 
1 4  VAL n 
1 5  PRO n 
1 6  ARG n 
1 7  ALA n 
1 8  ASN n 
1 9  ARG n 
1 10 ILE n 
1 11 VAL n 
1 12 GLN n 
1 13 GLN n 
1 14 LEU n 
1 15 VAL n 
1 16 GLU n 
1 17 ALA n 
1 18 GLY n 
1 19 ALA n 
1 20 ASP n 
1 21 LEU n 
1 22 ALA n 
1 23 ASN n 
1 24 ILE n 
1 25 ARG n 
1 26 THR n 
1 27 MSE n 
1 28 PHE n 
1 29 ARG n 
1 30 ASN n 
1 31 MSE n 
1 32 LEU n 
1 33 ARG n 
1 34 GLY n 
1 35 GLU n 
1 36 GLU n 
1 37 MSE n 
1 38 ILE n 
1 39 LEU n 
1 40 SER n 
1 41 ARG n 
1 42 ALA n 
1 43 GLU n 
1 44 GLN n 
1 45 ASN n 
1 46 VAL n 
1 47 PHE n 
1 48 LEU n 
1 49 GLN n 
1 50 HIS n 
1 51 PHE n 
1 52 PRO n 
1 53 ASP n 
1 54 MSE n 
1 55 LEU n 
1 56 PRO n 
1 57 CYS n 
1 58 GLY n 
1 59 ILE n 
1 60 ASP n 
1 61 ARG n 
1 62 ASN n 
1 63 SER n 
1 64 GLU n 
1 65 LEU n 
1 66 ALA n 
1 67 ILE n 
1 68 ALA n 
1 69 LEU n 
1 70 ARG n 
1 71 GLU n 
1 72 ALA n 
1 73 LEU n 
1 74 ARG n 
1 75 ARG n 
1 76 ALA n 
1 77 ASP n 
1 78 SER n 
1 79 GLN n 
1 80 GLN n 
1 81 ALA n 
1 82 ALA n 
1 83 ARG n 
1 84 ALA n 
1 85 PRO n 
1 86 ALA n 
1 87 ARG n 
1 88 THR n 
1 89 PRO n 
1 90 PRO n 
1 91 ARG n 
1 92 SER n 
1 93 SER n 
1 94 VAL n 
# 
_entity_src_gen.entity_id                          1 
_entity_src_gen.pdbx_src_id                        1 
_entity_src_gen.pdbx_alt_source_flag               sample 
_entity_src_gen.pdbx_seq_type                      ? 
_entity_src_gen.pdbx_beg_seq_num                   ? 
_entity_src_gen.pdbx_end_seq_num                   ? 
_entity_src_gen.gene_src_common_name               ? 
_entity_src_gen.gene_src_genus                     ? 
_entity_src_gen.pdbx_gene_src_gene                 'hopAB3, hopPmaL' 
_entity_src_gen.gene_src_species                   ? 
_entity_src_gen.gene_src_strain                    ES4326 
_entity_src_gen.gene_src_tissue                    ? 
_entity_src_gen.gene_src_tissue_fraction           ? 
_entity_src_gen.gene_src_details                   ? 
_entity_src_gen.pdbx_gene_src_fragment             ? 
_entity_src_gen.pdbx_gene_src_scientific_name      'Pseudomonas syringae pv. maculicola' 
_entity_src_gen.pdbx_gene_src_ncbi_taxonomy_id     629265 
_entity_src_gen.pdbx_gene_src_variant              ? 
_entity_src_gen.pdbx_gene_src_cell_line            ? 
_entity_src_gen.pdbx_gene_src_atcc                 ? 
_entity_src_gen.pdbx_gene_src_organ                ? 
_entity_src_gen.pdbx_gene_src_organelle            ? 
_entity_src_gen.pdbx_gene_src_cell                 ? 
_entity_src_gen.pdbx_gene_src_cellular_location    ? 
_entity_src_gen.host_org_common_name               ? 
_entity_src_gen.pdbx_host_org_scientific_name      'Escherichia coli' 
_entity_src_gen.pdbx_host_org_ncbi_taxonomy_id     562 
_entity_src_gen.host_org_genus                     ? 
_entity_src_gen.pdbx_host_org_gene                 ? 
_entity_src_gen.pdbx_host_org_organ                ? 
_entity_src_gen.host_org_species                   ? 
_entity_src_gen.pdbx_host_org_tissue               ? 
_entity_src_gen.pdbx_host_org_tissue_fraction      ? 
_entity_src_gen.pdbx_host_org_strain               'BL21-CODONPLUS(DE3)-RIPL' 
_entity_src_gen.pdbx_host_org_variant              ? 
_entity_src_gen.pdbx_host_org_cell_line            ? 
_entity_src_gen.pdbx_host_org_atcc                 ? 
_entity_src_gen.pdbx_host_org_culture_collection   ? 
_entity_src_gen.pdbx_host_org_cell                 ? 
_entity_src_gen.pdbx_host_org_organelle            ? 
_entity_src_gen.pdbx_host_org_cellular_location    ? 
_entity_src_gen.pdbx_host_org_vector_type          Plasmid 
_entity_src_gen.pdbx_host_org_vector               ? 
_entity_src_gen.host_org_details                   ? 
_entity_src_gen.expression_system_id               ? 
_entity_src_gen.plasmid_name                       p15TvLic 
_entity_src_gen.plasmid_details                    ? 
_entity_src_gen.pdbx_description                   ? 
# 
loop_
_chem_comp.id 
_chem_comp.type 
_chem_comp.mon_nstd_flag 
_chem_comp.name 
_chem_comp.pdbx_synonyms 
_chem_comp.formula 
_chem_comp.formula_weight 
ALA 'L-peptide linking' y ALANINE          ? 'C3 H7 N O2'     89.093  
ARG 'L-peptide linking' y ARGININE         ? 'C6 H15 N4 O2 1' 175.209 
ASN 'L-peptide linking' y ASPARAGINE       ? 'C4 H8 N2 O3'    132.118 
ASP 'L-peptide linking' y 'ASPARTIC ACID'  ? 'C4 H7 N O4'     133.103 
CL  non-polymer         . 'CHLORIDE ION'   ? 'Cl -1'          35.453  
CYS 'L-peptide linking' y CYSTEINE         ? 'C3 H7 N O2 S'   121.158 
GLN 'L-peptide linking' y GLUTAMINE        ? 'C5 H10 N2 O3'   146.144 
GLU 'L-peptide linking' y 'GLUTAMIC ACID'  ? 'C5 H9 N O4'     147.129 
GLY 'peptide linking'   y GLYCINE          ? 'C2 H5 N O2'     75.067  
HIS 'L-peptide linking' y HISTIDINE        ? 'C6 H10 N3 O2 1' 156.162 
HOH non-polymer         . WATER            ? 'H2 O'           18.015  
ILE 'L-peptide linking' y ISOLEUCINE       ? 'C6 H13 N O2'    131.173 
LEU 'L-peptide linking' y LEUCINE          ? 'C6 H13 N O2'    131.173 
MSE 'L-peptide linking' n SELENOMETHIONINE ? 'C5 H11 N O2 Se' 196.106 
PHE 'L-peptide linking' y PHENYLALANINE    ? 'C9 H11 N O2'    165.189 
PRO 'L-peptide linking' y PROLINE          ? 'C5 H9 N O2'     115.130 
SER 'L-peptide linking' y SERINE           ? 'C3 H7 N O3'     105.093 
SO4 non-polymer         . 'SULFATE ION'    ? 'O4 S -2'        96.063  
THR 'L-peptide linking' y THREONINE        ? 'C4 H9 N O3'     119.119 
VAL 'L-peptide linking' y VALINE           ? 'C5 H11 N O2'    117.146 
# 
loop_
_pdbx_poly_seq_scheme.asym_id 
_pdbx_poly_seq_scheme.entity_id 
_pdbx_poly_seq_scheme.seq_id 
_pdbx_poly_seq_scheme.mon_id 
_pdbx_poly_seq_scheme.ndb_seq_num 
_pdbx_poly_seq_scheme.pdb_seq_num 
_pdbx_poly_seq_scheme.auth_seq_num 
_pdbx_poly_seq_scheme.pdb_mon_id 
_pdbx_poly_seq_scheme.auth_mon_id 
_pdbx_poly_seq_scheme.pdb_strand_id 
_pdbx_poly_seq_scheme.pdb_ins_code 
_pdbx_poly_seq_scheme.hetero 
A 1 1  THR 1  140 140 THR THR A . n 
A 1 2  GLY 2  141 141 GLY GLY A . n 
A 1 3  ALA 3  142 142 ALA ALA A . n 
A 1 4  VAL 4  143 143 VAL VAL A . n 
A 1 5  PRO 5  144 144 PRO PRO A . n 
A 1 6  ARG 6  145 145 ARG ARG A . n 
A 1 7  ALA 7  146 146 ALA ALA A . n 
A 1 8  ASN 8  147 147 ASN ASN A . n 
A 1 9  ARG 9  148 148 ARG ARG A . n 
A 1 10 ILE 10 149 149 ILE ILE A . n 
A 1 11 VAL 11 150 150 VAL VAL A . n 
A 1 12 GLN 12 151 151 GLN GLN A . n 
A 1 13 GLN 13 152 152 GLN GLN A . n 
A 1 14 LEU 14 153 153 LEU LEU A . n 
A 1 15 VAL 15 154 154 VAL VAL A . n 
A 1 16 GLU 16 155 155 GLU GLU A . n 
A 1 17 ALA 17 156 156 ALA ALA A . n 
A 1 18 GLY 18 157 157 GLY GLY A . n 
A 1 19 ALA 19 158 158 ALA ALA A . n 
A 1 20 ASP 20 159 159 ASP ASP A . n 
A 1 21 LEU 21 160 160 LEU LEU A . n 
A 1 22 ALA 22 161 161 ALA ALA A . n 
A 1 23 ASN 23 162 162 ASN ASN A . n 
A 1 24 ILE 24 163 163 ILE ILE A . n 
A 1 25 ARG 25 164 164 ARG ARG A . n 
A 1 26 THR 26 165 165 THR THR A . n 
A 1 27 MSE 27 166 166 MSE MSE A . n 
A 1 28 PHE 28 167 167 PHE PHE A . n 
A 1 29 ARG 29 168 168 ARG ARG A . n 
A 1 30 ASN 30 169 169 ASN ASN A . n 
A 1 31 MSE 31 170 170 MSE MSE A . n 
A 1 32 LEU 32 171 171 LEU LEU A . n 
A 1 33 ARG 33 172 172 ARG ARG A . n 
A 1 34 GLY 34 173 173 GLY GLY A . n 
A 1 35 GLU 35 174 174 GLU GLU A . n 
A 1 36 GLU 36 175 175 GLU GLU A . n 
A 1 37 MSE 37 176 176 MSE MSE A . n 
A 1 38 ILE 38 177 177 ILE ILE A . n 
A 1 39 LEU 39 178 178 LEU LEU A . n 
A 1 40 SER 40 179 179 SER SER A . n 
A 1 41 ARG 41 180 180 ARG ARG A . n 
A 1 42 ALA 42 181 181 ALA ALA A . n 
A 1 43 GLU 43 182 182 GLU GLU A . n 
A 1 44 GLN 44 183 183 GLN GLN A . n 
A 1 45 ASN 45 184 184 ASN ASN A . n 
A 1 46 VAL 46 185 185 VAL VAL A . n 
A 1 47 PHE 47 186 186 PHE PHE A . n 
A 1 48 LEU 48 187 187 LEU LEU A . n 
A 1 49 GLN 49 188 188 GLN GLN A . n 
A 1 50 HIS 50 189 189 HIS HIS A . n 
A 1 51 PHE 51 190 190 PHE PHE A . n 
A 1 52 PRO 52 191 191 PRO PRO A . n 
A 1 53 ASP 53 192 192 ASP ASP A . n 
A 1 54 MSE 54 193 193 MSE MSE A . n 
A 1 55 LEU 55 194 194 LEU LEU A . n 
A 1 56 PRO 56 195 195 PRO PRO A . n 
A 1 57 CYS 57 196 196 CYS CYS A . n 
A 1 58 GLY 58 197 197 GLY GLY A . n 
A 1 59 ILE 59 198 198 ILE ILE A . n 
A 1 60 ASP 60 199 199 ASP ASP A . n 
A 1 61 ARG 61 200 200 ARG ARG A . n 
A 1 62 ASN 62 201 201 ASN ASN A . n 
A 1 63 SER 63 202 202 SER SER A . n 
A 1 64 GLU 64 203 203 GLU GLU A . n 
A 1 65 LEU 65 204 204 LEU LEU A . n 
A 1 66 ALA 66 205 205 ALA ALA A . n 
A 1 67 ILE 67 206 206 ILE ILE A . n 
A 1 68 ALA 68 207 207 ALA ALA A . n 
A 1 69 LEU 69 208 208 LEU LEU A . n 
A 1 70 ARG 70 209 209 ARG ARG A . n 
A 1 71 GLU 71 210 210 GLU GLU A . n 
A 1 72 ALA 72 211 211 ALA ALA A . n 
A 1 73 LEU 73 212 212 LEU LEU A . n 
A 1 74 ARG 74 213 213 ARG ARG A . n 
A 1 75 ARG 75 214 214 ARG ARG A . n 
A 1 76 ALA 76 215 215 ALA ALA A . n 
A 1 77 ASP 77 216 216 ASP ASP A . n 
A 1 78 SER 78 217 217 SER SER A . n 
A 1 79 GLN 79 218 ?   ?   ?   A . n 
A 1 80 GLN 80 219 ?   ?   ?   A . n 
A 1 81 ALA 81 220 ?   ?   ?   A . n 
A 1 82 ALA 82 221 ?   ?   ?   A . n 
A 1 83 ARG 83 222 ?   ?   ?   A . n 
A 1 84 ALA 84 223 ?   ?   ?   A . n 
A 1 85 PRO 85 224 ?   ?   ?   A . n 
A 1 86 ALA 86 225 ?   ?   ?   A . n 
A 1 87 ARG 87 226 ?   ?   ?   A . n 
A 1 88 THR 88 227 ?   ?   ?   A . n 
A 1 89 PRO 89 228 ?   ?   ?   A . n 
A 1 90 PRO 90 229 ?   ?   ?   A . n 
A 1 91 ARG 91 230 ?   ?   ?   A . n 
A 1 92 SER 92 231 ?   ?   ?   A . n 
A 1 93 SER 93 232 ?   ?   ?   A . n 
A 1 94 VAL 94 233 ?   ?   ?   A . n 
# 
loop_
_pdbx_nonpoly_scheme.asym_id 
_pdbx_nonpoly_scheme.entity_id 
_pdbx_nonpoly_scheme.mon_id 
_pdbx_nonpoly_scheme.ndb_seq_num 
_pdbx_nonpoly_scheme.pdb_seq_num 
_pdbx_nonpoly_scheme.auth_seq_num 
_pdbx_nonpoly_scheme.pdb_mon_id 
_pdbx_nonpoly_scheme.auth_mon_id 
_pdbx_nonpoly_scheme.pdb_strand_id 
_pdbx_nonpoly_scheme.pdb_ins_code 
B 2 SO4 1  1   1   SO4 SO4 A . 
C 2 SO4 1  2   2   SO4 SO4 A . 
D 2 SO4 1  4   4   SO4 SO4 A . 
E 3 CL  1  234 234 CL  CL  A . 
F 3 CL  1  235 235 CL  CL  A . 
G 3 CL  1  3   3   CL  CL  A . 
H 3 CL  1  236 236 CL  CL  A . 
I 4 HOH 1  7   7   HOH HOH A . 
I 4 HOH 2  8   8   HOH HOH A . 
I 4 HOH 3  9   9   HOH HOH A . 
I 4 HOH 4  10  10  HOH HOH A . 
I 4 HOH 5  11  11  HOH HOH A . 
I 4 HOH 6  13  13  HOH HOH A . 
I 4 HOH 7  14  14  HOH HOH A . 
I 4 HOH 8  16  16  HOH HOH A . 
I 4 HOH 9  17  17  HOH HOH A . 
I 4 HOH 10 20  20  HOH HOH A . 
I 4 HOH 11 21  21  HOH HOH A . 
I 4 HOH 12 22  22  HOH HOH A . 
I 4 HOH 13 24  24  HOH HOH A . 
I 4 HOH 14 25  25  HOH HOH A . 
I 4 HOH 15 27  27  HOH HOH A . 
I 4 HOH 16 28  28  HOH HOH A . 
I 4 HOH 17 29  29  HOH HOH A . 
I 4 HOH 18 30  30  HOH HOH A . 
I 4 HOH 19 31  31  HOH HOH A . 
I 4 HOH 20 32  32  HOH HOH A . 
I 4 HOH 21 33  33  HOH HOH A . 
I 4 HOH 22 34  34  HOH HOH A . 
I 4 HOH 23 35  35  HOH HOH A . 
I 4 HOH 24 36  36  HOH HOH A . 
I 4 HOH 25 37  37  HOH HOH A . 
I 4 HOH 26 38  38  HOH HOH A . 
I 4 HOH 27 39  39  HOH HOH A . 
I 4 HOH 28 40  40  HOH HOH A . 
I 4 HOH 29 41  41  HOH HOH A . 
I 4 HOH 30 42  42  HOH HOH A . 
I 4 HOH 31 43  43  HOH HOH A . 
I 4 HOH 32 44  44  HOH HOH A . 
I 4 HOH 33 45  45  HOH HOH A . 
I 4 HOH 34 47  47  HOH HOH A . 
I 4 HOH 35 48  48  HOH HOH A . 
I 4 HOH 36 49  49  HOH HOH A . 
I 4 HOH 37 50  50  HOH HOH A . 
I 4 HOH 38 51  51  HOH HOH A . 
I 4 HOH 39 52  52  HOH HOH A . 
I 4 HOH 40 53  53  HOH HOH A . 
I 4 HOH 41 54  54  HOH HOH A . 
I 4 HOH 42 55  55  HOH HOH A . 
I 4 HOH 43 57  57  HOH HOH A . 
I 4 HOH 44 61  61  HOH HOH A . 
I 4 HOH 45 62  62  HOH HOH A . 
I 4 HOH 46 64  64  HOH HOH A . 
I 4 HOH 47 65  65  HOH HOH A . 
I 4 HOH 48 66  66  HOH HOH A . 
I 4 HOH 49 68  68  HOH HOH A . 
I 4 HOH 50 69  69  HOH HOH A . 
I 4 HOH 51 70  70  HOH HOH A . 
I 4 HOH 52 72  72  HOH HOH A . 
I 4 HOH 53 73  73  HOH HOH A . 
I 4 HOH 54 75  75  HOH HOH A . 
I 4 HOH 55 77  77  HOH HOH A . 
I 4 HOH 56 78  78  HOH HOH A . 
I 4 HOH 57 79  79  HOH HOH A . 
I 4 HOH 58 82  82  HOH HOH A . 
I 4 HOH 59 84  84  HOH HOH A . 
I 4 HOH 60 86  86  HOH HOH A . 
I 4 HOH 61 87  87  HOH HOH A . 
I 4 HOH 62 91  91  HOH HOH A . 
I 4 HOH 63 93  93  HOH HOH A . 
I 4 HOH 64 94  94  HOH HOH A . 
I 4 HOH 65 95  95  HOH HOH A . 
I 4 HOH 66 96  96  HOH HOH A . 
I 4 HOH 67 101 101 HOH HOH A . 
I 4 HOH 68 112 112 HOH HOH A . 
I 4 HOH 69 113 113 HOH HOH A . 
I 4 HOH 70 114 114 HOH HOH A . 
I 4 HOH 71 121 121 HOH HOH A . 
I 4 HOH 72 122 122 HOH HOH A . 
I 4 HOH 73 124 124 HOH HOH A . 
I 4 HOH 74 125 125 HOH HOH A . 
I 4 HOH 75 126 126 HOH HOH A . 
I 4 HOH 76 127 127 HOH HOH A . 
I 4 HOH 77 128 128 HOH HOH A . 
I 4 HOH 78 237 237 HOH HOH A . 
I 4 HOH 79 238 238 HOH HOH A . 
I 4 HOH 80 239 239 HOH HOH A . 
# 
_software.name             PHENIX 
_software.classification   refinement 
_software.version          '(phenix.refine: 1.7.1_743)' 
_software.citation_id      ? 
_software.pdbx_ordinal     1 
# 
_cell.entry_id           3TJY 
_cell.length_a           57.427 
_cell.length_b           57.427 
_cell.length_c           54.800 
_cell.angle_alpha        90.00 
_cell.angle_beta         90.00 
_cell.angle_gamma        90.00 
_cell.Z_PDB              8 
_cell.pdbx_unique_axis   ? 
_cell.length_a_esd       ? 
_cell.length_b_esd       ? 
_cell.length_c_esd       ? 
_cell.angle_alpha_esd    ? 
_cell.angle_beta_esd     ? 
_cell.angle_gamma_esd    ? 
# 
_symmetry.entry_id                         3TJY 
_symmetry.space_group_name_H-M             'P 41 21 2' 
_symmetry.pdbx_full_space_group_name_H-M   ? 
_symmetry.cell_setting                     ? 
_symmetry.Int_Tables_number                92 
_symmetry.space_group_name_Hall            ? 
# 
_exptl.entry_id          3TJY 
_exptl.method            'X-RAY DIFFRACTION' 
_exptl.crystals_number   1 
# 
_exptl_crystal.id                    1 
_exptl_crystal.density_meas          ? 
_exptl_crystal.density_Matthews      2.12 
_exptl_crystal.density_percent_sol   41.98 
_exptl_crystal.description           ? 
_exptl_crystal.F_000                 ? 
_exptl_crystal.preparation           ? 
# 
_exptl_crystal_grow.crystal_id      1 
_exptl_crystal_grow.method          'VAPOR DIFFUSION, HANGING DROP' 
_exptl_crystal_grow.temp            294 
_exptl_crystal_grow.temp_details    ? 
_exptl_crystal_grow.pH              6.5 
_exptl_crystal_grow.pdbx_pH_range   ? 
_exptl_crystal_grow.pdbx_details    
;0.1M Bis-Tris pH 6.5 plus 1.5M Ammonium Sulphate. 0.03 mg/ml chymotrypsin was added to the protein prior to adding crystallization liquor. Crystals were cryoprotected with Paratone-N oil 
, VAPOR DIFFUSION, HANGING DROP, temperature 294K
;
# 
_diffrn.id                     1 
_diffrn.ambient_temp           100 
_diffrn.ambient_temp_details   ? 
_diffrn.crystal_id             1 
# 
_diffrn_detector.diffrn_id              1 
_diffrn_detector.detector               CCD 
_diffrn_detector.type                   'ADSC QUANTUM 315' 
_diffrn_detector.pdbx_collection_date   2009-07-10 
_diffrn_detector.details                mirrors 
# 
_diffrn_radiation.diffrn_id                        1 
_diffrn_radiation.wavelength_id                    1 
_diffrn_radiation.pdbx_monochromatic_or_laue_m_l   M 
_diffrn_radiation.monochromator                    'SI-111 CHANNEL' 
_diffrn_radiation.pdbx_diffrn_protocol             'SINGLE WAVELENGTH' 
_diffrn_radiation.pdbx_scattering_type             x-ray 
# 
_diffrn_radiation_wavelength.id           1 
_diffrn_radiation_wavelength.wavelength   0.97942 
_diffrn_radiation_wavelength.wt           1.0 
# 
_diffrn_source.diffrn_id                   1 
_diffrn_source.source                      SYNCHROTRON 
_diffrn_source.type                        'APS BEAMLINE 19-ID' 
_diffrn_source.pdbx_synchrotron_site       APS 
_diffrn_source.pdbx_synchrotron_beamline   19-ID 
_diffrn_source.pdbx_wavelength             ? 
_diffrn_source.pdbx_wavelength_list        0.97942 
# 
_reflns.pdbx_diffrn_id               1 
_reflns.pdbx_ordinal                 1 
_reflns.entry_id                     3TJY 
_reflns.observed_criterion_sigma_I   -3.0 
_reflns.observed_criterion_sigma_F   ? 
_reflns.d_resolution_low             25.682 
_reflns.d_resolution_high            1.65 
_reflns.number_obs                   11555 
_reflns.number_all                   11562 
_reflns.percent_possible_obs         99.9 
_reflns.pdbx_Rmerge_I_obs            0.08 
_reflns.pdbx_Rsym_value              0.08 
_reflns.pdbx_netI_over_sigmaI        42.133 
_reflns.B_iso_Wilson_estimate        ? 
_reflns.pdbx_redundancy              9.3 
_reflns.R_free_details               ? 
_reflns.limit_h_max                  ? 
_reflns.limit_h_min                  ? 
_reflns.limit_k_max                  ? 
_reflns.limit_k_min                  ? 
_reflns.limit_l_max                  ? 
_reflns.limit_l_min                  ? 
_reflns.observed_criterion_F_max     ? 
_reflns.observed_criterion_F_min     ? 
_reflns.pdbx_chi_squared             ? 
_reflns.pdbx_scaling_rejects         ? 
# 
_reflns_shell.pdbx_diffrn_id         1 
_reflns_shell.pdbx_ordinal           1 
_reflns_shell.d_res_high             1.65 
_reflns_shell.d_res_low              1.68 
_reflns_shell.percent_possible_all   100.0 
_reflns_shell.Rmerge_I_obs           0.501 
_reflns_shell.pdbx_Rsym_value        0.501 
_reflns_shell.meanI_over_sigI_obs    3.7 
_reflns_shell.pdbx_redundancy        9.5 
_reflns_shell.percent_possible_obs   ? 
_reflns_shell.number_unique_all      ? 
_reflns_shell.number_measured_all    ? 
_reflns_shell.number_measured_obs    ? 
_reflns_shell.number_unique_obs      ? 
_reflns_shell.pdbx_chi_squared       ? 
# 
_refine.pdbx_refine_id                           'X-RAY DIFFRACTION' 
_refine.entry_id                                 3TJY 
_refine.pdbx_diffrn_id                           1 
_refine.pdbx_TLS_residual_ADP_flag               ? 
_refine.ls_number_reflns_obs                     10558 
_refine.ls_number_reflns_all                     ? 
_refine.pdbx_ls_sigma_I                          ? 
_refine.pdbx_ls_sigma_F                          1.35 
_refine.pdbx_data_cutoff_high_absF               ? 
_refine.pdbx_data_cutoff_low_absF                ? 
_refine.pdbx_data_cutoff_high_rms_absF           ? 
_refine.ls_d_res_low                             25.682 
_refine.ls_d_res_high                            1.700 
_refine.ls_percent_reflns_obs                    99.97 
_refine.ls_R_factor_obs                          0.1894 
_refine.ls_R_factor_all                          ? 
_refine.ls_R_factor_R_work                       0.1880 
_refine.ls_R_factor_R_free                       0.2174 
_refine.ls_R_factor_R_free_error                 ? 
_refine.ls_R_factor_R_free_error_details         ? 
_refine.ls_percent_reflns_R_free                 4.83 
_refine.ls_number_reflns_R_free                  510 
_refine.ls_number_parameters                     ? 
_refine.ls_number_restraints                     ? 
_refine.occupancy_min                            ? 
_refine.occupancy_max                            ? 
_refine.correlation_coeff_Fo_to_Fc               ? 
_refine.correlation_coeff_Fo_to_Fc_free          ? 
_refine.B_iso_mean                               ? 
_refine.aniso_B[1][1]                            0.1431 
_refine.aniso_B[2][2]                            0.1431 
_refine.aniso_B[3][3]                            -0.2863 
_refine.aniso_B[1][2]                            0.0000 
_refine.aniso_B[1][3]                            -0.0000 
_refine.aniso_B[2][3]                            0.0000 
_refine.solvent_model_details                    'FLAT BULK SOLVENT MODEL' 
_refine.solvent_model_param_ksol                 0.390 
_refine.solvent_model_param_bsol                 41.325 
_refine.pdbx_solvent_vdw_probe_radii             1.20 
_refine.pdbx_solvent_ion_probe_radii             ? 
_refine.pdbx_solvent_shrinkage_radii             0.95 
_refine.pdbx_ls_cross_valid_method               ? 
_refine.details                                  ? 
_refine.pdbx_starting_model                      ? 
_refine.pdbx_method_to_determine_struct          SAD 
_refine.pdbx_isotropic_thermal_model             ? 
_refine.pdbx_stereochemistry_target_values       ML 
_refine.pdbx_stereochem_target_val_spec_case     ? 
_refine.pdbx_R_Free_selection_details            ? 
_refine.pdbx_overall_ESU_R_Free                  ? 
_refine.overall_SU_ML                            0.42 
_refine.pdbx_overall_phase_error                 17.62 
_refine.overall_SU_B                             ? 
_refine.overall_SU_R_Cruickshank_DPI             ? 
_refine.pdbx_overall_SU_R_free_Cruickshank_DPI   ? 
_refine.pdbx_overall_SU_R_Blow_DPI               ? 
_refine.pdbx_overall_SU_R_free_Blow_DPI          ? 
_refine.ls_redundancy_reflns_obs                 ? 
_refine.B_iso_min                                ? 
_refine.B_iso_max                                ? 
_refine.overall_SU_R_free                        ? 
_refine.ls_wR_factor_R_free                      ? 
_refine.ls_wR_factor_R_work                      ? 
_refine.overall_FOM_free_R_set                   ? 
_refine.overall_FOM_work_R_set                   ? 
_refine.pdbx_overall_ESU_R                       ? 
# 
_refine_hist.pdbx_refine_id                   'X-RAY DIFFRACTION' 
_refine_hist.cycle_id                         LAST 
_refine_hist.pdbx_number_atoms_protein        612 
_refine_hist.pdbx_number_atoms_nucleic_acid   0 
_refine_hist.pdbx_number_atoms_ligand         19 
_refine_hist.number_atoms_solvent             80 
_refine_hist.number_atoms_total               711 
_refine_hist.d_res_high                       1.700 
_refine_hist.d_res_low                        25.682 
# 
loop_
_refine_ls_restr.type 
_refine_ls_restr.dev_ideal 
_refine_ls_restr.dev_ideal_target 
_refine_ls_restr.weight 
_refine_ls_restr.number 
_refine_ls_restr.pdbx_refine_id 
_refine_ls_restr.pdbx_restraint_function 
f_bond_d           0.009  ? ? 708 'X-RAY DIFFRACTION' ? 
f_angle_d          1.152  ? ? 961 'X-RAY DIFFRACTION' ? 
f_dihedral_angle_d 13.952 ? ? 282 'X-RAY DIFFRACTION' ? 
f_chiral_restr     0.079  ? ? 103 'X-RAY DIFFRACTION' ? 
f_plane_restr      0.005  ? ? 132 'X-RAY DIFFRACTION' ? 
# 
loop_
_refine_ls_shell.pdbx_refine_id 
_refine_ls_shell.pdbx_total_number_of_bins_used 
_refine_ls_shell.d_res_high 
_refine_ls_shell.d_res_low 
_refine_ls_shell.number_reflns_R_work 
_refine_ls_shell.R_factor_R_work 
_refine_ls_shell.percent_reflns_obs 
_refine_ls_shell.R_factor_R_free 
_refine_ls_shell.R_factor_R_free_error 
_refine_ls_shell.percent_reflns_R_free 
_refine_ls_shell.number_reflns_R_free 
_refine_ls_shell.number_reflns_all 
_refine_ls_shell.R_factor_all 
_refine_ls_shell.redundancy_reflns_obs 
_refine_ls_shell.number_reflns_obs 
'X-RAY DIFFRACTION' . 1.7002 1.8713  2439 0.2251 100.00 0.2709 . . 130 . . . . 
'X-RAY DIFFRACTION' . 1.8713 2.1420  2465 0.1703 100.00 0.1697 . . 128 . . . . 
'X-RAY DIFFRACTION' . 2.1420 2.6982  2486 0.1613 100.00 0.2204 . . 134 . . . . 
'X-RAY DIFFRACTION' . 2.6982 25.6851 2658 0.1993 100.00 0.2209 . . 118 . . . . 
# 
_struct.entry_id                  3TJY 
_struct.title                     'Structure of the Pto-binding domain of HopPmaL generated by limited chymotrypsin digestion' 
_struct.pdbx_model_details        ? 
_struct.pdbx_CASP_flag            ? 
_struct.pdbx_model_type_details   ? 
# 
_struct_keywords.entry_id        3TJY 
_struct_keywords.pdbx_keywords   'SIGNALING PROTEIN' 
_struct_keywords.text            
;type III effector, HopPmaL, Pseudomonas syringae, Structural Genomics, PSI-Biology, Midwest Center for Structural Genomics, MCSG, helical bundle, Pto, SIGNALING PROTEIN
;
# 
loop_
_struct_asym.id 
_struct_asym.pdbx_blank_PDB_chainid_flag 
_struct_asym.pdbx_modified 
_struct_asym.entity_id 
_struct_asym.details 
A N N 1 ? 
B N N 2 ? 
C N N 2 ? 
D N N 2 ? 
E N N 3 ? 
F N N 3 ? 
G N N 3 ? 
H N N 3 ? 
I N N 4 ? 
# 
_struct_ref.id                         1 
_struct_ref.db_name                    UNP 
_struct_ref.db_code                    HPAB3_PSEYM 
_struct_ref.pdbx_db_accession          Q8RP04 
_struct_ref.entity_id                  1 
_struct_ref.pdbx_seq_one_letter_code   
;TGAVPRANRIVQQLVEAGADLANIRTMFRNMLRGEEMILSRAEQNVFLQHFPDMLPCGIDRNSELAIALREALRRADSQQ
AARAPARTPPRSSV
;
_struct_ref.pdbx_align_begin           140 
_struct_ref.pdbx_db_isoform            ? 
# 
_struct_ref_seq.align_id                      1 
_struct_ref_seq.ref_id                        1 
_struct_ref_seq.pdbx_PDB_id_code              3TJY 
_struct_ref_seq.pdbx_strand_id                A 
_struct_ref_seq.seq_align_beg                 1 
_struct_ref_seq.pdbx_seq_align_beg_ins_code   ? 
_struct_ref_seq.seq_align_end                 94 
_struct_ref_seq.pdbx_seq_align_end_ins_code   ? 
_struct_ref_seq.pdbx_db_accession             Q8RP04 
_struct_ref_seq.db_align_beg                  140 
_struct_ref_seq.pdbx_db_align_beg_ins_code    ? 
_struct_ref_seq.db_align_end                  233 
_struct_ref_seq.pdbx_db_align_end_ins_code    ? 
_struct_ref_seq.pdbx_auth_seq_align_beg       140 
_struct_ref_seq.pdbx_auth_seq_align_end       233 
# 
_pdbx_struct_assembly.id                   1 
_pdbx_struct_assembly.details              author_defined_assembly 
_pdbx_struct_assembly.method_details       ? 
_pdbx_struct_assembly.oligomeric_details   monomeric 
_pdbx_struct_assembly.oligomeric_count     1 
# 
_pdbx_struct_assembly_gen.assembly_id       1 
_pdbx_struct_assembly_gen.oper_expression   1 
_pdbx_struct_assembly_gen.asym_id_list      A,B,C,D,E,F,G,H,I 
# 
_pdbx_struct_oper_list.id                   1 
_pdbx_struct_oper_list.type                 'identity operation' 
_pdbx_struct_oper_list.name                 1_555 
_pdbx_struct_oper_list.symmetry_operation   x,y,z 
_pdbx_struct_oper_list.matrix[1][1]         1.0000000000 
_pdbx_struct_oper_list.matrix[1][2]         0.0000000000 
_pdbx_struct_oper_list.matrix[1][3]         0.0000000000 
_pdbx_struct_oper_list.vector[1]            0.0000000000 
_pdbx_struct_oper_list.matrix[2][1]         0.0000000000 
_pdbx_struct_oper_list.matrix[2][2]         1.0000000000 
_pdbx_struct_oper_list.matrix[2][3]         0.0000000000 
_pdbx_struct_oper_list.vector[2]            0.0000000000 
_pdbx_struct_oper_list.matrix[3][1]         0.0000000000 
_pdbx_struct_oper_list.matrix[3][2]         0.0000000000 
_pdbx_struct_oper_list.matrix[3][3]         1.0000000000 
_pdbx_struct_oper_list.vector[3]            0.0000000000 
# 
_struct_biol.id        1 
_struct_biol.details   ? 
# 
loop_
_struct_conf.conf_type_id 
_struct_conf.id 
_struct_conf.pdbx_PDB_helix_id 
_struct_conf.beg_label_comp_id 
_struct_conf.beg_label_asym_id 
_struct_conf.beg_label_seq_id 
_struct_conf.pdbx_beg_PDB_ins_code 
_struct_conf.end_label_comp_id 
_struct_conf.end_label_asym_id 
_struct_conf.end_label_seq_id 
_struct_conf.pdbx_end_PDB_ins_code 
_struct_conf.beg_auth_comp_id 
_struct_conf.beg_auth_asym_id 
_struct_conf.beg_auth_seq_id 
_struct_conf.end_auth_comp_id 
_struct_conf.end_auth_asym_id 
_struct_conf.end_auth_seq_id 
_struct_conf.pdbx_PDB_helix_class 
_struct_conf.details 
_struct_conf.pdbx_PDB_helix_length 
HELX_P HELX_P1 1 GLY A 2  ? ALA A 17 ? GLY A 141 ALA A 156 1 ? 16 
HELX_P HELX_P2 2 ASP A 20 ? ARG A 33 ? ASP A 159 ARG A 172 1 ? 14 
HELX_P HELX_P3 3 SER A 40 ? PHE A 51 ? SER A 179 PHE A 190 1 ? 12 
HELX_P HELX_P4 4 ASP A 53 ? GLY A 58 ? ASP A 192 GLY A 197 1 ? 6  
HELX_P HELX_P5 5 SER A 63 ? SER A 78 ? SER A 202 SER A 217 1 ? 16 
# 
_struct_conf_type.id          HELX_P 
_struct_conf_type.criteria    ? 
_struct_conf_type.reference   ? 
# 
loop_
_struct_conn.id 
_struct_conn.conn_type_id 
_struct_conn.pdbx_leaving_atom_flag 
_struct_conn.pdbx_PDB_id 
_struct_conn.ptnr1_label_asym_id 
_struct_conn.ptnr1_label_comp_id 
_struct_conn.ptnr1_label_seq_id 
_struct_conn.ptnr1_label_atom_id 
_struct_conn.pdbx_ptnr1_label_alt_id 
_struct_conn.pdbx_ptnr1_PDB_ins_code 
_struct_conn.pdbx_ptnr1_standard_comp_id 
_struct_conn.ptnr1_symmetry 
_struct_conn.ptnr2_label_asym_id 
_struct_conn.ptnr2_label_comp_id 
_struct_conn.ptnr2_label_seq_id 
_struct_conn.ptnr2_label_atom_id 
_struct_conn.pdbx_ptnr2_label_alt_id 
_struct_conn.pdbx_ptnr2_PDB_ins_code 
_struct_conn.ptnr1_auth_asym_id 
_struct_conn.ptnr1_auth_comp_id 
_struct_conn.ptnr1_auth_seq_id 
_struct_conn.ptnr2_auth_asym_id 
_struct_conn.ptnr2_auth_comp_id 
_struct_conn.ptnr2_auth_seq_id 
_struct_conn.ptnr2_symmetry 
_struct_conn.pdbx_ptnr3_label_atom_id 
_struct_conn.pdbx_ptnr3_label_seq_id 
_struct_conn.pdbx_ptnr3_label_comp_id 
_struct_conn.pdbx_ptnr3_label_asym_id 
_struct_conn.pdbx_ptnr3_label_alt_id 
_struct_conn.pdbx_ptnr3_PDB_ins_code 
_struct_conn.details 
_struct_conn.pdbx_dist_value 
_struct_conn.pdbx_value_order 
_struct_conn.pdbx_role 
disulf1  disulf ?    ? A CYS 57 SG ? ? ? 1_555 A CYS 57 SG ? ? A CYS 196 A CYS 196 7_555 ? ? ? ? ? ? ? 2.050 ? ? 
covale1  covale both ? A THR 26 C  ? ? ? 1_555 A MSE 27 N  A ? A THR 165 A MSE 166 1_555 ? ? ? ? ? ? ? 1.333 ? ? 
covale2  covale both ? A THR 26 C  ? ? ? 1_555 A MSE 27 N  B ? A THR 165 A MSE 166 1_555 ? ? ? ? ? ? ? 1.320 ? ? 
covale3  covale both ? A MSE 27 C  A ? ? 1_555 A PHE 28 N  ? ? A MSE 166 A PHE 167 1_555 ? ? ? ? ? ? ? 1.330 ? ? 
covale4  covale both ? A MSE 27 C  B ? ? 1_555 A PHE 28 N  ? ? A MSE 166 A PHE 167 1_555 ? ? ? ? ? ? ? 1.327 ? ? 
covale5  covale both ? A ASN 30 C  ? ? ? 1_555 A MSE 31 N  ? ? A ASN 169 A MSE 170 1_555 ? ? ? ? ? ? ? 1.328 ? ? 
covale6  covale both ? A MSE 31 C  ? ? ? 1_555 A LEU 32 N  ? ? A MSE 170 A LEU 171 1_555 ? ? ? ? ? ? ? 1.324 ? ? 
covale7  covale both ? A GLU 36 C  ? ? ? 1_555 A MSE 37 N  ? ? A GLU 175 A MSE 176 1_555 ? ? ? ? ? ? ? 1.329 ? ? 
covale8  covale both ? A MSE 37 C  ? ? ? 1_555 A ILE 38 N  ? ? A MSE 176 A ILE 177 1_555 ? ? ? ? ? ? ? 1.327 ? ? 
covale9  covale both ? A ASP 53 C  ? ? ? 1_555 A MSE 54 N  A ? A ASP 192 A MSE 193 1_555 ? ? ? ? ? ? ? 1.331 ? ? 
covale10 covale both ? A ASP 53 C  ? ? ? 1_555 A MSE 54 N  B ? A ASP 192 A MSE 193 1_555 ? ? ? ? ? ? ? 1.328 ? ? 
covale11 covale both ? A MSE 54 C  A ? ? 1_555 A LEU 55 N  ? ? A MSE 193 A LEU 194 1_555 ? ? ? ? ? ? ? 1.326 ? ? 
covale12 covale both ? A MSE 54 C  B ? ? 1_555 A LEU 55 N  ? ? A MSE 193 A LEU 194 1_555 ? ? ? ? ? ? ? 1.330 ? ? 
# 
loop_
_struct_conn_type.id 
_struct_conn_type.criteria 
_struct_conn_type.reference 
disulf ? ? 
covale ? ? 
# 
loop_
_pdbx_modification_feature.ordinal 
_pdbx_modification_feature.label_comp_id 
_pdbx_modification_feature.label_asym_id 
_pdbx_modification_feature.label_seq_id 
_pdbx_modification_feature.label_alt_id 
_pdbx_modification_feature.modified_residue_label_comp_id 
_pdbx_modification_feature.modified_residue_label_asym_id 
_pdbx_modification_feature.modified_residue_label_seq_id 
_pdbx_modification_feature.modified_residue_label_alt_id 
_pdbx_modification_feature.auth_comp_id 
_pdbx_modification_feature.auth_asym_id 
_pdbx_modification_feature.auth_seq_id 
_pdbx_modification_feature.PDB_ins_code 
_pdbx_modification_feature.symmetry 
_pdbx_modification_feature.modified_residue_auth_comp_id 
_pdbx_modification_feature.modified_residue_auth_asym_id 
_pdbx_modification_feature.modified_residue_auth_seq_id 
_pdbx_modification_feature.modified_residue_PDB_ins_code 
_pdbx_modification_feature.modified_residue_symmetry 
_pdbx_modification_feature.comp_id_linking_atom 
_pdbx_modification_feature.modified_residue_id_linking_atom 
_pdbx_modification_feature.modified_residue_id 
_pdbx_modification_feature.ref_pcm_id 
_pdbx_modification_feature.ref_comp_id 
_pdbx_modification_feature.type 
_pdbx_modification_feature.category 
1 MSE A 27 A .   . .  . MSE A 166 ? 1_555 .   . .   . .     .  .  MET 1 MSE Selenomethionine 'Named protein modification' 
2 MSE A 27 B .   . .  . MSE A 166 ? 1_555 .   . .   . .     .  .  MET 1 MSE Selenomethionine 'Named protein modification' 
3 MSE A 31 ? .   . .  . MSE A 170 ? 1_555 .   . .   . .     .  .  MET 1 MSE Selenomethionine 'Named protein modification' 
4 MSE A 37 ? .   . .  . MSE A 176 ? 1_555 .   . .   . .     .  .  MET 1 MSE Selenomethionine 'Named protein modification' 
5 MSE A 54 A .   . .  . MSE A 193 ? 1_555 .   . .   . .     .  .  MET 1 MSE Selenomethionine 'Named protein modification' 
6 MSE A 54 B .   . .  . MSE A 193 ? 1_555 .   . .   . .     .  .  MET 1 MSE Selenomethionine 'Named protein modification' 
7 CYS A 57 ? CYS A 57 ? CYS A 196 ? 1_555 CYS A 196 ? 7_555 SG SG .   . .   None             'Disulfide bridge'           
# 
loop_
_struct_site.id 
_struct_site.pdbx_evidence_code 
_struct_site.pdbx_auth_asym_id 
_struct_site.pdbx_auth_comp_id 
_struct_site.pdbx_auth_seq_id 
_struct_site.pdbx_auth_ins_code 
_struct_site.pdbx_num_residues 
_struct_site.details 
AC1 Software A SO4 1   ? 6 'BINDING SITE FOR RESIDUE SO4 A 1'  
AC2 Software A SO4 2   ? 4 'BINDING SITE FOR RESIDUE SO4 A 2'  
AC3 Software A SO4 4   ? 3 'BINDING SITE FOR RESIDUE SO4 A 4'  
AC4 Software A CL  234 ? 5 'BINDING SITE FOR RESIDUE CL A 234' 
AC5 Software A CL  235 ? 2 'BINDING SITE FOR RESIDUE CL A 235' 
AC6 Software A CL  3   ? 1 'BINDING SITE FOR RESIDUE CL A 3'   
AC7 Software A CL  236 ? 1 'BINDING SITE FOR RESIDUE CL A 236' 
# 
loop_
_struct_site_gen.id 
_struct_site_gen.site_id 
_struct_site_gen.pdbx_num_res 
_struct_site_gen.label_comp_id 
_struct_site_gen.label_asym_id 
_struct_site_gen.label_seq_id 
_struct_site_gen.pdbx_auth_ins_code 
_struct_site_gen.auth_comp_id 
_struct_site_gen.auth_asym_id 
_struct_site_gen.auth_seq_id 
_struct_site_gen.label_atom_id 
_struct_site_gen.label_alt_id 
_struct_site_gen.symmetry 
_struct_site_gen.details 
1  AC1 6 SO4 C .  ? SO4 A 2   . ? 1_555 ? 
2  AC1 6 HOH I .  ? HOH A 14  . ? 1_555 ? 
3  AC1 6 HOH I .  ? HOH A 94  . ? 1_555 ? 
4  AC1 6 ARG A 25 ? ARG A 164 . ? 1_555 ? 
5  AC1 6 ARG A 29 ? ARG A 168 . ? 1_555 ? 
6  AC1 6 ARG A 70 ? ARG A 209 . ? 1_555 ? 
7  AC2 4 SO4 B .  ? SO4 A 1   . ? 1_555 ? 
8  AC2 4 ARG A 70 ? ARG A 209 . ? 1_555 ? 
9  AC2 4 ARG A 74 ? ARG A 213 . ? 1_555 ? 
10 AC2 4 ARG A 74 ? ARG A 213 . ? 8_555 ? 
11 AC3 3 HOH I .  ? HOH A 86  . ? 1_555 ? 
12 AC3 3 ARG A 25 ? ARG A 164 . ? 1_555 ? 
13 AC3 3 SER A 78 ? SER A 217 . ? 1_555 ? 
14 AC4 5 HOH I .  ? HOH A 41  . ? 1_555 ? 
15 AC4 5 HOH I .  ? HOH A 93  . ? 1_555 ? 
16 AC4 5 PHE A 51 ? PHE A 190 . ? 1_555 ? 
17 AC4 5 PRO A 52 ? PRO A 191 . ? 1_555 ? 
18 AC4 5 ASP A 53 ? ASP A 192 . ? 1_555 ? 
19 AC5 2 LEU A 21 ? LEU A 160 . ? 4_444 ? 
20 AC5 2 ASN A 45 ? ASN A 184 . ? 1_555 ? 
21 AC6 1 GLU A 64 ? GLU A 203 . ? 1_555 ? 
22 AC7 1 ARG A 33 ? ARG A 172 . ? 1_555 ? 
# 
_pdbx_entry_details.entry_id                   3TJY 
_pdbx_entry_details.nonpolymer_details         ? 
_pdbx_entry_details.sequence_details           
;PROTEIN WAS CLONED AS HOPPMAL RESIDUES 135-273, CUT WITH TEV, THEN TREATED WITH LIMITING AMOUNTS OF THERMOLYSIN DURING CRYSTALLIZATION
;
_pdbx_entry_details.compound_details           ? 
_pdbx_entry_details.source_details             ? 
_pdbx_entry_details.has_ligand_of_interest     ? 
_pdbx_entry_details.has_protein_modification   Y 
# 
_pdbx_validate_symm_contact.id                1 
_pdbx_validate_symm_contact.PDB_model_num     1 
_pdbx_validate_symm_contact.auth_atom_id_1    O 
_pdbx_validate_symm_contact.auth_asym_id_1    A 
_pdbx_validate_symm_contact.auth_comp_id_1    HOH 
_pdbx_validate_symm_contact.auth_seq_id_1     49 
_pdbx_validate_symm_contact.PDB_ins_code_1    ? 
_pdbx_validate_symm_contact.label_alt_id_1    ? 
_pdbx_validate_symm_contact.site_symmetry_1   1_555 
_pdbx_validate_symm_contact.auth_atom_id_2    O 
_pdbx_validate_symm_contact.auth_asym_id_2    A 
_pdbx_validate_symm_contact.auth_comp_id_2    HOH 
_pdbx_validate_symm_contact.auth_seq_id_2     49 
_pdbx_validate_symm_contact.PDB_ins_code_2    ? 
_pdbx_validate_symm_contact.label_alt_id_2    ? 
_pdbx_validate_symm_contact.site_symmetry_2   8_555 
_pdbx_validate_symm_contact.dist              2.16 
# 
_pdbx_SG_project.id                    1 
_pdbx_SG_project.project_name          PSI:Biology 
_pdbx_SG_project.full_name_of_center   'Midwest Center for Structural Genomics' 
_pdbx_SG_project.initial_of_center     MCSG 
# 
loop_
_pdbx_struct_mod_residue.id 
_pdbx_struct_mod_residue.label_asym_id 
_pdbx_struct_mod_residue.label_comp_id 
_pdbx_struct_mod_residue.label_seq_id 
_pdbx_struct_mod_residue.auth_asym_id 
_pdbx_struct_mod_residue.auth_comp_id 
_pdbx_struct_mod_residue.auth_seq_id 
_pdbx_struct_mod_residue.PDB_ins_code 
_pdbx_struct_mod_residue.parent_comp_id 
_pdbx_struct_mod_residue.details 
1 A MSE 27 A MSE 166 ? MET SELENOMETHIONINE 
2 A MSE 31 A MSE 170 ? MET SELENOMETHIONINE 
3 A MSE 37 A MSE 176 ? MET SELENOMETHIONINE 
4 A MSE 54 A MSE 193 ? MET SELENOMETHIONINE 
# 
_pdbx_refine_tls.pdbx_refine_id   'X-RAY DIFFRACTION' 
_pdbx_refine_tls.id               1 
_pdbx_refine_tls.details          ? 
_pdbx_refine_tls.method           refined 
_pdbx_refine_tls.origin_x         0.1110 
_pdbx_refine_tls.origin_y         -0.1230 
_pdbx_refine_tls.origin_z         -0.5313 
_pdbx_refine_tls.T[1][1]          0.0453 
_pdbx_refine_tls.T[2][2]          0.0536 
_pdbx_refine_tls.T[3][3]          0.0558 
_pdbx_refine_tls.T[1][2]          0.0272 
_pdbx_refine_tls.T[1][3]          0.0303 
_pdbx_refine_tls.T[2][3]          -0.0010 
_pdbx_refine_tls.L[1][1]          2.1405 
_pdbx_refine_tls.L[2][2]          3.4505 
_pdbx_refine_tls.L[3][3]          1.8261 
_pdbx_refine_tls.L[1][2]          0.2149 
_pdbx_refine_tls.L[1][3]          0.8127 
_pdbx_refine_tls.L[2][3]          0.1474 
_pdbx_refine_tls.S[1][1]          0.1621 
_pdbx_refine_tls.S[1][2]          0.2500 
_pdbx_refine_tls.S[1][3]          -0.1471 
_pdbx_refine_tls.S[2][1]          -0.2817 
_pdbx_refine_tls.S[2][2]          -0.1278 
_pdbx_refine_tls.S[2][3]          -0.3171 
_pdbx_refine_tls.S[3][1]          0.1530 
_pdbx_refine_tls.S[3][2]          0.2280 
_pdbx_refine_tls.S[3][3]          -0.0257 
# 
_pdbx_refine_tls_group.pdbx_refine_id      'X-RAY DIFFRACTION' 
_pdbx_refine_tls_group.id                  1 
_pdbx_refine_tls_group.refine_tls_id       1 
_pdbx_refine_tls_group.beg_auth_asym_id    ? 
_pdbx_refine_tls_group.beg_auth_seq_id     ? 
_pdbx_refine_tls_group.beg_label_asym_id   ? 
_pdbx_refine_tls_group.beg_label_seq_id    ? 
_pdbx_refine_tls_group.end_auth_asym_id    ? 
_pdbx_refine_tls_group.end_auth_seq_id     ? 
_pdbx_refine_tls_group.end_label_asym_id   ? 
_pdbx_refine_tls_group.end_label_seq_id    ? 
_pdbx_refine_tls_group.selection           ? 
_pdbx_refine_tls_group.selection_details   '(chain A and resid 140:217)' 
# 
loop_
_pdbx_unobs_or_zero_occ_residues.id 
_pdbx_unobs_or_zero_occ_residues.PDB_model_num 
_pdbx_unobs_or_zero_occ_residues.polymer_flag 
_pdbx_unobs_or_zero_occ_residues.occupancy_flag 
_pdbx_unobs_or_zero_occ_residues.auth_asym_id 
_pdbx_unobs_or_zero_occ_residues.auth_comp_id 
_pdbx_unobs_or_zero_occ_residues.auth_seq_id 
_pdbx_unobs_or_zero_occ_residues.PDB_ins_code 
_pdbx_unobs_or_zero_occ_residues.label_asym_id 
_pdbx_unobs_or_zero_occ_residues.label_comp_id 
_pdbx_unobs_or_zero_occ_residues.label_seq_id 
1  1 Y 1 A GLN 218 ? A GLN 79 
2  1 Y 1 A GLN 219 ? A GLN 80 
3  1 Y 1 A ALA 220 ? A ALA 81 
4  1 Y 1 A ALA 221 ? A ALA 82 
5  1 Y 1 A ARG 222 ? A ARG 83 
6  1 Y 1 A ALA 223 ? A ALA 84 
7  1 Y 1 A PRO 224 ? A PRO 85 
8  1 Y 1 A ALA 225 ? A ALA 86 
9  1 Y 1 A ARG 226 ? A ARG 87 
10 1 Y 1 A THR 227 ? A THR 88 
11 1 Y 1 A PRO 228 ? A PRO 89 
12 1 Y 1 A PRO 229 ? A PRO 90 
13 1 Y 1 A ARG 230 ? A ARG 91 
14 1 Y 1 A SER 231 ? A SER 92 
15 1 Y 1 A SER 232 ? A SER 93 
16 1 Y 1 A VAL 233 ? A VAL 94 
# 
loop_
_chem_comp_atom.comp_id 
_chem_comp_atom.atom_id 
_chem_comp_atom.type_symbol 
_chem_comp_atom.pdbx_aromatic_flag 
_chem_comp_atom.pdbx_stereo_config 
_chem_comp_atom.pdbx_ordinal 
ALA N    N  N N 1   
ALA CA   C  N S 2   
ALA C    C  N N 3   
ALA O    O  N N 4   
ALA CB   C  N N 5   
ALA OXT  O  N N 6   
ALA H    H  N N 7   
ALA H2   H  N N 8   
ALA HA   H  N N 9   
ALA HB1  H  N N 10  
ALA HB2  H  N N 11  
ALA HB3  H  N N 12  
ALA HXT  H  N N 13  
ARG N    N  N N 14  
ARG CA   C  N S 15  
ARG C    C  N N 16  
ARG O    O  N N 17  
ARG CB   C  N N 18  
ARG CG   C  N N 19  
ARG CD   C  N N 20  
ARG NE   N  N N 21  
ARG CZ   C  N N 22  
ARG NH1  N  N N 23  
ARG NH2  N  N N 24  
ARG OXT  O  N N 25  
ARG H    H  N N 26  
ARG H2   H  N N 27  
ARG HA   H  N N 28  
ARG HB2  H  N N 29  
ARG HB3  H  N N 30  
ARG HG2  H  N N 31  
ARG HG3  H  N N 32  
ARG HD2  H  N N 33  
ARG HD3  H  N N 34  
ARG HE   H  N N 35  
ARG HH11 H  N N 36  
ARG HH12 H  N N 37  
ARG HH21 H  N N 38  
ARG HH22 H  N N 39  
ARG HXT  H  N N 40  
ASN N    N  N N 41  
ASN CA   C  N S 42  
ASN C    C  N N 43  
ASN O    O  N N 44  
ASN CB   C  N N 45  
ASN CG   C  N N 46  
ASN OD1  O  N N 47  
ASN ND2  N  N N 48  
ASN OXT  O  N N 49  
ASN H    H  N N 50  
ASN H2   H  N N 51  
ASN HA   H  N N 52  
ASN HB2  H  N N 53  
ASN HB3  H  N N 54  
ASN HD21 H  N N 55  
ASN HD22 H  N N 56  
ASN HXT  H  N N 57  
ASP N    N  N N 58  
ASP CA   C  N S 59  
ASP C    C  N N 60  
ASP O    O  N N 61  
ASP CB   C  N N 62  
ASP CG   C  N N 63  
ASP OD1  O  N N 64  
ASP OD2  O  N N 65  
ASP OXT  O  N N 66  
ASP H    H  N N 67  
ASP H2   H  N N 68  
ASP HA   H  N N 69  
ASP HB2  H  N N 70  
ASP HB3  H  N N 71  
ASP HD2  H  N N 72  
ASP HXT  H  N N 73  
CL  CL   CL N N 74  
CYS N    N  N N 75  
CYS CA   C  N R 76  
CYS C    C  N N 77  
CYS O    O  N N 78  
CYS CB   C  N N 79  
CYS SG   S  N N 80  
CYS OXT  O  N N 81  
CYS H    H  N N 82  
CYS H2   H  N N 83  
CYS HA   H  N N 84  
CYS HB2  H  N N 85  
CYS HB3  H  N N 86  
CYS HG   H  N N 87  
CYS HXT  H  N N 88  
GLN N    N  N N 89  
GLN CA   C  N S 90  
GLN C    C  N N 91  
GLN O    O  N N 92  
GLN CB   C  N N 93  
GLN CG   C  N N 94  
GLN CD   C  N N 95  
GLN OE1  O  N N 96  
GLN NE2  N  N N 97  
GLN OXT  O  N N 98  
GLN H    H  N N 99  
GLN H2   H  N N 100 
GLN HA   H  N N 101 
GLN HB2  H  N N 102 
GLN HB3  H  N N 103 
GLN HG2  H  N N 104 
GLN HG3  H  N N 105 
GLN HE21 H  N N 106 
GLN HE22 H  N N 107 
GLN HXT  H  N N 108 
GLU N    N  N N 109 
GLU CA   C  N S 110 
GLU C    C  N N 111 
GLU O    O  N N 112 
GLU CB   C  N N 113 
GLU CG   C  N N 114 
GLU CD   C  N N 115 
GLU OE1  O  N N 116 
GLU OE2  O  N N 117 
GLU OXT  O  N N 118 
GLU H    H  N N 119 
GLU H2   H  N N 120 
GLU HA   H  N N 121 
GLU HB2  H  N N 122 
GLU HB3  H  N N 123 
GLU HG2  H  N N 124 
GLU HG3  H  N N 125 
GLU HE2  H  N N 126 
GLU HXT  H  N N 127 
GLY N    N  N N 128 
GLY CA   C  N N 129 
GLY C    C  N N 130 
GLY O    O  N N 131 
GLY OXT  O  N N 132 
GLY H    H  N N 133 
GLY H2   H  N N 134 
GLY HA2  H  N N 135 
GLY HA3  H  N N 136 
GLY HXT  H  N N 137 
HIS N    N  N N 138 
HIS CA   C  N S 139 
HIS C    C  N N 140 
HIS O    O  N N 141 
HIS CB   C  N N 142 
HIS CG   C  Y N 143 
HIS ND1  N  Y N 144 
HIS CD2  C  Y N 145 
HIS CE1  C  Y N 146 
HIS NE2  N  Y N 147 
HIS OXT  O  N N 148 
HIS H    H  N N 149 
HIS H2   H  N N 150 
HIS HA   H  N N 151 
HIS HB2  H  N N 152 
HIS HB3  H  N N 153 
HIS HD1  H  N N 154 
HIS HD2  H  N N 155 
HIS HE1  H  N N 156 
HIS HE2  H  N N 157 
HIS HXT  H  N N 158 
HOH O    O  N N 159 
HOH H1   H  N N 160 
HOH H2   H  N N 161 
ILE N    N  N N 162 
ILE CA   C  N S 163 
ILE C    C  N N 164 
ILE O    O  N N 165 
ILE CB   C  N S 166 
ILE CG1  C  N N 167 
ILE CG2  C  N N 168 
ILE CD1  C  N N 169 
ILE OXT  O  N N 170 
ILE H    H  N N 171 
ILE H2   H  N N 172 
ILE HA   H  N N 173 
ILE HB   H  N N 174 
ILE HG12 H  N N 175 
ILE HG13 H  N N 176 
ILE HG21 H  N N 177 
ILE HG22 H  N N 178 
ILE HG23 H  N N 179 
ILE HD11 H  N N 180 
ILE HD12 H  N N 181 
ILE HD13 H  N N 182 
ILE HXT  H  N N 183 
LEU N    N  N N 184 
LEU CA   C  N S 185 
LEU C    C  N N 186 
LEU O    O  N N 187 
LEU CB   C  N N 188 
LEU CG   C  N N 189 
LEU CD1  C  N N 190 
LEU CD2  C  N N 191 
LEU OXT  O  N N 192 
LEU H    H  N N 193 
LEU H2   H  N N 194 
LEU HA   H  N N 195 
LEU HB2  H  N N 196 
LEU HB3  H  N N 197 
LEU HG   H  N N 198 
LEU HD11 H  N N 199 
LEU HD12 H  N N 200 
LEU HD13 H  N N 201 
LEU HD21 H  N N 202 
LEU HD22 H  N N 203 
LEU HD23 H  N N 204 
LEU HXT  H  N N 205 
MSE N    N  N N 206 
MSE CA   C  N S 207 
MSE C    C  N N 208 
MSE O    O  N N 209 
MSE OXT  O  N N 210 
MSE CB   C  N N 211 
MSE CG   C  N N 212 
MSE SE   SE N N 213 
MSE CE   C  N N 214 
MSE H    H  N N 215 
MSE H2   H  N N 216 
MSE HA   H  N N 217 
MSE HXT  H  N N 218 
MSE HB2  H  N N 219 
MSE HB3  H  N N 220 
MSE HG2  H  N N 221 
MSE HG3  H  N N 222 
MSE HE1  H  N N 223 
MSE HE2  H  N N 224 
MSE HE3  H  N N 225 
PHE N    N  N N 226 
PHE CA   C  N S 227 
PHE C    C  N N 228 
PHE O    O  N N 229 
PHE CB   C  N N 230 
PHE CG   C  Y N 231 
PHE CD1  C  Y N 232 
PHE CD2  C  Y N 233 
PHE CE1  C  Y N 234 
PHE CE2  C  Y N 235 
PHE CZ   C  Y N 236 
PHE OXT  O  N N 237 
PHE H    H  N N 238 
PHE H2   H  N N 239 
PHE HA   H  N N 240 
PHE HB2  H  N N 241 
PHE HB3  H  N N 242 
PHE HD1  H  N N 243 
PHE HD2  H  N N 244 
PHE HE1  H  N N 245 
PHE HE2  H  N N 246 
PHE HZ   H  N N 247 
PHE HXT  H  N N 248 
PRO N    N  N N 249 
PRO CA   C  N S 250 
PRO C    C  N N 251 
PRO O    O  N N 252 
PRO CB   C  N N 253 
PRO CG   C  N N 254 
PRO CD   C  N N 255 
PRO OXT  O  N N 256 
PRO H    H  N N 257 
PRO HA   H  N N 258 
PRO HB2  H  N N 259 
PRO HB3  H  N N 260 
PRO HG2  H  N N 261 
PRO HG3  H  N N 262 
PRO HD2  H  N N 263 
PRO HD3  H  N N 264 
PRO HXT  H  N N 265 
SER N    N  N N 266 
SER CA   C  N S 267 
SER C    C  N N 268 
SER O    O  N N 269 
SER CB   C  N N 270 
SER OG   O  N N 271 
SER OXT  O  N N 272 
SER H    H  N N 273 
SER H2   H  N N 274 
SER HA   H  N N 275 
SER HB2  H  N N 276 
SER HB3  H  N N 277 
SER HG   H  N N 278 
SER HXT  H  N N 279 
SO4 S    S  N N 280 
SO4 O1   O  N N 281 
SO4 O2   O  N N 282 
SO4 O3   O  N N 283 
SO4 O4   O  N N 284 
THR N    N  N N 285 
THR CA   C  N S 286 
THR C    C  N N 287 
THR O    O  N N 288 
THR CB   C  N R 289 
THR OG1  O  N N 290 
THR CG2  C  N N 291 
THR OXT  O  N N 292 
THR H    H  N N 293 
THR H2   H  N N 294 
THR HA   H  N N 295 
THR HB   H  N N 296 
THR HG1  H  N N 297 
THR HG21 H  N N 298 
THR HG22 H  N N 299 
THR HG23 H  N N 300 
THR HXT  H  N N 301 
VAL N    N  N N 302 
VAL CA   C  N S 303 
VAL C    C  N N 304 
VAL O    O  N N 305 
VAL CB   C  N N 306 
VAL CG1  C  N N 307 
VAL CG2  C  N N 308 
VAL OXT  O  N N 309 
VAL H    H  N N 310 
VAL H2   H  N N 311 
VAL HA   H  N N 312 
VAL HB   H  N N 313 
VAL HG11 H  N N 314 
VAL HG12 H  N N 315 
VAL HG13 H  N N 316 
VAL HG21 H  N N 317 
VAL HG22 H  N N 318 
VAL HG23 H  N N 319 
VAL HXT  H  N N 320 
# 
loop_
_chem_comp_bond.comp_id 
_chem_comp_bond.atom_id_1 
_chem_comp_bond.atom_id_2 
_chem_comp_bond.value_order 
_chem_comp_bond.pdbx_aromatic_flag 
_chem_comp_bond.pdbx_stereo_config 
_chem_comp_bond.pdbx_ordinal 
ALA N   CA   sing N N 1   
ALA N   H    sing N N 2   
ALA N   H2   sing N N 3   
ALA CA  C    sing N N 4   
ALA CA  CB   sing N N 5   
ALA CA  HA   sing N N 6   
ALA C   O    doub N N 7   
ALA C   OXT  sing N N 8   
ALA CB  HB1  sing N N 9   
ALA CB  HB2  sing N N 10  
ALA CB  HB3  sing N N 11  
ALA OXT HXT  sing N N 12  
ARG N   CA   sing N N 13  
ARG N   H    sing N N 14  
ARG N   H2   sing N N 15  
ARG CA  C    sing N N 16  
ARG CA  CB   sing N N 17  
ARG CA  HA   sing N N 18  
ARG C   O    doub N N 19  
ARG C   OXT  sing N N 20  
ARG CB  CG   sing N N 21  
ARG CB  HB2  sing N N 22  
ARG CB  HB3  sing N N 23  
ARG CG  CD   sing N N 24  
ARG CG  HG2  sing N N 25  
ARG CG  HG3  sing N N 26  
ARG CD  NE   sing N N 27  
ARG CD  HD2  sing N N 28  
ARG CD  HD3  sing N N 29  
ARG NE  CZ   sing N N 30  
ARG NE  HE   sing N N 31  
ARG CZ  NH1  sing N N 32  
ARG CZ  NH2  doub N N 33  
ARG NH1 HH11 sing N N 34  
ARG NH1 HH12 sing N N 35  
ARG NH2 HH21 sing N N 36  
ARG NH2 HH22 sing N N 37  
ARG OXT HXT  sing N N 38  
ASN N   CA   sing N N 39  
ASN N   H    sing N N 40  
ASN N   H2   sing N N 41  
ASN CA  C    sing N N 42  
ASN CA  CB   sing N N 43  
ASN CA  HA   sing N N 44  
ASN C   O    doub N N 45  
ASN C   OXT  sing N N 46  
ASN CB  CG   sing N N 47  
ASN CB  HB2  sing N N 48  
ASN CB  HB3  sing N N 49  
ASN CG  OD1  doub N N 50  
ASN CG  ND2  sing N N 51  
ASN ND2 HD21 sing N N 52  
ASN ND2 HD22 sing N N 53  
ASN OXT HXT  sing N N 54  
ASP N   CA   sing N N 55  
ASP N   H    sing N N 56  
ASP N   H2   sing N N 57  
ASP CA  C    sing N N 58  
ASP CA  CB   sing N N 59  
ASP CA  HA   sing N N 60  
ASP C   O    doub N N 61  
ASP C   OXT  sing N N 62  
ASP CB  CG   sing N N 63  
ASP CB  HB2  sing N N 64  
ASP CB  HB3  sing N N 65  
ASP CG  OD1  doub N N 66  
ASP CG  OD2  sing N N 67  
ASP OD2 HD2  sing N N 68  
ASP OXT HXT  sing N N 69  
CYS N   CA   sing N N 70  
CYS N   H    sing N N 71  
CYS N   H2   sing N N 72  
CYS CA  C    sing N N 73  
CYS CA  CB   sing N N 74  
CYS CA  HA   sing N N 75  
CYS C   O    doub N N 76  
CYS C   OXT  sing N N 77  
CYS CB  SG   sing N N 78  
CYS CB  HB2  sing N N 79  
CYS CB  HB3  sing N N 80  
CYS SG  HG   sing N N 81  
CYS OXT HXT  sing N N 82  
GLN N   CA   sing N N 83  
GLN N   H    sing N N 84  
GLN N   H2   sing N N 85  
GLN CA  C    sing N N 86  
GLN CA  CB   sing N N 87  
GLN CA  HA   sing N N 88  
GLN C   O    doub N N 89  
GLN C   OXT  sing N N 90  
GLN CB  CG   sing N N 91  
GLN CB  HB2  sing N N 92  
GLN CB  HB3  sing N N 93  
GLN CG  CD   sing N N 94  
GLN CG  HG2  sing N N 95  
GLN CG  HG3  sing N N 96  
GLN CD  OE1  doub N N 97  
GLN CD  NE2  sing N N 98  
GLN NE2 HE21 sing N N 99  
GLN NE2 HE22 sing N N 100 
GLN OXT HXT  sing N N 101 
GLU N   CA   sing N N 102 
GLU N   H    sing N N 103 
GLU N   H2   sing N N 104 
GLU CA  C    sing N N 105 
GLU CA  CB   sing N N 106 
GLU CA  HA   sing N N 107 
GLU C   O    doub N N 108 
GLU C   OXT  sing N N 109 
GLU CB  CG   sing N N 110 
GLU CB  HB2  sing N N 111 
GLU CB  HB3  sing N N 112 
GLU CG  CD   sing N N 113 
GLU CG  HG2  sing N N 114 
GLU CG  HG3  sing N N 115 
GLU CD  OE1  doub N N 116 
GLU CD  OE2  sing N N 117 
GLU OE2 HE2  sing N N 118 
GLU OXT HXT  sing N N 119 
GLY N   CA   sing N N 120 
GLY N   H    sing N N 121 
GLY N   H2   sing N N 122 
GLY CA  C    sing N N 123 
GLY CA  HA2  sing N N 124 
GLY CA  HA3  sing N N 125 
GLY C   O    doub N N 126 
GLY C   OXT  sing N N 127 
GLY OXT HXT  sing N N 128 
HIS N   CA   sing N N 129 
HIS N   H    sing N N 130 
HIS N   H2   sing N N 131 
HIS CA  C    sing N N 132 
HIS CA  CB   sing N N 133 
HIS CA  HA   sing N N 134 
HIS C   O    doub N N 135 
HIS C   OXT  sing N N 136 
HIS CB  CG   sing N N 137 
HIS CB  HB2  sing N N 138 
HIS CB  HB3  sing N N 139 
HIS CG  ND1  sing Y N 140 
HIS CG  CD2  doub Y N 141 
HIS ND1 CE1  doub Y N 142 
HIS ND1 HD1  sing N N 143 
HIS CD2 NE2  sing Y N 144 
HIS CD2 HD2  sing N N 145 
HIS CE1 NE2  sing Y N 146 
HIS CE1 HE1  sing N N 147 
HIS NE2 HE2  sing N N 148 
HIS OXT HXT  sing N N 149 
HOH O   H1   sing N N 150 
HOH O   H2   sing N N 151 
ILE N   CA   sing N N 152 
ILE N   H    sing N N 153 
ILE N   H2   sing N N 154 
ILE CA  C    sing N N 155 
ILE CA  CB   sing N N 156 
ILE CA  HA   sing N N 157 
ILE C   O    doub N N 158 
ILE C   OXT  sing N N 159 
ILE CB  CG1  sing N N 160 
ILE CB  CG2  sing N N 161 
ILE CB  HB   sing N N 162 
ILE CG1 CD1  sing N N 163 
ILE CG1 HG12 sing N N 164 
ILE CG1 HG13 sing N N 165 
ILE CG2 HG21 sing N N 166 
ILE CG2 HG22 sing N N 167 
ILE CG2 HG23 sing N N 168 
ILE CD1 HD11 sing N N 169 
ILE CD1 HD12 sing N N 170 
ILE CD1 HD13 sing N N 171 
ILE OXT HXT  sing N N 172 
LEU N   CA   sing N N 173 
LEU N   H    sing N N 174 
LEU N   H2   sing N N 175 
LEU CA  C    sing N N 176 
LEU CA  CB   sing N N 177 
LEU CA  HA   sing N N 178 
LEU C   O    doub N N 179 
LEU C   OXT  sing N N 180 
LEU CB  CG   sing N N 181 
LEU CB  HB2  sing N N 182 
LEU CB  HB3  sing N N 183 
LEU CG  CD1  sing N N 184 
LEU CG  CD2  sing N N 185 
LEU CG  HG   sing N N 186 
LEU CD1 HD11 sing N N 187 
LEU CD1 HD12 sing N N 188 
LEU CD1 HD13 sing N N 189 
LEU CD2 HD21 sing N N 190 
LEU CD2 HD22 sing N N 191 
LEU CD2 HD23 sing N N 192 
LEU OXT HXT  sing N N 193 
MSE N   CA   sing N N 194 
MSE N   H    sing N N 195 
MSE N   H2   sing N N 196 
MSE CA  C    sing N N 197 
MSE CA  CB   sing N N 198 
MSE CA  HA   sing N N 199 
MSE C   O    doub N N 200 
MSE C   OXT  sing N N 201 
MSE OXT HXT  sing N N 202 
MSE CB  CG   sing N N 203 
MSE CB  HB2  sing N N 204 
MSE CB  HB3  sing N N 205 
MSE CG  SE   sing N N 206 
MSE CG  HG2  sing N N 207 
MSE CG  HG3  sing N N 208 
MSE SE  CE   sing N N 209 
MSE CE  HE1  sing N N 210 
MSE CE  HE2  sing N N 211 
MSE CE  HE3  sing N N 212 
PHE N   CA   sing N N 213 
PHE N   H    sing N N 214 
PHE N   H2   sing N N 215 
PHE CA  C    sing N N 216 
PHE CA  CB   sing N N 217 
PHE CA  HA   sing N N 218 
PHE C   O    doub N N 219 
PHE C   OXT  sing N N 220 
PHE CB  CG   sing N N 221 
PHE CB  HB2  sing N N 222 
PHE CB  HB3  sing N N 223 
PHE CG  CD1  doub Y N 224 
PHE CG  CD2  sing Y N 225 
PHE CD1 CE1  sing Y N 226 
PHE CD1 HD1  sing N N 227 
PHE CD2 CE2  doub Y N 228 
PHE CD2 HD2  sing N N 229 
PHE CE1 CZ   doub Y N 230 
PHE CE1 HE1  sing N N 231 
PHE CE2 CZ   sing Y N 232 
PHE CE2 HE2  sing N N 233 
PHE CZ  HZ   sing N N 234 
PHE OXT HXT  sing N N 235 
PRO N   CA   sing N N 236 
PRO N   CD   sing N N 237 
PRO N   H    sing N N 238 
PRO CA  C    sing N N 239 
PRO CA  CB   sing N N 240 
PRO CA  HA   sing N N 241 
PRO C   O    doub N N 242 
PRO C   OXT  sing N N 243 
PRO CB  CG   sing N N 244 
PRO CB  HB2  sing N N 245 
PRO CB  HB3  sing N N 246 
PRO CG  CD   sing N N 247 
PRO CG  HG2  sing N N 248 
PRO CG  HG3  sing N N 249 
PRO CD  HD2  sing N N 250 
PRO CD  HD3  sing N N 251 
PRO OXT HXT  sing N N 252 
SER N   CA   sing N N 253 
SER N   H    sing N N 254 
SER N   H2   sing N N 255 
SER CA  C    sing N N 256 
SER CA  CB   sing N N 257 
SER CA  HA   sing N N 258 
SER C   O    doub N N 259 
SER C   OXT  sing N N 260 
SER CB  OG   sing N N 261 
SER CB  HB2  sing N N 262 
SER CB  HB3  sing N N 263 
SER OG  HG   sing N N 264 
SER OXT HXT  sing N N 265 
SO4 S   O1   doub N N 266 
SO4 S   O2   doub N N 267 
SO4 S   O3   sing N N 268 
SO4 S   O4   sing N N 269 
THR N   CA   sing N N 270 
THR N   H    sing N N 271 
THR N   H2   sing N N 272 
THR CA  C    sing N N 273 
THR CA  CB   sing N N 274 
THR CA  HA   sing N N 275 
THR C   O    doub N N 276 
THR C   OXT  sing N N 277 
THR CB  OG1  sing N N 278 
THR CB  CG2  sing N N 279 
THR CB  HB   sing N N 280 
THR OG1 HG1  sing N N 281 
THR CG2 HG21 sing N N 282 
THR CG2 HG22 sing N N 283 
THR CG2 HG23 sing N N 284 
THR OXT HXT  sing N N 285 
VAL N   CA   sing N N 286 
VAL N   H    sing N N 287 
VAL N   H2   sing N N 288 
VAL CA  C    sing N N 289 
VAL CA  CB   sing N N 290 
VAL CA  HA   sing N N 291 
VAL C   O    doub N N 292 
VAL C   OXT  sing N N 293 
VAL CB  CG1  sing N N 294 
VAL CB  CG2  sing N N 295 
VAL CB  HB   sing N N 296 
VAL CG1 HG11 sing N N 297 
VAL CG1 HG12 sing N N 298 
VAL CG1 HG13 sing N N 299 
VAL CG2 HG21 sing N N 300 
VAL CG2 HG22 sing N N 301 
VAL CG2 HG23 sing N N 302 
VAL OXT HXT  sing N N 303 
# 
_atom_sites.entry_id                    3TJY 
_atom_sites.fract_transf_matrix[1][1]   -0.00412710 
_atom_sites.fract_transf_matrix[1][2]   0.00782384 
_atom_sites.fract_transf_matrix[1][3]   -0.01499891 
_atom_sites.fract_transf_matrix[2][1]   -0.01023161 
_atom_sites.fract_transf_matrix[2][2]   0.01114048 
_atom_sites.fract_transf_matrix[2][3]   0.00862651 
_atom_sites.fract_transf_matrix[3][1]   0.01411798 
_atom_sites.fract_transf_matrix[3][2]   0.01137837 
_atom_sites.fract_transf_matrix[3][3]   0.00205056 
_atom_sites.fract_transf_vector[1]      -0.258621 
_atom_sites.fract_transf_vector[2]      -0.078850 
_atom_sites.fract_transf_vector[3]      0.254601 
# 
loop_
_atom_type.symbol 
C  
CL 
N  
O  
S  
SE 
# 
loop_
_atom_site.group_PDB 
_atom_site.id 
_atom_site.type_symbol 
_atom_site.label_atom_id 
_atom_site.label_alt_id 
_atom_site.label_comp_id 
_atom_site.label_asym_id 
_atom_site.label_entity_id 
_atom_site.label_seq_id 
_atom_site.pdbx_PDB_ins_code 
_atom_site.Cartn_x 
_atom_site.Cartn_y 
_atom_site.Cartn_z 
_atom_site.occupancy 
_atom_site.B_iso_or_equiv 
_atom_site.pdbx_formal_charge 
_atom_site.auth_seq_id 
_atom_site.auth_comp_id 
_atom_site.auth_asym_id 
_atom_site.auth_atom_id 
_atom_site.pdbx_PDB_model_num 
ATOM   1   N  N   . THR A 1 1  ? -14.362 1.110   10.131  1.00 49.70 ? 140 THR A N   1 
ATOM   2   C  CA  . THR A 1 1  ? -14.220 -0.049  9.257   1.00 54.53 ? 140 THR A CA  1 
ATOM   3   C  C   . THR A 1 1  ? -14.143 0.381   7.791   1.00 51.35 ? 140 THR A C   1 
ATOM   4   O  O   . THR A 1 1  ? -13.973 -0.450  6.896   1.00 60.49 ? 140 THR A O   1 
ATOM   5   C  CB  . THR A 1 1  ? -15.378 -1.074  9.441   1.00 59.96 ? 140 THR A CB  1 
ATOM   6   O  OG1 . THR A 1 1  ? -16.625 -0.502  9.018   1.00 56.69 ? 140 THR A OG1 1 
ATOM   7   C  CG2 . THR A 1 1  ? -15.492 -1.511  10.897  1.00 62.52 ? 140 THR A CG2 1 
ATOM   8   N  N   . GLY A 1 2  ? -14.268 1.682   7.554   1.00 36.17 ? 141 GLY A N   1 
ATOM   9   C  CA  . GLY A 1 2  ? -14.277 2.202   6.200   1.00 20.74 ? 141 GLY A CA  1 
ATOM   10  C  C   . GLY A 1 2  ? -12.906 2.116   5.573   1.00 18.66 ? 141 GLY A C   1 
ATOM   11  O  O   . GLY A 1 2  ? -11.897 1.915   6.254   1.00 18.30 ? 141 GLY A O   1 
ATOM   12  N  N   . ALA A 1 3  ? -12.864 2.248   4.257   1.00 15.44 ? 142 ALA A N   1 
ATOM   13  C  CA  . ALA A 1 3  ? -11.597 2.146   3.547   1.00 13.29 ? 142 ALA A CA  1 
ATOM   14  C  C   . ALA A 1 3  ? -10.617 3.254   3.918   1.00 10.07 ? 142 ALA A C   1 
ATOM   15  O  O   . ALA A 1 3  ? -9.411  3.041   3.894   1.00 11.76 ? 142 ALA A O   1 
ATOM   16  C  CB  . ALA A 1 3  ? -11.847 2.155   2.046   1.00 13.26 ? 142 ALA A CB  1 
ATOM   17  N  N   . VAL A 1 4  ? -11.119 4.451   4.209   1.00 11.71 ? 143 VAL A N   1 
ATOM   18  C  CA  . VAL A 1 4  ? -10.191 5.546   4.511   1.00 11.56 ? 143 VAL A CA  1 
ATOM   19  C  C   . VAL A 1 4  ? -9.459  5.332   5.835   1.00 11.41 ? 143 VAL A C   1 
ATOM   20  O  O   . VAL A 1 4  ? -8.238  5.372   5.873   1.00 10.93 ? 143 VAL A O   1 
ATOM   21  C  CB  . VAL A 1 4  ? -10.871 6.921   4.492   1.00 13.69 ? 143 VAL A CB  1 
ATOM   22  C  CG1 . VAL A 1 4  ? -9.914  7.998   5.038   1.00 13.30 ? 143 VAL A CG1 1 
ATOM   23  C  CG2 . VAL A 1 4  ? -11.317 7.246   3.079   1.00 15.83 ? 143 VAL A CG2 1 
ATOM   24  N  N   . PRO A 1 5  ? -10.195 5.083   6.932   1.00 11.92 ? 144 PRO A N   1 
ATOM   25  C  CA  . PRO A 1 5  ? -9.414  4.828   8.144   1.00 11.76 ? 144 PRO A CA  1 
ATOM   26  C  C   . PRO A 1 5  ? -8.511  3.611   8.010   1.00 12.17 ? 144 PRO A C   1 
ATOM   27  O  O   . PRO A 1 5  ? -7.427  3.578   8.607   1.00 13.12 ? 144 PRO A O   1 
ATOM   28  C  CB  . PRO A 1 5  ? -10.483 4.592   9.228   1.00 18.89 ? 144 PRO A CB  1 
ATOM   29  C  CG  . PRO A 1 5  ? -11.767 4.379   8.495   1.00 18.89 ? 144 PRO A CG  1 
ATOM   30  C  CD  . PRO A 1 5  ? -11.634 5.166   7.204   1.00 14.65 ? 144 PRO A CD  1 
ATOM   31  N  N   . ARG A 1 6  ? -8.932  2.607   7.250   1.00 10.67 ? 145 ARG A N   1 
ATOM   32  C  CA  . ARG A 1 6  ? -8.048  1.462   7.052   1.00 12.02 ? 145 ARG A CA  1 
ATOM   33  C  C   . ARG A 1 6  ? -6.783  1.850   6.290   1.00 14.01 ? 145 ARG A C   1 
ATOM   34  O  O   . ARG A 1 6  ? -5.686  1.436   6.660   1.00 13.26 ? 145 ARG A O   1 
ATOM   35  C  CB  . ARG A 1 6  ? -8.765  0.277   6.380   1.00 11.99 ? 145 ARG A CB  1 
ATOM   36  C  CG  . ARG A 1 6  ? -7.912  -0.973  6.392   1.00 20.01 ? 145 ARG A CG  1 
ATOM   37  C  CD  . ARG A 1 6  ? -8.655  -2.192  5.880   1.00 22.82 ? 145 ARG A CD  1 
ATOM   38  N  NE  . ARG A 1 6  ? -7.901  -3.422  6.122   1.00 23.94 ? 145 ARG A NE  1 
ATOM   39  C  CZ  . ARG A 1 6  ? -8.350  -4.442  6.848   1.00 42.21 ? 145 ARG A CZ  1 
ATOM   40  N  NH1 . ARG A 1 6  ? -9.558  -4.391  7.403   1.00 50.66 ? 145 ARG A NH1 1 
ATOM   41  N  NH2 . ARG A 1 6  ? -7.597  -5.521  7.018   1.00 41.68 ? 145 ARG A NH2 1 
ATOM   42  N  N   . ALA A 1 7  ? -6.926  2.647   5.231   1.00 8.95  ? 146 ALA A N   1 
ATOM   43  C  CA  . ALA A 1 7  ? -5.755  3.109   4.488   1.00 10.41 ? 146 ALA A CA  1 
ATOM   44  C  C   . ALA A 1 7  ? -4.835  3.928   5.374   1.00 10.47 ? 146 ALA A C   1 
ATOM   45  O  O   . ALA A 1 7  ? -3.608  3.842   5.258   1.00 10.20 ? 146 ALA A O   1 
ATOM   46  C  CB  . ALA A 1 7  ? -6.186  3.917   3.267   1.00 11.43 ? 146 ALA A CB  1 
ATOM   47  N  N   . ASN A 1 8  ? -5.415  4.732   6.261   1.00 10.86 ? 147 ASN A N   1 
ATOM   48  C  CA  . ASN A 1 8  ? -4.587  5.520   7.183   1.00 6.50  ? 147 ASN A CA  1 
ATOM   49  C  C   . ASN A 1 8  ? -3.796  4.649   8.146   1.00 10.12 ? 147 ASN A C   1 
ATOM   50  O  O   . ASN A 1 8  ? -2.667  4.992   8.515   1.00 11.40 ? 147 ASN A O   1 
ATOM   51  C  CB  . ASN A 1 8  ? -5.453  6.501   7.977   1.00 9.12  ? 147 ASN A CB  1 
ATOM   52  C  CG  . ASN A 1 8  ? -5.999  7.611   7.120   1.00 13.70 ? 147 ASN A CG  1 
ATOM   53  O  OD1 . ASN A 1 8  ? -5.414  7.969   6.093   1.00 15.91 ? 147 ASN A OD1 1 
ATOM   54  N  ND2 . ASN A 1 8  ? -7.120  8.185   7.551   1.00 15.84 ? 147 ASN A ND2 1 
ATOM   55  N  N   . ARG A 1 9  ? -4.413  3.546   8.582   1.00 11.28 ? 148 ARG A N   1 
ATOM   56  C  CA  . ARG A 1 9  ? -3.743  2.561   9.425   1.00 13.92 ? 148 ARG A CA  1 
ATOM   57  C  C   . ARG A 1 9  ? -2.588  1.894   8.657   1.00 12.92 ? 148 ARG A C   1 
ATOM   58  O  O   . ARG A 1 9  ? -1.521  1.641   9.219   1.00 10.75 ? 148 ARG A O   1 
ATOM   59  C  CB  . ARG A 1 9  ? -4.752  1.511   9.912   1.00 12.56 ? 148 ARG A CB  1 
ATOM   60  C  CG  . ARG A 1 9  ? -4.153  0.316   10.627  1.00 24.31 ? 148 ARG A CG  1 
ATOM   61  C  CD  . ARG A 1 9  ? -3.401  0.737   11.881  1.00 35.96 ? 148 ARG A CD  1 
ATOM   62  N  NE  . ARG A 1 9  ? -3.210  -0.375  12.809  1.00 44.20 ? 148 ARG A NE  1 
ATOM   63  C  CZ  . ARG A 1 9  ? -2.343  -0.361  13.815  1.00 44.73 ? 148 ARG A CZ  1 
ATOM   64  N  NH1 . ARG A 1 9  ? -2.231  -1.412  14.618  1.00 45.02 ? 148 ARG A NH1 1 
ATOM   65  N  NH2 . ARG A 1 9  ? -1.579  0.704   14.013  1.00 45.05 ? 148 ARG A NH2 1 
ATOM   66  N  N   . ILE A 1 10 ? -2.794  1.620   7.371   1.00 10.95 ? 149 ILE A N   1 
ATOM   67  C  CA  . ILE A 1 10 ? -1.712  1.070   6.549   1.00 9.66  ? 149 ILE A CA  1 
ATOM   68  C  C   . ILE A 1 10 ? -0.531  2.042   6.554   1.00 11.62 ? 149 ILE A C   1 
ATOM   69  O  O   . ILE A 1 10 ? 0.608   1.648   6.787   1.00 12.39 ? 149 ILE A O   1 
ATOM   70  C  CB  . ILE A 1 10 ? -2.179  0.769   5.099   1.00 10.65 ? 149 ILE A CB  1 
ATOM   71  C  CG1 . ILE A 1 10 ? -3.245  -0.329  5.103   1.00 12.84 ? 149 ILE A CG1 1 
ATOM   72  C  CG2 . ILE A 1 10 ? -1.013  0.293   4.243   1.00 11.21 ? 149 ILE A CG2 1 
ATOM   73  C  CD1 . ILE A 1 10 ? -3.955  -0.516  3.712   1.00 9.72  ? 149 ILE A CD1 1 
ATOM   74  N  N   . VAL A 1 11 ? -0.802  3.312   6.276   1.00 9.84  ? 150 VAL A N   1 
ATOM   75  C  CA  . VAL A 1 11 ? 0.264   4.301   6.264   1.00 10.51 ? 150 VAL A CA  1 
ATOM   76  C  C   . VAL A 1 11 ? 0.947   4.371   7.630   1.00 11.86 ? 150 VAL A C   1 
ATOM   77  O  O   . VAL A 1 11 ? 2.164   4.387   7.706   1.00 10.86 ? 150 VAL A O   1 
ATOM   78  C  CB  . VAL A 1 11 ? -0.258  5.669   5.808   1.00 10.13 ? 150 VAL A CB  1 
ATOM   79  C  CG1 . VAL A 1 11 ? 0.810   6.768   5.991   1.00 11.28 ? 150 VAL A CG1 1 
ATOM   80  C  CG2 . VAL A 1 11 ? -0.716  5.577   4.349   1.00 12.00 ? 150 VAL A CG2 1 
ATOM   81  N  N   . GLN A 1 12 ? 0.154   4.416   8.702   1.00 11.29 ? 151 GLN A N   1 
ATOM   82  C  CA  . GLN A 1 12 ? 0.691   4.414   10.062  1.00 10.68 ? 151 GLN A CA  1 
ATOM   83  C  C   . GLN A 1 12 ? 1.621   3.234   10.306  1.00 10.56 ? 151 GLN A C   1 
ATOM   84  O  O   . GLN A 1 12 ? 2.697   3.385   10.885  1.00 14.74 ? 151 GLN A O   1 
ATOM   85  C  CB  . GLN A 1 12 ? -0.465  4.316   11.073  1.00 9.00  ? 151 GLN A CB  1 
ATOM   86  C  CG  . GLN A 1 12 ? -0.031  4.077   12.514  1.00 13.19 ? 151 GLN A CG  1 
ATOM   87  C  CD  . GLN A 1 12 ? -1.229  3.893   13.450  1.00 15.03 ? 151 GLN A CD  1 
ATOM   88  O  OE1 . GLN A 1 12 ? -2.237  3.285   13.074  1.00 15.90 ? 151 GLN A OE1 1 
ATOM   89  N  NE2 . GLN A 1 12 ? -1.123  4.422   14.667  1.00 13.47 ? 151 GLN A NE2 1 
ATOM   90  N  N   . GLN A 1 13 ? 1.153   2.045   9.932   1.00 10.26 ? 152 GLN A N   1 
ATOM   91  C  CA  . GLN A 1 13 ? 1.942   0.840   10.139  1.00 10.36 ? 152 GLN A CA  1 
ATOM   92  C  C   . GLN A 1 13 ? 3.213   0.830   9.286   1.00 11.22 ? 152 GLN A C   1 
ATOM   93  O  O   . GLN A 1 13 ? 4.253   0.318   9.725   1.00 16.03 ? 152 GLN A O   1 
ATOM   94  C  CB  . GLN A 1 13 ? 1.101   -0.386  9.849   1.00 10.51 ? 152 GLN A CB  1 
ATOM   95  C  CG  . GLN A 1 13 ? 0.019   -0.649  10.883  1.00 13.88 ? 152 GLN A CG  1 
ATOM   96  C  CD  . GLN A 1 13 ? -0.770  -1.886  10.527  1.00 17.30 ? 152 GLN A CD  1 
ATOM   97  O  OE1 . GLN A 1 13 ? -1.276  -2.000  9.429   1.00 17.94 ? 152 GLN A OE1 1 
ATOM   98  N  NE2 . GLN A 1 13 ? -0.837  -2.839  11.449  1.00 31.23 ? 152 GLN A NE2 1 
ATOM   99  N  N   . LEU A 1 14 ? 3.129   1.355   8.063   1.00 10.83 ? 153 LEU A N   1 
ATOM   100 C  CA  . LEU A 1 14 ? 4.334   1.476   7.221   1.00 9.75  ? 153 LEU A CA  1 
ATOM   101 C  C   . LEU A 1 14 ? 5.377   2.387   7.868   1.00 11.71 ? 153 LEU A C   1 
ATOM   102 O  O   . LEU A 1 14 ? 6.562   2.048   7.924   1.00 15.40 ? 153 LEU A O   1 
ATOM   103 C  CB  . LEU A 1 14 ? 3.970   2.004   5.826   1.00 13.99 ? 153 LEU A CB  1 
ATOM   104 C  CG  . LEU A 1 14 ? 3.261   0.984   4.932   1.00 11.56 ? 153 LEU A CG  1 
ATOM   105 C  CD1 . LEU A 1 14 ? 2.682   1.648   3.684   1.00 12.21 ? 153 LEU A CD1 1 
ATOM   106 C  CD2 . LEU A 1 14 ? 4.192   -0.167  4.566   1.00 13.76 ? 153 LEU A CD2 1 
ATOM   107 N  N   A VAL A 1 15 ? 4.935   3.536   8.364   0.53 10.91 ? 154 VAL A N   1 
ATOM   108 N  N   B VAL A 1 15 ? 4.951   3.537   8.378   0.47 11.31 ? 154 VAL A N   1 
ATOM   109 C  CA  A VAL A 1 15 ? 5.856   4.435   9.061   0.53 11.45 ? 154 VAL A CA  1 
ATOM   110 C  CA  B VAL A 1 15 ? 5.909   4.424   9.047   0.47 11.13 ? 154 VAL A CA  1 
ATOM   111 C  C   A VAL A 1 15 ? 6.485   3.733   10.271  0.53 13.12 ? 154 VAL A C   1 
ATOM   112 C  C   B VAL A 1 15 ? 6.482   3.798   10.329  0.47 13.58 ? 154 VAL A C   1 
ATOM   113 O  O   A VAL A 1 15 ? 7.703   3.801   10.481  0.53 16.34 ? 154 VAL A O   1 
ATOM   114 O  O   B VAL A 1 15 ? 7.667   3.969   10.638  0.47 18.10 ? 154 VAL A O   1 
ATOM   115 C  CB  A VAL A 1 15 ? 5.170   5.744   9.495   0.53 12.73 ? 154 VAL A CB  1 
ATOM   116 C  CB  B VAL A 1 15 ? 5.349   5.855   9.274   0.47 12.06 ? 154 VAL A CB  1 
ATOM   117 C  CG1 A VAL A 1 15 ? 6.166   6.618   10.227  0.53 12.55 ? 154 VAL A CG1 1 
ATOM   118 C  CG1 B VAL A 1 15 ? 5.367   6.640   7.964   0.47 8.99  ? 154 VAL A CG1 1 
ATOM   119 C  CG2 A VAL A 1 15 ? 4.612   6.493   8.288   0.53 10.56 ? 154 VAL A CG2 1 
ATOM   120 C  CG2 B VAL A 1 15 ? 3.951   5.820   9.865   0.47 11.12 ? 154 VAL A CG2 1 
ATOM   121 N  N   . GLU A 1 16 ? 5.656   3.046   11.053  1.00 14.57 ? 155 GLU A N   1 
ATOM   122 C  CA  . GLU A 1 16 ? 6.133   2.294   12.224  1.00 16.08 ? 155 GLU A CA  1 
ATOM   123 C  C   . GLU A 1 16 ? 7.221   1.315   11.793  1.00 24.12 ? 155 GLU A C   1 
ATOM   124 O  O   . GLU A 1 16 ? 8.174   1.061   12.526  1.00 24.97 ? 155 GLU A O   1 
ATOM   125 C  CB  . GLU A 1 16 ? 5.028   1.434   12.846  1.00 22.67 ? 155 GLU A CB  1 
ATOM   126 C  CG  . GLU A 1 16 ? 3.804   2.120   13.442  1.00 37.72 ? 155 GLU A CG  1 
ATOM   127 C  CD  . GLU A 1 16 ? 2.728   1.093   13.844  1.00 40.27 ? 155 GLU A CD  1 
ATOM   128 O  OE1 . GLU A 1 16 ? 1.555   1.481   14.026  1.00 34.28 ? 155 GLU A OE1 1 
ATOM   129 O  OE2 . GLU A 1 16 ? 3.054   -0.115  13.964  1.00 44.07 ? 155 GLU A OE2 1 
ATOM   130 N  N   . ALA A 1 17 ? 7.037   0.733   10.611  1.00 17.45 ? 156 ALA A N   1 
ATOM   131 C  CA  . ALA A 1 17 ? 7.949   -0.282  10.083  1.00 18.41 ? 156 ALA A CA  1 
ATOM   132 C  C   . ALA A 1 17 ? 9.186   0.321   9.427   1.00 23.85 ? 156 ALA A C   1 
ATOM   133 O  O   . ALA A 1 17 ? 10.052  -0.415  8.952   1.00 30.21 ? 156 ALA A O   1 
ATOM   134 C  CB  . ALA A 1 17 ? 7.219   -1.168  9.086   1.00 18.58 ? 156 ALA A CB  1 
ATOM   135 N  N   . GLY A 1 18 ? 9.267   1.649   9.385   1.00 17.22 ? 157 GLY A N   1 
ATOM   136 C  CA  . GLY A 1 18 ? 10.451  2.326   8.867   1.00 22.56 ? 157 GLY A CA  1 
ATOM   137 C  C   . GLY A 1 18 ? 10.454  2.589   7.367   1.00 19.83 ? 157 GLY A C   1 
ATOM   138 O  O   . GLY A 1 18 ? 11.501  2.922   6.779   1.00 19.60 ? 157 GLY A O   1 
ATOM   139 N  N   . ALA A 1 19 ? 9.281   2.451   6.751   1.00 18.67 ? 158 ALA A N   1 
ATOM   140 C  CA  . ALA A 1 19 ? 9.122   2.657   5.319   1.00 13.85 ? 158 ALA A CA  1 
ATOM   141 C  C   . ALA A 1 19 ? 9.382   4.099   4.892   1.00 15.26 ? 158 ALA A C   1 
ATOM   142 O  O   . ALA A 1 19 ? 9.173   5.038   5.660   1.00 19.99 ? 158 ALA A O   1 
ATOM   143 C  CB  . ALA A 1 19 ? 7.732   2.228   4.884   1.00 14.11 ? 158 ALA A CB  1 
ATOM   144 N  N   . ASP A 1 20 ? 9.861   4.250   3.661   1.00 17.72 ? 159 ASP A N   1 
ATOM   145 C  CA  . ASP A 1 20 ? 10.003  5.537   2.999   1.00 14.33 ? 159 ASP A CA  1 
ATOM   146 C  C   . ASP A 1 20 ? 8.707   5.678   2.193   1.00 14.50 ? 159 ASP A C   1 
ATOM   147 O  O   . ASP A 1 20 ? 8.511   4.954   1.217   1.00 17.32 ? 159 ASP A O   1 
ATOM   148 C  CB  . ASP A 1 20 ? 11.238  5.471   2.083   1.00 18.62 ? 159 ASP A CB  1 
ATOM   149 C  CG  . ASP A 1 20 ? 11.424  6.715   1.221   1.00 29.23 ? 159 ASP A CG  1 
ATOM   150 O  OD1 . ASP A 1 20 ? 12.570  6.980   0.803   1.00 38.93 ? 159 ASP A OD1 1 
ATOM   151 O  OD2 . ASP A 1 20 ? 10.449  7.420   0.942   1.00 26.39 ? 159 ASP A OD2 1 
ATOM   152 N  N   . LEU A 1 21 ? 7.812   6.568   2.616   1.00 15.84 ? 160 LEU A N   1 
ATOM   153 C  CA  . LEU A 1 21 ? 6.496   6.695   1.978   1.00 15.22 ? 160 LEU A CA  1 
ATOM   154 C  C   . LEU A 1 21 ? 6.564   7.149   0.518   1.00 17.23 ? 160 LEU A C   1 
ATOM   155 O  O   . LEU A 1 21 ? 5.700   6.766   -0.286  1.00 16.79 ? 160 LEU A O   1 
ATOM   156 C  CB  . LEU A 1 21 ? 5.554   7.620   2.772   1.00 15.50 ? 160 LEU A CB  1 
ATOM   157 C  CG  . LEU A 1 21 ? 5.150   7.144   4.170   1.00 16.05 ? 160 LEU A CG  1 
ATOM   158 C  CD1 . LEU A 1 21 ? 4.168   8.133   4.802   1.00 18.70 ? 160 LEU A CD1 1 
ATOM   159 C  CD2 . LEU A 1 21 ? 4.544   5.750   4.108   1.00 14.92 ? 160 LEU A CD2 1 
ATOM   160 N  N   . ALA A 1 22 ? 7.568   7.953   0.172   1.00 16.38 ? 161 ALA A N   1 
ATOM   161 C  CA  . ALA A 1 22 ? 7.770   8.319   -1.225  1.00 17.22 ? 161 ALA A CA  1 
ATOM   162 C  C   . ALA A 1 22 ? 8.018   7.057   -2.044  1.00 17.50 ? 161 ALA A C   1 
ATOM   163 O  O   . ALA A 1 22 ? 7.474   6.898   -3.140  1.00 17.19 ? 161 ALA A O   1 
ATOM   164 C  CB  . ALA A 1 22 ? 8.921   9.320   -1.378  1.00 19.85 ? 161 ALA A CB  1 
ATOM   165 N  N   . ASN A 1 23 ? 8.822   6.144   -1.496  1.00 15.81 ? 162 ASN A N   1 
ATOM   166 C  CA  . ASN A 1 23 ? 9.151   4.901   -2.177  1.00 19.73 ? 162 ASN A CA  1 
ATOM   167 C  C   . ASN A 1 23 ? 7.947   3.963   -2.241  1.00 17.80 ? 162 ASN A C   1 
ATOM   168 O  O   . ASN A 1 23 ? 7.678   3.351   -3.279  1.00 16.60 ? 162 ASN A O   1 
ATOM   169 C  CB  . ASN A 1 23 ? 10.340  4.215   -1.485  1.00 22.46 ? 162 ASN A CB  1 
ATOM   170 C  CG  . ASN A 1 23 ? 10.558  2.776   -1.953  1.00 28.81 ? 162 ASN A CG  1 
ATOM   171 O  OD1 . ASN A 1 23 ? 10.450  1.827   -1.168  1.00 32.71 ? 162 ASN A OD1 1 
ATOM   172 N  ND2 . ASN A 1 23 ? 10.884  2.612   -3.223  1.00 28.44 ? 162 ASN A ND2 1 
ATOM   173 N  N   . ILE A 1 24 ? 7.230   3.831   -1.131  1.00 13.62 ? 163 ILE A N   1 
ATOM   174 C  CA  . ILE A 1 24 ? 6.048   2.984   -1.122  1.00 12.13 ? 163 ILE A CA  1 
ATOM   175 C  C   . ILE A 1 24 ? 5.032   3.518   -2.134  1.00 15.21 ? 163 ILE A C   1 
ATOM   176 O  O   . ILE A 1 24 ? 4.411   2.750   -2.859  1.00 14.70 ? 163 ILE A O   1 
ATOM   177 C  CB  . ILE A 1 24 ? 5.392   2.901   0.266   1.00 12.07 ? 163 ILE A CB  1 
ATOM   178 C  CG1 . ILE A 1 24 ? 6.353   2.271   1.276   1.00 12.60 ? 163 ILE A CG1 1 
ATOM   179 C  CG2 . ILE A 1 24 ? 4.131   2.055   0.195   1.00 12.10 ? 163 ILE A CG2 1 
ATOM   180 C  CD1 . ILE A 1 24 ? 6.831   0.844   0.896   1.00 14.67 ? 163 ILE A CD1 1 
ATOM   181 N  N   . ARG A 1 25 ? 4.896   4.840   -2.208  1.00 11.83 ? 164 ARG A N   1 
ATOM   182 C  CA  . ARG A 1 25 ? 3.968   5.442   -3.171  1.00 15.13 ? 164 ARG A CA  1 
ATOM   183 C  C   . ARG A 1 25 ? 4.281   4.999   -4.602  1.00 18.26 ? 164 ARG A C   1 
ATOM   184 O  O   . ARG A 1 25 ? 3.392   4.601   -5.353  1.00 15.06 ? 164 ARG A O   1 
ATOM   185 C  CB  . ARG A 1 25 ? 3.985   6.972   -3.067  1.00 14.05 ? 164 ARG A CB  1 
ATOM   186 C  CG  . ARG A 1 25 ? 2.988   7.652   -3.994  1.00 16.16 ? 164 ARG A CG  1 
ATOM   187 C  CD  . ARG A 1 25 ? 3.041   9.166   -3.850  1.00 13.75 ? 164 ARG A CD  1 
ATOM   188 N  NE  . ARG A 1 25 ? 2.219   9.819   -4.866  1.00 16.51 ? 164 ARG A NE  1 
ATOM   189 C  CZ  . ARG A 1 25 ? 2.326   11.096  -5.198  1.00 15.30 ? 164 ARG A CZ  1 
ATOM   190 N  NH1 . ARG A 1 25 ? 3.226   11.871  -4.603  1.00 18.01 ? 164 ARG A NH1 1 
ATOM   191 N  NH2 . ARG A 1 25 ? 1.553   11.593  -6.153  1.00 18.56 ? 164 ARG A NH2 1 
ATOM   192 N  N   . THR A 1 26 ? 5.553   5.055   -4.971  1.00 16.44 ? 165 THR A N   1 
ATOM   193 C  CA  . THR A 1 26 ? 5.988   4.663   -6.305  1.00 16.33 ? 165 THR A CA  1 
ATOM   194 C  C   . THR A 1 26 ? 5.750   3.166   -6.540  1.00 16.10 ? 165 THR A C   1 
ATOM   195 O  O   . THR A 1 26 ? 5.212   2.767   -7.571  1.00 21.15 ? 165 THR A O   1 
ATOM   196 C  CB  . THR A 1 26 ? 7.464   5.016   -6.496  1.00 18.00 ? 165 THR A CB  1 
ATOM   197 O  OG1 . THR A 1 26 ? 7.624   6.438   -6.380  1.00 17.79 ? 165 THR A OG1 1 
ATOM   198 C  CG2 . THR A 1 26 ? 7.990   4.562   -7.866  1.00 22.90 ? 165 THR A CG2 1 
HETATM 199 N  N   A MSE A 1 27 ? 6.181   2.360   -5.570  0.56 15.71 ? 166 MSE A N   1 
HETATM 200 N  N   B MSE A 1 27 ? 6.112   2.332   -5.583  0.44 16.31 ? 166 MSE A N   1 
HETATM 201 C  CA  A MSE A 1 27 ? 6.013   0.907   -5.612  0.56 17.97 ? 166 MSE A CA  1 
HETATM 202 C  CA  B MSE A 1 27 ? 5.972   0.898   -5.800  0.44 16.61 ? 166 MSE A CA  1 
HETATM 203 C  C   A MSE A 1 27 ? 4.553   0.533   -5.830  0.56 16.41 ? 166 MSE A C   1 
HETATM 204 C  C   B MSE A 1 27 ? 4.526   0.420   -5.759  0.44 15.72 ? 166 MSE A C   1 
HETATM 205 O  O   A MSE A 1 27 ? 4.233   -0.286  -6.695  0.56 18.88 ? 166 MSE A O   1 
HETATM 206 O  O   B MSE A 1 27 ? 4.185   -0.583  -6.382  0.44 18.15 ? 166 MSE A O   1 
HETATM 207 C  CB  A MSE A 1 27 ? 6.475   0.275   -4.291  0.56 16.22 ? 166 MSE A CB  1 
HETATM 208 C  CB  B MSE A 1 27 ? 6.807   0.154   -4.786  0.44 16.08 ? 166 MSE A CB  1 
HETATM 209 C  CG  A MSE A 1 27 ? 7.877   0.644   -3.864  0.56 19.29 ? 166 MSE A CG  1 
HETATM 210 C  CG  B MSE A 1 27 ? 8.169   0.745   -4.704  0.44 19.53 ? 166 MSE A CG  1 
HETATM 211 SE SE  A MSE A 1 27 ? 8.981   -0.939  -3.695  0.56 34.98 ? 166 MSE A SE  1 
HETATM 212 SE SE  B MSE A 1 27 ? 9.426   -0.663  -4.454  0.44 31.47 ? 166 MSE A SE  1 
HETATM 213 C  CE  A MSE A 1 27 ? 8.995   -1.380  -5.603  0.56 28.03 ? 166 MSE A CE  1 
HETATM 214 C  CE  B MSE A 1 27 ? 9.109   -0.932  -2.549  0.44 38.27 ? 166 MSE A CE  1 
ATOM   215 N  N   . PHE A 1 28 ? 3.680   1.136   -5.028  1.00 15.71 ? 167 PHE A N   1 
ATOM   216 C  CA  . PHE A 1 28 ? 2.260   0.809   -5.024  1.00 13.72 ? 167 PHE A CA  1 
ATOM   217 C  C   . PHE A 1 28 ? 1.625   1.187   -6.353  1.00 16.01 ? 167 PHE A C   1 
ATOM   218 O  O   . PHE A 1 28 ? 0.793   0.456   -6.865  1.00 17.57 ? 167 PHE A O   1 
ATOM   219 C  CB  . PHE A 1 28 ? 1.534   1.478   -3.869  1.00 14.75 ? 167 PHE A CB  1 
ATOM   220 C  CG  . PHE A 1 28 ? 0.124   0.994   -3.683  1.00 13.82 ? 167 PHE A CG  1 
ATOM   221 C  CD1 . PHE A 1 28 ? -0.128  -0.334  -3.402  1.00 12.00 ? 167 PHE A CD1 1 
ATOM   222 C  CD2 . PHE A 1 28 ? -0.945  1.868   -3.794  1.00 9.56  ? 167 PHE A CD2 1 
ATOM   223 C  CE1 . PHE A 1 28 ? -1.432  -0.792  -3.208  1.00 12.69 ? 167 PHE A CE1 1 
ATOM   224 C  CE2 . PHE A 1 28 ? -2.250  1.427   -3.598  1.00 13.36 ? 167 PHE A CE2 1 
ATOM   225 C  CZ  . PHE A 1 28 ? -2.496  0.089   -3.303  1.00 12.14 ? 167 PHE A CZ  1 
ATOM   226 N  N   . ARG A 1 29 ? 2.026   2.325   -6.913  1.00 18.11 ? 168 ARG A N   1 
ATOM   227 C  CA  . ARG A 1 29 ? 1.566   2.697   -8.253  1.00 18.36 ? 168 ARG A CA  1 
ATOM   228 C  C   . ARG A 1 29 ? 1.907   1.597   -9.255  1.00 17.20 ? 168 ARG A C   1 
ATOM   229 O  O   . ARG A 1 29 ? 1.069   1.181   -10.053 1.00 19.87 ? 168 ARG A O   1 
ATOM   230 C  CB  . ARG A 1 29 ? 2.202   4.015   -8.701  1.00 20.73 ? 168 ARG A CB  1 
ATOM   231 C  CG  . ARG A 1 29 ? 1.668   4.533   -10.025 1.00 19.43 ? 168 ARG A CG  1 
ATOM   232 C  CD  . ARG A 1 29 ? 2.416   5.792   -10.462 1.00 22.76 ? 168 ARG A CD  1 
ATOM   233 N  NE  . ARG A 1 29 ? 2.284   6.830   -9.450  1.00 26.80 ? 168 ARG A NE  1 
ATOM   234 C  CZ  . ARG A 1 29 ? 3.298   7.375   -8.787  1.00 24.75 ? 168 ARG A CZ  1 
ATOM   235 N  NH1 . ARG A 1 29 ? 4.545   7.020   -9.051  1.00 27.42 ? 168 ARG A NH1 1 
ATOM   236 N  NH2 . ARG A 1 29 ? 3.056   8.302   -7.876  1.00 26.34 ? 168 ARG A NH2 1 
ATOM   237 N  N   . ASN A 1 30 ? 3.147   1.125   -9.203  1.00 20.65 ? 169 ASN A N   1 
ATOM   238 C  CA  . ASN A 1 30 ? 3.603   0.052   -10.080 1.00 22.58 ? 169 ASN A CA  1 
ATOM   239 C  C   . ASN A 1 30 ? 2.878   -1.267  -9.811  1.00 20.25 ? 169 ASN A C   1 
ATOM   240 O  O   . ASN A 1 30 ? 2.597   -2.026  -10.742 1.00 23.92 ? 169 ASN A O   1 
ATOM   241 C  CB  . ASN A 1 30 ? 5.106   -0.147  -9.931  1.00 27.78 ? 169 ASN A CB  1 
ATOM   242 C  CG  . ASN A 1 30 ? 5.897   1.039   -10.423 1.00 37.13 ? 169 ASN A CG  1 
ATOM   243 O  OD1 . ASN A 1 30 ? 5.441   1.786   -11.293 1.00 35.88 ? 169 ASN A OD1 1 
ATOM   244 N  ND2 . ASN A 1 30 ? 7.098   1.215   -9.876  1.00 41.29 ? 169 ASN A ND2 1 
HETATM 245 N  N   . MSE A 1 31 ? 2.582   -1.531  -8.543  1.00 19.46 ? 170 MSE A N   1 
HETATM 246 C  CA  . MSE A 1 31 ? 1.834   -2.732  -8.158  1.00 17.91 ? 170 MSE A CA  1 
HETATM 247 C  C   . MSE A 1 31 ? 0.466   -2.726  -8.821  1.00 17.48 ? 170 MSE A C   1 
HETATM 248 O  O   . MSE A 1 31 ? 0.022   -3.738  -9.375  1.00 22.12 ? 170 MSE A O   1 
HETATM 249 C  CB  . MSE A 1 31 ? 1.673   -2.807  -6.638  1.00 21.55 ? 170 MSE A CB  1 
HETATM 250 C  CG  . MSE A 1 31 ? 0.772   -3.941  -6.159  1.00 23.49 ? 170 MSE A CG  1 
HETATM 251 SE SE  . MSE A 1 31 ? 1.619   -5.712  -6.318  1.00 45.96 ? 170 MSE A SE  1 
HETATM 252 C  CE  . MSE A 1 31 ? 0.063   -6.787  -5.889  1.00 50.56 ? 170 MSE A CE  1 
ATOM   253 N  N   . LEU A 1 32 ? -0.195  -1.579  -8.788  1.00 18.84 ? 171 LEU A N   1 
ATOM   254 C  CA  . LEU A 1 32 ? -1.512  -1.462  -9.400  1.00 18.56 ? 171 LEU A CA  1 
ATOM   255 C  C   . LEU A 1 32 ? -1.447  -1.645  -10.905 1.00 21.14 ? 171 LEU A C   1 
ATOM   256 O  O   . LEU A 1 32 ? -2.440  -2.018  -11.526 1.00 24.23 ? 171 LEU A O   1 
ATOM   257 C  CB  . LEU A 1 32 ? -2.166  -0.121  -9.056  1.00 17.57 ? 171 LEU A CB  1 
ATOM   258 C  CG  . LEU A 1 32 ? -2.422  0.130   -7.577  1.00 18.50 ? 171 LEU A CG  1 
ATOM   259 C  CD1 . LEU A 1 32 ? -3.195  1.416   -7.404  1.00 23.26 ? 171 LEU A CD1 1 
ATOM   260 C  CD2 . LEU A 1 32 ? -3.191  -1.048  -6.977  1.00 15.38 ? 171 LEU A CD2 1 
ATOM   261 N  N   A ARG A 1 33 ? -0.270  -1.376  -11.474 0.59 23.89 ? 172 ARG A N   1 
ATOM   262 N  N   B ARG A 1 33 ? -0.285  -1.372  -11.495 0.41 24.11 ? 172 ARG A N   1 
ATOM   263 C  CA  A ARG A 1 33 ? -0.003  -1.565  -12.897 0.59 29.66 ? 172 ARG A CA  1 
ATOM   264 C  CA  B ARG A 1 33 ? -0.091  -1.594  -12.924 0.41 29.02 ? 172 ARG A CA  1 
ATOM   265 C  C   A ARG A 1 33 ? 0.362   -3.013  -13.198 0.59 30.10 ? 172 ARG A C   1 
ATOM   266 C  C   B ARG A 1 33 ? 0.217   -3.060  -13.197 0.41 30.18 ? 172 ARG A C   1 
ATOM   267 O  O   A ARG A 1 33 ? 0.482   -3.405  -14.360 0.59 32.86 ? 172 ARG A O   1 
ATOM   268 O  O   B ARG A 1 33 ? 0.149   -3.512  -14.341 0.41 33.06 ? 172 ARG A O   1 
ATOM   269 C  CB  A ARG A 1 33 ? 1.142   -0.653  -13.351 0.59 33.05 ? 172 ARG A CB  1 
ATOM   270 C  CB  B ARG A 1 33 ? 1.034   -0.713  -13.480 0.41 32.34 ? 172 ARG A CB  1 
ATOM   271 C  CG  A ARG A 1 33 ? 0.786   0.819   -13.395 0.59 35.63 ? 172 ARG A CG  1 
ATOM   272 C  CG  B ARG A 1 33 ? 0.826   0.777   -13.281 0.41 34.62 ? 172 ARG A CG  1 
ATOM   273 C  CD  A ARG A 1 33 ? 2.026   1.695   -13.525 0.59 38.33 ? 172 ARG A CD  1 
ATOM   274 C  CD  B ARG A 1 33 ? 1.542   1.585   -14.356 0.41 38.46 ? 172 ARG A CD  1 
ATOM   275 N  NE  A ARG A 1 33 ? 1.673   3.089   -13.781 0.59 39.85 ? 172 ARG A NE  1 
ATOM   276 N  NE  B ARG A 1 33 ? 1.803   2.960   -13.930 0.41 39.22 ? 172 ARG A NE  1 
ATOM   277 C  CZ  A ARG A 1 33 ? 2.531   4.105   -13.740 0.59 34.43 ? 172 ARG A CZ  1 
ATOM   278 C  CZ  B ARG A 1 33 ? 0.909   3.943   -13.964 0.41 36.69 ? 172 ARG A CZ  1 
ATOM   279 N  NH1 A ARG A 1 33 ? 2.108   5.335   -13.996 0.59 31.18 ? 172 ARG A NH1 1 
ATOM   280 N  NH1 B ARG A 1 33 ? 1.245   5.159   -13.558 0.41 33.34 ? 172 ARG A NH1 1 
ATOM   281 N  NH2 A ARG A 1 33 ? 3.805   3.894   -13.441 0.59 30.56 ? 172 ARG A NH2 1 
ATOM   282 N  NH2 B ARG A 1 33 ? -0.322  3.716   -14.402 0.41 37.33 ? 172 ARG A NH2 1 
ATOM   283 N  N   . GLY A 1 34 ? 0.560   -3.798  -12.145 1.00 28.33 ? 173 GLY A N   1 
ATOM   284 C  CA  . GLY A 1 34 ? 0.827   -5.219  -12.283 1.00 30.27 ? 173 GLY A CA  1 
ATOM   285 C  C   . GLY A 1 34 ? 2.239   -5.678  -11.963 1.00 38.30 ? 173 GLY A C   1 
ATOM   286 O  O   . GLY A 1 34 ? 2.587   -6.831  -12.223 1.00 42.23 ? 173 GLY A O   1 
ATOM   287 N  N   . GLU A 1 35 ? 3.054   -4.793  -11.395 1.00 33.27 ? 174 GLU A N   1 
ATOM   288 C  CA  . GLU A 1 35 ? 4.455   -5.118  -11.127 1.00 28.85 ? 174 GLU A CA  1 
ATOM   289 C  C   . GLU A 1 35 ? 4.680   -5.391  -9.642  1.00 30.56 ? 174 GLU A C   1 
ATOM   290 O  O   . GLU A 1 35 ? 4.340   -4.565  -8.797  1.00 32.77 ? 174 GLU A O   1 
ATOM   291 C  CB  . GLU A 1 35 ? 5.360   -3.976  -11.597 1.00 33.89 ? 174 GLU A CB  1 
ATOM   292 C  CG  . GLU A 1 35 ? 4.932   -3.342  -12.914 1.00 45.47 ? 174 GLU A CG  1 
ATOM   293 C  CD  . GLU A 1 35 ? 5.783   -2.135  -13.294 1.00 57.66 ? 174 GLU A CD  1 
ATOM   294 O  OE1 . GLU A 1 35 ? 6.881   -1.973  -12.715 1.00 59.93 ? 174 GLU A OE1 1 
ATOM   295 O  OE2 . GLU A 1 35 ? 5.352   -1.345  -14.169 1.00 57.06 ? 174 GLU A OE2 1 
ATOM   296 N  N   . GLU A 1 36 ? 5.250   -6.551  -9.320  1.00 27.05 ? 175 GLU A N   1 
ATOM   297 C  CA  . GLU A 1 36 ? 5.541   -6.894  -7.926  1.00 31.02 ? 175 GLU A CA  1 
ATOM   298 C  C   . GLU A 1 36 ? 6.280   -5.778  -7.219  1.00 31.38 ? 175 GLU A C   1 
ATOM   299 O  O   . GLU A 1 36 ? 7.167   -5.148  -7.799  1.00 30.30 ? 175 GLU A O   1 
ATOM   300 C  CB  . GLU A 1 36 ? 6.433   -8.126  -7.848  1.00 39.47 ? 175 GLU A CB  1 
ATOM   301 C  CG  . GLU A 1 36 ? 5.762   -9.435  -8.146  1.00 45.33 ? 175 GLU A CG  1 
ATOM   302 C  CD  . GLU A 1 36 ? 6.721   -10.583 -7.953  1.00 45.48 ? 175 GLU A CD  1 
ATOM   303 O  OE1 . GLU A 1 36 ? 7.729   -10.644 -8.691  1.00 51.49 ? 175 GLU A OE1 1 
ATOM   304 O  OE2 . GLU A 1 36 ? 6.486   -11.401 -7.044  1.00 45.64 ? 175 GLU A OE2 1 
HETATM 305 N  N   . MSE A 1 37 ? 5.942   -5.563  -5.952  1.00 24.20 ? 176 MSE A N   1 
HETATM 306 C  CA  . MSE A 1 37 ? 6.693   -4.625  -5.132  1.00 26.61 ? 176 MSE A CA  1 
HETATM 307 C  C   . MSE A 1 37 ? 7.910   -5.305  -4.514  1.00 28.97 ? 176 MSE A C   1 
HETATM 308 O  O   . MSE A 1 37 ? 7.877   -6.490  -4.188  1.00 32.76 ? 176 MSE A O   1 
HETATM 309 C  CB  . MSE A 1 37 ? 5.810   -4.033  -4.036  1.00 28.38 ? 176 MSE A CB  1 
HETATM 310 C  CG  . MSE A 1 37 ? 4.659   -3.191  -4.555  1.00 28.75 ? 176 MSE A CG  1 
HETATM 311 SE SE  . MSE A 1 37 ? 3.637   -2.465  -3.083  0.75 32.21 ? 176 MSE A SE  1 
HETATM 312 C  CE  . MSE A 1 37 ? 2.607   -3.964  -2.665  1.00 17.68 ? 176 MSE A CE  1 
ATOM   313 N  N   . ILE A 1 38 ? 8.979   -4.533  -4.363  1.00 26.91 ? 177 ILE A N   1 
ATOM   314 C  CA  . ILE A 1 38 ? 10.188  -4.973  -3.688  1.00 25.83 ? 177 ILE A CA  1 
ATOM   315 C  C   . ILE A 1 38 ? 10.169  -4.437  -2.265  1.00 31.43 ? 177 ILE A C   1 
ATOM   316 O  O   . ILE A 1 38 ? 10.553  -3.292  -2.015  1.00 38.56 ? 177 ILE A O   1 
ATOM   317 C  CB  . ILE A 1 38 ? 11.432  -4.450  -4.413  1.00 38.63 ? 177 ILE A CB  1 
ATOM   318 C  CG1 . ILE A 1 38 ? 11.461  -4.984  -5.848  1.00 40.03 ? 177 ILE A CG1 1 
ATOM   319 C  CG2 . ILE A 1 38 ? 12.698  -4.856  -3.668  1.00 46.34 ? 177 ILE A CG2 1 
ATOM   320 C  CD1 . ILE A 1 38 ? 12.740  -4.695  -6.580  1.00 43.81 ? 177 ILE A CD1 1 
ATOM   321 N  N   . LEU A 1 39 ? 9.705   -5.259  -1.331  1.00 22.48 ? 178 LEU A N   1 
ATOM   322 C  CA  . LEU A 1 39 ? 9.455   -4.789  0.027   1.00 21.99 ? 178 LEU A CA  1 
ATOM   323 C  C   . LEU A 1 39 ? 10.373  -5.426  1.041   1.00 23.39 ? 178 LEU A C   1 
ATOM   324 O  O   . LEU A 1 39 ? 10.824  -6.560  0.850   1.00 23.66 ? 178 LEU A O   1 
ATOM   325 C  CB  . LEU A 1 39 ? 8.010   -5.093  0.428   1.00 17.59 ? 178 LEU A CB  1 
ATOM   326 C  CG  . LEU A 1 39 ? 6.912   -4.491  -0.442  1.00 21.86 ? 178 LEU A CG  1 
ATOM   327 C  CD1 . LEU A 1 39 ? 5.550   -5.033  0.009   1.00 23.00 ? 178 LEU A CD1 1 
ATOM   328 C  CD2 . LEU A 1 39 ? 6.960   -2.960  -0.394  1.00 21.58 ? 178 LEU A CD2 1 
ATOM   329 N  N   . SER A 1 40 ? 10.637  -4.709  2.130   1.00 22.15 ? 179 SER A N   1 
ATOM   330 C  CA  . SER A 1 40 ? 11.309  -5.323  3.270   1.00 24.67 ? 179 SER A CA  1 
ATOM   331 C  C   . SER A 1 40 ? 10.349  -6.332  3.884   1.00 23.51 ? 179 SER A C   1 
ATOM   332 O  O   . SER A 1 40 ? 9.143   -6.269  3.642   1.00 19.40 ? 179 SER A O   1 
ATOM   333 C  CB  . SER A 1 40 ? 11.699  -4.279  4.313   1.00 27.62 ? 179 SER A CB  1 
ATOM   334 O  OG  . SER A 1 40 ? 10.549  -3.793  4.978   1.00 19.68 ? 179 SER A OG  1 
ATOM   335 N  N   . ARG A 1 41 ? 10.868  -7.274  4.663   1.00 24.60 ? 180 ARG A N   1 
ATOM   336 C  CA  . ARG A 1 41 ? 9.975   -8.221  5.329   1.00 26.13 ? 180 ARG A CA  1 
ATOM   337 C  C   . ARG A 1 41 ? 8.902   -7.490  6.127   1.00 18.71 ? 180 ARG A C   1 
ATOM   338 O  O   . ARG A 1 41 ? 7.728   -7.864  6.090   1.00 20.28 ? 180 ARG A O   1 
ATOM   339 C  CB  . ARG A 1 41 ? 10.751  -9.188  6.229   1.00 30.22 ? 180 ARG A CB  1 
ATOM   340 C  CG  . ARG A 1 41 ? 9.862   -10.185 6.995   1.00 30.36 ? 180 ARG A CG  1 
ATOM   341 C  CD  . ARG A 1 41 ? 9.231   -11.243 6.069   1.00 40.63 ? 180 ARG A CD  1 
ATOM   342 N  NE  . ARG A 1 41 ? 10.237  -12.034 5.356   1.00 43.64 ? 180 ARG A NE  1 
ATOM   343 C  CZ  . ARG A 1 41 ? 10.643  -13.256 5.702   1.00 43.59 ? 180 ARG A CZ  1 
ATOM   344 N  NH1 . ARG A 1 41 ? 10.126  -13.874 6.758   1.00 36.42 ? 180 ARG A NH1 1 
ATOM   345 N  NH2 . ARG A 1 41 ? 11.568  -13.866 4.977   1.00 38.93 ? 180 ARG A NH2 1 
ATOM   346 N  N   . ALA A 1 42 ? 9.300   -6.433  6.834   1.00 20.01 ? 181 ALA A N   1 
ATOM   347 C  CA  . ALA A 1 42 ? 8.366   -5.651  7.651   1.00 18.17 ? 181 ALA A CA  1 
ATOM   348 C  C   . ALA A 1 42 ? 7.287   -4.957  6.829   1.00 14.74 ? 181 ALA A C   1 
ATOM   349 O  O   . ALA A 1 42 ? 6.110   -4.948  7.217   1.00 16.35 ? 181 ALA A O   1 
ATOM   350 C  CB  . ALA A 1 42 ? 9.144   -4.612  8.501   1.00 25.35 ? 181 ALA A CB  1 
ATOM   351 N  N   . GLU A 1 43 ? 7.682   -4.359  5.707   1.00 15.55 ? 182 GLU A N   1 
ATOM   352 C  CA  . GLU A 1 43 ? 6.736   -3.739  4.782   1.00 13.03 ? 182 GLU A CA  1 
ATOM   353 C  C   . GLU A 1 43 ? 5.796   -4.756  4.140   1.00 12.56 ? 182 GLU A C   1 
ATOM   354 O  O   . GLU A 1 43 ? 4.601   -4.495  4.020   1.00 13.91 ? 182 GLU A O   1 
ATOM   355 C  CB  . GLU A 1 43 ? 7.475   -2.966  3.692   1.00 16.51 ? 182 GLU A CB  1 
ATOM   356 C  CG  . GLU A 1 43 ? 8.291   -1.806  4.239   1.00 17.04 ? 182 GLU A CG  1 
ATOM   357 C  CD  . GLU A 1 43 ? 9.307   -1.274  3.250   1.00 24.95 ? 182 GLU A CD  1 
ATOM   358 O  OE1 . GLU A 1 43 ? 9.561   -1.948  2.218   1.00 20.72 ? 182 GLU A OE1 1 
ATOM   359 O  OE2 . GLU A 1 43 ? 9.862   -0.181  3.518   1.00 21.54 ? 182 GLU A OE2 1 
ATOM   360 N  N   . GLN A 1 44 ? 6.330   -5.897  3.711   1.00 16.61 ? 183 GLN A N   1 
ATOM   361 C  CA  . GLN A 1 44 ? 5.459   -6.962  3.190   1.00 15.25 ? 183 GLN A CA  1 
ATOM   362 C  C   . GLN A 1 44 ? 4.418   -7.367  4.231   1.00 15.23 ? 183 GLN A C   1 
ATOM   363 O  O   . GLN A 1 44 ? 3.237   -7.532  3.913   1.00 17.54 ? 183 GLN A O   1 
ATOM   364 C  CB  . GLN A 1 44 ? 6.257   -8.206  2.820   1.00 20.57 ? 183 GLN A CB  1 
ATOM   365 C  CG  . GLN A 1 44 ? 5.356   -9.443  2.589   1.00 18.75 ? 183 GLN A CG  1 
ATOM   366 C  CD  . GLN A 1 44 ? 6.151   -10.716 2.346   1.00 22.80 ? 183 GLN A CD  1 
ATOM   367 O  OE1 . GLN A 1 44 ? 6.449   -11.479 3.282   1.00 28.51 ? 183 GLN A OE1 1 
ATOM   368 N  NE2 . GLN A 1 44 ? 6.494   -10.966 1.085   1.00 20.77 ? 183 GLN A NE2 1 
ATOM   369 N  N   A ASN A 1 45 ? 4.893   -7.528  5.467   0.29 14.70 ? 184 ASN A N   1 
ATOM   370 N  N   B ASN A 1 45 ? 4.846   -7.548  5.471   0.71 13.65 ? 184 ASN A N   1 
ATOM   371 C  CA  A ASN A 1 45 ? 4.081   -7.864  6.640   0.29 16.80 ? 184 ASN A CA  1 
ATOM   372 C  CA  B ASN A 1 45 ? 3.895   -7.969  6.498   0.71 18.22 ? 184 ASN A CA  1 
ATOM   373 C  C   A ASN A 1 45 ? 2.855   -6.959  6.783   0.29 17.18 ? 184 ASN A C   1 
ATOM   374 C  C   B ASN A 1 45 ? 2.766   -6.953  6.717   0.71 18.62 ? 184 ASN A C   1 
ATOM   375 O  O   A ASN A 1 45 ? 1.746   -7.428  7.048   0.29 18.09 ? 184 ASN A O   1 
ATOM   376 O  O   B ASN A 1 45 ? 1.618   -7.340  6.965   0.71 15.98 ? 184 ASN A O   1 
ATOM   377 C  CB  A ASN A 1 45 ? 4.967   -7.782  7.898   0.29 15.09 ? 184 ASN A CB  1 
ATOM   378 C  CB  B ASN A 1 45 ? 4.609   -8.340  7.802   0.71 16.06 ? 184 ASN A CB  1 
ATOM   379 C  CG  A ASN A 1 45 ? 4.233   -8.150  9.176   0.29 14.01 ? 184 ASN A CG  1 
ATOM   380 C  CG  B ASN A 1 45 ? 5.331   -9.675  7.704   0.71 25.26 ? 184 ASN A CG  1 
ATOM   381 O  OD1 A ASN A 1 45 ? 3.470   -7.351  9.720   0.29 18.46 ? 184 ASN A OD1 1 
ATOM   382 O  OD1 B ASN A 1 45 ? 5.359   -10.304 6.643   0.71 25.82 ? 184 ASN A OD1 1 
ATOM   383 N  ND2 A ASN A 1 45 ? 4.493   -9.352  9.684   0.29 16.69 ? 184 ASN A ND2 1 
ATOM   384 N  ND2 B ASN A 1 45 ? 5.924   -10.111 8.812   0.71 36.56 ? 184 ASN A ND2 1 
ATOM   385 N  N   . VAL A 1 46 ? 3.066   -5.660  6.601   1.00 11.92 ? 185 VAL A N   1 
ATOM   386 C  CA  . VAL A 1 46 ? 1.994   -4.668  6.658   1.00 11.66 ? 185 VAL A CA  1 
ATOM   387 C  C   . VAL A 1 46 ? 1.003   -4.863  5.525   1.00 12.12 ? 185 VAL A C   1 
ATOM   388 O  O   . VAL A 1 46 ? -0.205  -4.888  5.747   1.00 12.32 ? 185 VAL A O   1 
ATOM   389 C  CB  . VAL A 1 46 ? 2.526   -3.223  6.587   1.00 14.34 ? 185 VAL A CB  1 
ATOM   390 C  CG1 . VAL A 1 46 ? 1.354   -2.229  6.479   1.00 9.71  ? 185 VAL A CG1 1 
ATOM   391 C  CG2 . VAL A 1 46 ? 3.381   -2.924  7.811   1.00 16.39 ? 185 VAL A CG2 1 
ATOM   392 N  N   . PHE A 1 47 ? 1.510   -4.995  4.307   1.00 12.84 ? 186 PHE A N   1 
ATOM   393 C  CA  . PHE A 1 47 ? 0.640   -5.181  3.159   1.00 11.62 ? 186 PHE A CA  1 
ATOM   394 C  C   . PHE A 1 47 ? -0.211  -6.445  3.285   1.00 12.86 ? 186 PHE A C   1 
ATOM   395 O  O   . PHE A 1 47 ? -1.401  -6.428  2.956   1.00 13.09 ? 186 PHE A O   1 
ATOM   396 C  CB  . PHE A 1 47 ? 1.446   -5.149  1.850   1.00 11.57 ? 186 PHE A CB  1 
ATOM   397 C  CG  . PHE A 1 47 ? 1.609   -3.766  1.304   1.00 12.19 ? 186 PHE A CG  1 
ATOM   398 C  CD1 . PHE A 1 47 ? 0.625   -3.218  0.495   1.00 12.38 ? 186 PHE A CD1 1 
ATOM   399 C  CD2 . PHE A 1 47 ? 2.704   -2.995  1.638   1.00 14.67 ? 186 PHE A CD2 1 
ATOM   400 C  CE1 . PHE A 1 47 ? 0.730   -1.928  0.020   1.00 12.99 ? 186 PHE A CE1 1 
ATOM   401 C  CE2 . PHE A 1 47 ? 2.832   -1.690  1.151   1.00 12.86 ? 186 PHE A CE2 1 
ATOM   402 C  CZ  . PHE A 1 47 ? 1.831   -1.161  0.349   1.00 13.46 ? 186 PHE A CZ  1 
ATOM   403 N  N   . LEU A 1 48 ? 0.388   -7.527  3.787   1.00 10.22 ? 187 LEU A N   1 
ATOM   404 C  CA  . LEU A 1 48 ? -0.346  -8.788  3.924   1.00 11.97 ? 187 LEU A CA  1 
ATOM   405 C  C   . LEU A 1 48 ? -1.481  -8.692  4.937   1.00 14.74 ? 187 LEU A C   1 
ATOM   406 O  O   . LEU A 1 48 ? -2.432  -9.472  4.880   1.00 15.62 ? 187 LEU A O   1 
ATOM   407 C  CB  . LEU A 1 48 ? 0.584   -9.949  4.300   1.00 12.12 ? 187 LEU A CB  1 
ATOM   408 C  CG  . LEU A 1 48 ? 1.565   -10.435 3.230   1.00 16.08 ? 187 LEU A CG  1 
ATOM   409 C  CD1 . LEU A 1 48 ? 2.497   -11.518 3.772   1.00 13.43 ? 187 LEU A CD1 1 
ATOM   410 C  CD2 . LEU A 1 48 ? 0.811   -10.940 1.974   1.00 14.67 ? 187 LEU A CD2 1 
ATOM   411 N  N   . GLN A 1 49 ? -1.373  -7.767  5.884   1.00 11.42 ? 188 GLN A N   1 
ATOM   412 C  CA  . GLN A 1 49 ? -2.441  -7.610  6.876   1.00 13.40 ? 188 GLN A CA  1 
ATOM   413 C  C   . GLN A 1 49 ? -3.683  -7.011  6.235   1.00 15.04 ? 188 GLN A C   1 
ATOM   414 O  O   . GLN A 1 49 ? -4.782  -7.129  6.788   1.00 14.54 ? 188 GLN A O   1 
ATOM   415 C  CB  . GLN A 1 49 ? -2.015  -6.694  8.028   1.00 14.98 ? 188 GLN A CB  1 
ATOM   416 C  CG  . GLN A 1 49 ? -0.912  -7.222  8.897   1.00 20.67 ? 188 GLN A CG  1 
ATOM   417 C  CD  . GLN A 1 49 ? -0.542  -6.267  10.018  1.00 24.30 ? 188 GLN A CD  1 
ATOM   418 O  OE1 . GLN A 1 49 ? -1.405  -5.812  10.765  1.00 20.93 ? 188 GLN A OE1 1 
ATOM   419 N  NE2 . GLN A 1 49 ? 0.752   -5.955  10.136  1.00 26.31 ? 188 GLN A NE2 1 
ATOM   420 N  N   . HIS A 1 50 ? -3.510  -6.364  5.085   1.00 11.55 ? 189 HIS A N   1 
ATOM   421 C  CA  . HIS A 1 50 ? -4.598  -5.600  4.470   1.00 8.73  ? 189 HIS A CA  1 
ATOM   422 C  C   . HIS A 1 50 ? -4.973  -6.032  3.061   1.00 11.23 ? 189 HIS A C   1 
ATOM   423 O  O   . HIS A 1 50 ? -6.092  -5.785  2.602   1.00 11.40 ? 189 HIS A O   1 
ATOM   424 C  CB  . HIS A 1 50 ? -4.264  -4.118  4.476   1.00 8.25  ? 189 HIS A CB  1 
ATOM   425 C  CG  . HIS A 1 50 ? -4.017  -3.583  5.843   1.00 12.26 ? 189 HIS A CG  1 
ATOM   426 N  ND1 . HIS A 1 50 ? -5.037  -3.167  6.670   1.00 13.52 ? 189 HIS A ND1 1 
ATOM   427 C  CD2 . HIS A 1 50 ? -2.873  -3.435  6.550   1.00 13.69 ? 189 HIS A CD2 1 
ATOM   428 C  CE1 . HIS A 1 50 ? -4.528  -2.770  7.824   1.00 13.95 ? 189 HIS A CE1 1 
ATOM   429 N  NE2 . HIS A 1 50 ? -3.217  -2.921  7.778   1.00 13.61 ? 189 HIS A NE2 1 
ATOM   430 N  N   . PHE A 1 51 ? -4.032  -6.664  2.372   1.00 10.06 ? 190 PHE A N   1 
ATOM   431 C  CA  . PHE A 1 51 ? -4.286  -7.214  1.044   1.00 9.79  ? 190 PHE A CA  1 
ATOM   432 C  C   . PHE A 1 51 ? -3.858  -8.675  1.055   1.00 9.53  ? 190 PHE A C   1 
ATOM   433 O  O   . PHE A 1 51 ? -2.809  -9.022  0.537   1.00 11.45 ? 190 PHE A O   1 
ATOM   434 C  CB  . PHE A 1 51 ? -3.488  -6.447  -0.027  1.00 9.74  ? 190 PHE A CB  1 
ATOM   435 C  CG  . PHE A 1 51 ? -3.794  -4.975  -0.075  1.00 8.69  ? 190 PHE A CG  1 
ATOM   436 C  CD1 . PHE A 1 51 ? -4.828  -4.500  -0.866  1.00 8.81  ? 190 PHE A CD1 1 
ATOM   437 C  CD2 . PHE A 1 51 ? -3.036  -4.070  0.663   1.00 13.44 ? 190 PHE A CD2 1 
ATOM   438 C  CE1 . PHE A 1 51 ? -5.119  -3.130  -0.931  1.00 10.16 ? 190 PHE A CE1 1 
ATOM   439 C  CE2 . PHE A 1 51 ? -3.326  -2.695  0.613   1.00 12.79 ? 190 PHE A CE2 1 
ATOM   440 C  CZ  . PHE A 1 51 ? -4.375  -2.235  -0.185  1.00 12.99 ? 190 PHE A CZ  1 
ATOM   441 N  N   . PRO A 1 52 ? -4.669  -9.544  1.673   1.00 9.66  ? 191 PRO A N   1 
ATOM   442 C  CA  . PRO A 1 52 ? -4.232  -10.909 1.951   1.00 8.47  ? 191 PRO A CA  1 
ATOM   443 C  C   . PRO A 1 52 ? -3.843  -11.710 0.707   1.00 9.71  ? 191 PRO A C   1 
ATOM   444 O  O   . PRO A 1 52 ? -3.007  -12.589 0.816   1.00 11.97 ? 191 PRO A O   1 
ATOM   445 C  CB  . PRO A 1 52 ? -5.461  -11.545 2.607   1.00 15.87 ? 191 PRO A CB  1 
ATOM   446 C  CG  . PRO A 1 52 ? -6.618  -10.602 2.288   1.00 12.72 ? 191 PRO A CG  1 
ATOM   447 C  CD  . PRO A 1 52 ? -6.014  -9.260  2.206   1.00 11.17 ? 191 PRO A CD  1 
ATOM   448 N  N   . ASP A 1 53 ? -4.448  -11.409 -0.435  1.00 11.58 ? 192 ASP A N   1 
ATOM   449 C  CA  . ASP A 1 53 ? -4.243  -12.204 -1.637  1.00 12.76 ? 192 ASP A CA  1 
ATOM   450 C  C   . ASP A 1 53 ? -3.161  -11.619 -2.537  1.00 11.64 ? 192 ASP A C   1 
ATOM   451 O  O   . ASP A 1 53 ? -2.998  -12.070 -3.671  1.00 15.08 ? 192 ASP A O   1 
ATOM   452 C  CB  . ASP A 1 53 ? -5.537  -12.288 -2.452  1.00 13.26 ? 192 ASP A CB  1 
ATOM   453 C  CG  . ASP A 1 53 ? -6.665  -12.941 -1.695  1.00 21.21 ? 192 ASP A CG  1 
ATOM   454 O  OD1 . ASP A 1 53 ? -6.437  -13.990 -1.064  1.00 22.69 ? 192 ASP A OD1 1 
ATOM   455 O  OD2 . ASP A 1 53 ? -7.794  -12.409 -1.745  1.00 24.35 ? 192 ASP A OD2 1 
HETATM 456 N  N   A MSE A 1 54 ? -2.428  -10.640 -2.011  0.34 11.64 ? 193 MSE A N   1 
HETATM 457 N  N   B MSE A 1 54 ? -2.410  -10.643 -2.040  0.66 10.16 ? 193 MSE A N   1 
HETATM 458 C  CA  A MSE A 1 54 ? -1.449  -9.867  -2.776  0.34 13.76 ? 193 MSE A CA  1 
HETATM 459 C  CA  B MSE A 1 54 ? -1.508  -9.875  -2.904  0.66 12.96 ? 193 MSE A CA  1 
HETATM 460 C  C   A MSE A 1 54 ? -0.486  -10.715 -3.597  0.34 14.51 ? 193 MSE A C   1 
HETATM 461 C  C   B MSE A 1 54 ? -0.460  -10.719 -3.636  0.66 14.07 ? 193 MSE A C   1 
HETATM 462 O  O   A MSE A 1 54 ? -0.313  -10.501 -4.799  0.34 17.67 ? 193 MSE A O   1 
HETATM 463 O  O   B MSE A 1 54 ? -0.201  -10.506 -4.823  0.66 13.00 ? 193 MSE A O   1 
HETATM 464 C  CB  A MSE A 1 54 ? -0.634  -8.973  -1.836  0.34 12.84 ? 193 MSE A CB  1 
HETATM 465 C  CB  B MSE A 1 54 ? -0.818  -8.766  -2.113  0.66 15.46 ? 193 MSE A CB  1 
HETATM 466 C  CG  A MSE A 1 54 ? 0.550   -8.304  -2.511  0.34 19.70 ? 193 MSE A CG  1 
HETATM 467 C  CG  B MSE A 1 54 ? 0.199   -7.972  -2.916  0.66 20.90 ? 193 MSE A CG  1 
HETATM 468 SE SE  A MSE A 1 54 ? 1.412   -6.962  -1.380  0.34 17.91 ? 193 MSE A SE  1 
HETATM 469 SE SE  B MSE A 1 54 ? 1.078   -6.694  -1.729  0.66 44.34 ? 193 MSE A SE  1 
HETATM 470 C  CE  A MSE A 1 54 ? 2.402   -8.134  -0.201  0.34 9.59  ? 193 MSE A CE  1 
HETATM 471 C  CE  B MSE A 1 54 ? 0.619   -7.625  -0.095  0.66 8.01  ? 193 MSE A CE  1 
ATOM   472 N  N   . LEU A 1 55 ? 0.151   -11.673 -2.938  1.00 14.07 ? 194 LEU A N   1 
ATOM   473 C  CA  . LEU A 1 55 ? 1.234   -12.427 -3.569  1.00 14.80 ? 194 LEU A CA  1 
ATOM   474 C  C   . LEU A 1 55 ? 0.812   -13.264 -4.781  1.00 16.38 ? 194 LEU A C   1 
ATOM   475 O  O   . LEU A 1 55 ? 1.435   -13.164 -5.839  1.00 19.74 ? 194 LEU A O   1 
ATOM   476 C  CB  . LEU A 1 55 ? 2.068   -13.217 -2.551  1.00 15.52 ? 194 LEU A CB  1 
ATOM   477 C  CG  . LEU A 1 55 ? 2.736   -12.341 -1.485  1.00 16.45 ? 194 LEU A CG  1 
ATOM   478 C  CD1 . LEU A 1 55 ? 3.686   -13.138 -0.606  1.00 18.49 ? 194 LEU A CD1 1 
ATOM   479 C  CD2 . LEU A 1 55 ? 3.485   -11.163 -2.123  1.00 20.90 ? 194 LEU A CD2 1 
ATOM   480 N  N   . PRO A 1 56 ? -0.236  -14.095 -4.643  1.00 16.56 ? 195 PRO A N   1 
ATOM   481 C  CA  . PRO A 1 56 ? -0.673  -14.845 -5.823  1.00 18.22 ? 195 PRO A CA  1 
ATOM   482 C  C   . PRO A 1 56 ? -1.585  -14.045 -6.758  1.00 17.93 ? 195 PRO A C   1 
ATOM   483 O  O   . PRO A 1 56 ? -1.657  -14.388 -7.936  1.00 19.90 ? 195 PRO A O   1 
ATOM   484 C  CB  . PRO A 1 56 ? -1.440  -16.033 -5.224  1.00 19.44 ? 195 PRO A CB  1 
ATOM   485 C  CG  . PRO A 1 56 ? -1.948  -15.506 -3.898  1.00 16.82 ? 195 PRO A CG  1 
ATOM   486 C  CD  . PRO A 1 56 ? -0.859  -14.596 -3.405  1.00 17.69 ? 195 PRO A CD  1 
ATOM   487 N  N   . CYS A 1 57 ? -2.256  -13.003 -6.263  1.00 16.89 ? 196 CYS A N   1 
ATOM   488 C  CA  . CYS A 1 57 ? -3.299  -12.373 -7.070  1.00 17.26 ? 196 CYS A CA  1 
ATOM   489 C  C   . CYS A 1 57 ? -3.125  -10.904 -7.402  1.00 18.78 ? 196 CYS A C   1 
ATOM   490 O  O   . CYS A 1 57 ? -3.947  -10.342 -8.132  1.00 21.57 ? 196 CYS A O   1 
ATOM   491 C  CB  . CYS A 1 57 ? -4.683  -12.568 -6.434  1.00 14.95 ? 196 CYS A CB  1 
ATOM   492 S  SG  . CYS A 1 57 ? -5.065  -14.222 -5.985  1.00 18.93 ? 196 CYS A SG  1 
ATOM   493 N  N   . GLY A 1 58 ? -2.097  -10.260 -6.868  1.00 21.18 ? 197 GLY A N   1 
ATOM   494 C  CA  . GLY A 1 58 ? -1.972  -8.825  -7.064  1.00 19.97 ? 197 GLY A CA  1 
ATOM   495 C  C   . GLY A 1 58 ? -2.988  -8.015  -6.275  1.00 19.02 ? 197 GLY A C   1 
ATOM   496 O  O   . GLY A 1 58 ? -3.660  -8.530  -5.380  1.00 14.76 ? 197 GLY A O   1 
ATOM   497 N  N   . ILE A 1 59 ? -3.088  -6.731  -6.604  1.00 12.69 ? 198 ILE A N   1 
ATOM   498 C  CA  . ILE A 1 59 ? -4.023  -5.831  -5.945  1.00 12.64 ? 198 ILE A CA  1 
ATOM   499 C  C   . ILE A 1 59 ? -4.863  -5.118  -7.002  1.00 19.76 ? 198 ILE A C   1 
ATOM   500 O  O   . ILE A 1 59 ? -4.339  -4.654  -8.014  1.00 17.81 ? 198 ILE A O   1 
ATOM   501 C  CB  . ILE A 1 59 ? -3.304  -4.810  -5.045  1.00 13.83 ? 198 ILE A CB  1 
ATOM   502 C  CG1 . ILE A 1 59 ? -2.649  -5.511  -3.847  1.00 13.43 ? 198 ILE A CG1 1 
ATOM   503 C  CG2 . ILE A 1 59 ? -4.288  -3.732  -4.549  1.00 15.54 ? 198 ILE A CG2 1 
ATOM   504 C  CD1 . ILE A 1 59 ? -1.740  -4.589  -3.024  1.00 15.13 ? 198 ILE A CD1 1 
ATOM   505 N  N   . ASP A 1 60 ? -6.168  -5.040  -6.765  1.00 15.30 ? 199 ASP A N   1 
ATOM   506 C  CA  . ASP A 1 60 ? -7.109  -4.502  -7.748  1.00 18.55 ? 199 ASP A CA  1 
ATOM   507 C  C   . ASP A 1 60 ? -7.192  -2.994  -7.591  1.00 14.81 ? 199 ASP A C   1 
ATOM   508 O  O   . ASP A 1 60 ? -7.627  -2.510  -6.557  1.00 15.57 ? 199 ASP A O   1 
ATOM   509 C  CB  . ASP A 1 60 ? -8.482  -5.124  -7.498  1.00 20.44 ? 199 ASP A CB  1 
ATOM   510 C  CG  . ASP A 1 60 ? -9.554  -4.608  -8.431  1.00 26.64 ? 199 ASP A CG  1 
ATOM   511 O  OD1 . ASP A 1 60 ? -9.241  -3.853  -9.372  1.00 23.51 ? 199 ASP A OD1 1 
ATOM   512 O  OD2 . ASP A 1 60 ? -10.728 -4.976  -8.220  1.00 31.58 ? 199 ASP A OD2 1 
ATOM   513 N  N   A ARG A 1 61 ? -6.776  -2.249  -8.609  0.51 15.19 ? 200 ARG A N   1 
ATOM   514 N  N   B ARG A 1 61 ? -6.802  -2.265  -8.635  0.49 15.08 ? 200 ARG A N   1 
ATOM   515 C  CA  A ARG A 1 61 ? -6.737  -0.796  -8.484  0.51 16.06 ? 200 ARG A CA  1 
ATOM   516 C  CA  B ARG A 1 61 ? -6.735  -0.806  -8.580  0.49 17.19 ? 200 ARG A CA  1 
ATOM   517 C  C   A ARG A 1 61 ? -8.124  -0.203  -8.237  0.51 15.15 ? 200 ARG A C   1 
ATOM   518 C  C   B ARG A 1 61 ? -8.110  -0.163  -8.383  0.49 16.62 ? 200 ARG A C   1 
ATOM   519 O  O   A ARG A 1 61 ? -8.247  0.906   -7.717  0.51 15.33 ? 200 ARG A O   1 
ATOM   520 O  O   B ARG A 1 61 ? -8.214  1.014   -8.043  0.49 14.54 ? 200 ARG A O   1 
ATOM   521 C  CB  A ARG A 1 61 ? -6.111  -0.155  -9.730  0.51 19.48 ? 200 ARG A CB  1 
ATOM   522 C  CB  B ARG A 1 61 ? -6.085  -0.252  -9.860  0.49 19.57 ? 200 ARG A CB  1 
ATOM   523 C  CG  A ARG A 1 61 ? -6.793  -0.522  -11.028 0.51 21.16 ? 200 ARG A CG  1 
ATOM   524 C  CG  B ARG A 1 61 ? -6.980  -0.315  -11.087 0.49 22.23 ? 200 ARG A CG  1 
ATOM   525 C  CD  A ARG A 1 61 ? -6.501  0.511   -12.103 0.51 27.96 ? 200 ARG A CD  1 
ATOM   526 C  CD  B ARG A 1 61 ? -6.234  0.072   -12.368 0.49 27.29 ? 200 ARG A CD  1 
ATOM   527 N  NE  A ARG A 1 61 ? -5.122  0.983   -12.047 0.51 25.07 ? 200 ARG A NE  1 
ATOM   528 N  NE  B ARG A 1 61 ? -5.208  -0.901  -12.722 0.49 30.25 ? 200 ARG A NE  1 
ATOM   529 C  CZ  A ARG A 1 61 ? -4.136  0.505   -12.797 0.51 28.91 ? 200 ARG A CZ  1 
ATOM   530 C  CZ  B ARG A 1 61 ? -5.417  -1.957  -13.503 0.49 30.93 ? 200 ARG A CZ  1 
ATOM   531 N  NH1 A ARG A 1 61 ? -2.913  1.001   -12.679 0.51 20.97 ? 200 ARG A NH1 1 
ATOM   532 N  NH1 B ARG A 1 61 ? -4.420  -2.792  -13.768 0.49 34.37 ? 200 ARG A NH1 1 
ATOM   533 N  NH2 A ARG A 1 61 ? -4.375  -0.466  -13.670 0.51 32.79 ? 200 ARG A NH2 1 
ATOM   534 N  NH2 B ARG A 1 61 ? -6.618  -2.179  -14.020 0.49 26.42 ? 200 ARG A NH2 1 
ATOM   535 N  N   . ASN A 1 62 ? -9.162  -0.936  -8.627  1.00 16.44 ? 201 ASN A N   1 
ATOM   536 C  CA  . ASN A 1 62 ? -10.528 -0.450  -8.475  1.00 14.31 ? 201 ASN A CA  1 
ATOM   537 C  C   . ASN A 1 62 ? -11.131 -0.730  -7.105  1.00 16.93 ? 201 ASN A C   1 
ATOM   538 O  O   . ASN A 1 62 ? -12.242 -0.288  -6.812  1.00 18.17 ? 201 ASN A O   1 
ATOM   539 C  CB  . ASN A 1 62 ? -11.421 -1.046  -9.558  1.00 19.87 ? 201 ASN A CB  1 
ATOM   540 C  CG  . ASN A 1 62 ? -11.015 -0.606  -10.949 1.00 29.05 ? 201 ASN A CG  1 
ATOM   541 O  OD1 . ASN A 1 62 ? -10.722 0.566   -11.179 1.00 35.23 ? 201 ASN A OD1 1 
ATOM   542 N  ND2 . ASN A 1 62 ? -10.982 -1.552  -11.882 1.00 39.19 ? 201 ASN A ND2 1 
ATOM   543 N  N   . SER A 1 63 ? -10.417 -1.453  -6.252  1.00 16.21 ? 202 SER A N   1 
ATOM   544 C  CA  . SER A 1 63 ? -10.982 -1.745  -4.937  1.00 14.01 ? 202 SER A CA  1 
ATOM   545 C  C   . SER A 1 63 ? -10.993 -0.496  -4.079  1.00 13.97 ? 202 SER A C   1 
ATOM   546 O  O   . SER A 1 63 ? -10.110 0.349   -4.203  1.00 13.83 ? 202 SER A O   1 
ATOM   547 C  CB  . SER A 1 63 ? -10.213 -2.859  -4.239  1.00 18.62 ? 202 SER A CB  1 
ATOM   548 O  OG  . SER A 1 63 ? -8.941  -2.394  -3.826  1.00 20.20 ? 202 SER A OG  1 
ATOM   549 N  N   . GLU A 1 64 ? -11.990 -0.376  -3.207  1.00 11.44 ? 203 GLU A N   1 
ATOM   550 C  CA  . GLU A 1 64 ? -12.076 0.799   -2.336  1.00 11.12 ? 203 GLU A CA  1 
ATOM   551 C  C   . GLU A 1 64 ? -10.803 1.009   -1.530  1.00 10.90 ? 203 GLU A C   1 
ATOM   552 O  O   . GLU A 1 64 ? -10.344 2.146   -1.348  1.00 10.10 ? 203 GLU A O   1 
ATOM   553 C  CB  . GLU A 1 64 ? -13.291 0.711   -1.400  1.00 16.40 ? 203 GLU A CB  1 
ATOM   554 C  CG  . GLU A 1 64 ? -14.613 1.047   -2.055  1.00 27.06 ? 203 GLU A CG  1 
ATOM   555 C  CD  . GLU A 1 64 ? -15.771 0.951   -1.076  1.00 41.57 ? 203 GLU A CD  1 
ATOM   556 O  OE1 . GLU A 1 64 ? -15.562 0.397   0.029   1.00 43.88 ? 203 GLU A OE1 1 
ATOM   557 O  OE2 . GLU A 1 64 ? -16.878 1.430   -1.409  1.00 46.37 ? 203 GLU A OE2 1 
ATOM   558 N  N   . LEU A 1 65 ? -10.210 -0.079  -1.039  1.00 11.91 ? 204 LEU A N   1 
ATOM   559 C  CA  . LEU A 1 65 ? -9.020  0.064   -0.204  1.00 11.02 ? 204 LEU A CA  1 
ATOM   560 C  C   . LEU A 1 65 ? -7.828  0.507   -1.032  1.00 8.64  ? 204 LEU A C   1 
ATOM   561 O  O   . LEU A 1 65 ? -7.045  1.346   -0.589  1.00 10.61 ? 204 LEU A O   1 
ATOM   562 C  CB  . LEU A 1 65 ? -8.710  -1.240  0.548   1.00 11.13 ? 204 LEU A CB  1 
ATOM   563 C  CG  . LEU A 1 65 ? -7.530  -1.133  1.521   1.00 10.96 ? 204 LEU A CG  1 
ATOM   564 C  CD1 . LEU A 1 65 ? -7.816  -0.099  2.634   1.00 14.38 ? 204 LEU A CD1 1 
ATOM   565 C  CD2 . LEU A 1 65 ? -7.248  -2.506  2.145   1.00 11.50 ? 204 LEU A CD2 1 
ATOM   566 N  N   . ALA A 1 66 ? -7.671  -0.043  -2.232  1.00 9.26  ? 205 ALA A N   1 
ATOM   567 C  CA  . ALA A 1 66 ? -6.547  0.379   -3.066  1.00 9.48  ? 205 ALA A CA  1 
ATOM   568 C  C   . ALA A 1 66 ? -6.664  1.851   -3.429  1.00 9.98  ? 205 ALA A C   1 
ATOM   569 O  O   . ALA A 1 66 ? -5.661  2.572   -3.469  1.00 11.82 ? 205 ALA A O   1 
ATOM   570 C  CB  . ALA A 1 66 ? -6.447  -0.478  -4.321  1.00 12.06 ? 205 ALA A CB  1 
ATOM   571 N  N   . ILE A 1 67 ? -7.886  2.303   -3.711  1.00 10.28 ? 206 ILE A N   1 
ATOM   572 C  CA  . ILE A 1 67 ? -8.100  3.709   -4.026  1.00 10.20 ? 206 ILE A CA  1 
ATOM   573 C  C   . ILE A 1 67 ? -7.762  4.562   -2.808  1.00 12.12 ? 206 ILE A C   1 
ATOM   574 O  O   . ILE A 1 67 ? -7.053  5.566   -2.917  1.00 9.96  ? 206 ILE A O   1 
ATOM   575 C  CB  . ILE A 1 67 ? -9.562  3.971   -4.456  1.00 9.75  ? 206 ILE A CB  1 
ATOM   576 C  CG1 . ILE A 1 67 ? -9.847  3.303   -5.789  1.00 11.35 ? 206 ILE A CG1 1 
ATOM   577 C  CG2 . ILE A 1 67 ? -9.849  5.468   -4.534  1.00 10.08 ? 206 ILE A CG2 1 
ATOM   578 C  CD1 . ILE A 1 67 ? -11.328 3.278   -6.176  1.00 15.64 ? 206 ILE A CD1 1 
ATOM   579 N  N   . ALA A 1 68 ? -8.283  4.178   -1.648  1.00 8.98  ? 207 ALA A N   1 
ATOM   580 C  CA  . ALA A 1 68 ? -8.029  4.952   -0.431  1.00 9.45  ? 207 ALA A CA  1 
ATOM   581 C  C   . ALA A 1 68 ? -6.547  4.986   -0.098  1.00 8.49  ? 207 ALA A C   1 
ATOM   582 O  O   . ALA A 1 68 ? -6.041  6.004   0.350   1.00 9.32  ? 207 ALA A O   1 
ATOM   583 C  CB  . ALA A 1 68 ? -8.835  4.391   0.758   1.00 11.14 ? 207 ALA A CB  1 
ATOM   584 N  N   . LEU A 1 69 ? -5.842  3.881   -0.312  1.00 8.51  ? 208 LEU A N   1 
ATOM   585 C  CA  . LEU A 1 69 ? -4.414  3.870   -0.014  1.00 9.24  ? 208 LEU A CA  1 
ATOM   586 C  C   . LEU A 1 69 ? -3.624  4.746   -0.982  1.00 8.19  ? 208 LEU A C   1 
ATOM   587 O  O   . LEU A 1 69 ? -2.698  5.473   -0.577  1.00 10.37 ? 208 LEU A O   1 
ATOM   588 C  CB  . LEU A 1 69 ? -3.855  2.429   0.007   1.00 9.73  ? 208 LEU A CB  1 
ATOM   589 C  CG  . LEU A 1 69 ? -2.365  2.366   0.366   1.00 10.12 ? 208 LEU A CG  1 
ATOM   590 C  CD1 . LEU A 1 69 ? -2.112  2.982   1.743   1.00 10.43 ? 208 LEU A CD1 1 
ATOM   591 C  CD2 . LEU A 1 69 ? -1.877  0.912   0.347   1.00 10.11 ? 208 LEU A CD2 1 
ATOM   592 N  N   A ARG A 1 70 ? -3.984  4.666   -2.259  0.45 9.15  ? 209 ARG A N   1 
ATOM   593 N  N   B ARG A 1 70 ? -3.960  4.696   -2.265  0.55 10.17 ? 209 ARG A N   1 
ATOM   594 C  CA  A ARG A 1 70 ? -3.415  5.522   -3.293  0.45 8.89  ? 209 ARG A CA  1 
ATOM   595 C  CA  B ARG A 1 70 ? -3.274  5.566   -3.214  0.55 7.04  ? 209 ARG A CA  1 
ATOM   596 C  C   A ARG A 1 70 ? -3.525  6.991   -2.878  0.45 8.58  ? 209 ARG A C   1 
ATOM   597 C  C   B ARG A 1 70 ? -3.489  7.032   -2.823  0.55 8.81  ? 209 ARG A C   1 
ATOM   598 O  O   A ARG A 1 70 ? -2.555  7.761   -2.955  0.45 10.83 ? 209 ARG A O   1 
ATOM   599 O  O   B ARG A 1 70 ? -2.555  7.850   -2.877  0.55 8.30  ? 209 ARG A O   1 
ATOM   600 C  CB  A ARG A 1 70 ? -4.186  5.274   -4.593  0.45 11.74 ? 209 ARG A CB  1 
ATOM   601 C  CB  B ARG A 1 70 ? -3.754  5.306   -4.641  0.55 12.39 ? 209 ARG A CB  1 
ATOM   602 C  CG  A ARG A 1 70 ? -3.619  5.914   -5.823  0.45 21.04 ? 209 ARG A CG  1 
ATOM   603 C  CG  B ARG A 1 70 ? -2.782  5.793   -5.682  0.55 24.59 ? 209 ARG A CG  1 
ATOM   604 C  CD  A ARG A 1 70 ? -4.148  5.193   -7.059  0.45 18.03 ? 209 ARG A CD  1 
ATOM   605 C  CD  B ARG A 1 70 ? -3.508  6.238   -6.931  0.55 25.40 ? 209 ARG A CD  1 
ATOM   606 N  NE  A ARG A 1 70 ? -5.555  5.493   -7.316  0.45 15.27 ? 209 ARG A NE  1 
ATOM   607 N  NE  B ARG A 1 70 ? -3.207  5.448   -8.119  0.55 28.34 ? 209 ARG A NE  1 
ATOM   608 C  CZ  A ARG A 1 70 ? -6.510  4.582   -7.488  0.45 23.21 ? 209 ARG A CZ  1 
ATOM   609 C  CZ  B ARG A 1 70 ? -2.007  4.985   -8.458  0.55 26.61 ? 209 ARG A CZ  1 
ATOM   610 N  NH1 A ARG A 1 70 ? -7.752  4.974   -7.731  0.45 29.05 ? 209 ARG A NH1 1 
ATOM   611 N  NH1 B ARG A 1 70 ? -0.932  5.205   -7.696  0.55 11.73 ? 209 ARG A NH1 1 
ATOM   612 N  NH2 A ARG A 1 70 ? -6.235  3.282   -7.418  0.45 12.63 ? 209 ARG A NH2 1 
ATOM   613 N  NH2 B ARG A 1 70 ? -1.894  4.279   -9.577  0.55 14.35 ? 209 ARG A NH2 1 
ATOM   614 N  N   . GLU A 1 71 ? -4.719  7.367   -2.434  1.00 9.97  ? 210 GLU A N   1 
ATOM   615 C  CA  . GLU A 1 71 ? -5.005  8.736   -2.000  1.00 9.59  ? 210 GLU A CA  1 
ATOM   616 C  C   . GLU A 1 71 ? -4.177  9.111   -0.785  1.00 10.32 ? 210 GLU A C   1 
ATOM   617 O  O   . GLU A 1 71 ? -3.624  10.216  -0.716  1.00 10.88 ? 210 GLU A O   1 
ATOM   618 C  CB  . GLU A 1 71 ? -6.494  8.901   -1.675  1.00 7.25  ? 210 GLU A CB  1 
ATOM   619 C  CG  . GLU A 1 71 ? -7.366  8.818   -2.917  1.00 8.41  ? 210 GLU A CG  1 
ATOM   620 C  CD  . GLU A 1 71 ? -8.847  8.745   -2.575  1.00 11.43 ? 210 GLU A CD  1 
ATOM   621 O  OE1 . GLU A 1 71 ? -9.174  8.671   -1.363  1.00 16.70 ? 210 GLU A OE1 1 
ATOM   622 O  OE2 . GLU A 1 71 ? -9.656  8.752   -3.524  1.00 13.60 ? 210 GLU A OE2 1 
ATOM   623 N  N   . ALA A 1 72 ? -4.108  8.198   0.182   1.00 8.31  ? 211 ALA A N   1 
ATOM   624 C  CA  . ALA A 1 72 ? -3.391  8.470   1.424   1.00 8.83  ? 211 ALA A CA  1 
ATOM   625 C  C   . ALA A 1 72 ? -1.887  8.618   1.204   1.00 12.09 ? 211 ALA A C   1 
ATOM   626 O  O   . ALA A 1 72 ? -1.248  9.487   1.807   1.00 10.12 ? 211 ALA A O   1 
ATOM   627 C  CB  . ALA A 1 72 ? -3.680  7.373   2.441   1.00 10.54 ? 211 ALA A CB  1 
ATOM   628 N  N   . LEU A 1 73 ? -1.311  7.749   0.374   1.00 8.82  ? 212 LEU A N   1 
ATOM   629 C  CA  . LEU A 1 73 ? 0.116   7.859   0.082   1.00 5.78  ? 212 LEU A CA  1 
ATOM   630 C  C   . LEU A 1 73 ? 0.428   9.140   -0.650  1.00 8.61  ? 212 LEU A C   1 
ATOM   631 O  O   . LEU A 1 73 ? 1.448   9.778   -0.398  1.00 11.51 ? 212 LEU A O   1 
ATOM   632 C  CB  . LEU A 1 73 ? 0.602   6.646   -0.738  1.00 8.95  ? 212 LEU A CB  1 
ATOM   633 C  CG  . LEU A 1 73 ? 0.631   5.351   0.062   1.00 9.19  ? 212 LEU A CG  1 
ATOM   634 C  CD1 . LEU A 1 73 ? 0.779   4.175   -0.900  1.00 10.69 ? 212 LEU A CD1 1 
ATOM   635 C  CD2 . LEU A 1 73 ? 1.766   5.361   1.096   1.00 12.77 ? 212 LEU A CD2 1 
ATOM   636 N  N   . ARG A 1 74 ? -0.438  9.533   -1.581  1.00 9.40  ? 213 ARG A N   1 
ATOM   637 C  CA  . ARG A 1 74 ? -0.204  10.777  -2.315  1.00 9.15  ? 213 ARG A CA  1 
ATOM   638 C  C   . ARG A 1 74 ? -0.251  11.997  -1.398  1.00 12.69 ? 213 ARG A C   1 
ATOM   639 O  O   . ARG A 1 74 ? 0.592   12.891  -1.499  1.00 12.34 ? 213 ARG A O   1 
ATOM   640 C  CB  . ARG A 1 74 ? -1.207  10.932  -3.464  1.00 10.72 ? 213 ARG A CB  1 
ATOM   641 C  CG  . ARG A 1 74 ? -1.267  12.334  -4.057  1.00 10.80 ? 213 ARG A CG  1 
ATOM   642 C  CD  . ARG A 1 74 ? -2.193  12.372  -5.272  1.00 13.88 ? 213 ARG A CD  1 
ATOM   643 N  NE  . ARG A 1 74 ? -3.539  11.905  -4.944  1.00 16.24 ? 213 ARG A NE  1 
ATOM   644 C  CZ  . ARG A 1 74 ? -4.471  11.646  -5.856  1.00 24.75 ? 213 ARG A CZ  1 
ATOM   645 N  NH1 . ARG A 1 74 ? -5.673  11.215  -5.484  1.00 21.18 ? 213 ARG A NH1 1 
ATOM   646 N  NH2 . ARG A 1 74 ? -4.192  11.811  -7.143  1.00 28.40 ? 213 ARG A NH2 1 
ATOM   647 N  N   . ARG A 1 75 ? -1.229  12.021  -0.498  1.00 11.41 ? 214 ARG A N   1 
ATOM   648 C  CA  . ARG A 1 75 ? -1.361  13.162  0.409   1.00 9.40  ? 214 ARG A CA  1 
ATOM   649 C  C   . ARG A 1 75 ? -0.195  13.208  1.383   1.00 11.45 ? 214 ARG A C   1 
ATOM   650 O  O   . ARG A 1 75 ? 0.338   14.287  1.666   1.00 13.50 ? 214 ARG A O   1 
ATOM   651 C  CB  . ARG A 1 75 ? -2.686  13.097  1.170   1.00 10.92 ? 214 ARG A CB  1 
ATOM   652 C  CG  . ARG A 1 75 ? -2.892  14.288  2.112   1.00 15.24 ? 214 ARG A CG  1 
ATOM   653 C  CD  . ARG A 1 75 ? -4.374  14.455  2.449   1.00 16.77 ? 214 ARG A CD  1 
ATOM   654 N  NE  . ARG A 1 75 ? -5.146  14.842  1.266   1.00 13.96 ? 214 ARG A NE  1 
ATOM   655 C  CZ  . ARG A 1 75 ? -6.016  14.050  0.633   1.00 13.99 ? 214 ARG A CZ  1 
ATOM   656 N  NH1 . ARG A 1 75 ? -6.247  12.820  1.058   1.00 15.61 ? 214 ARG A NH1 1 
ATOM   657 N  NH2 . ARG A 1 75 ? -6.652  14.504  -0.446  1.00 13.81 ? 214 ARG A NH2 1 
ATOM   658 N  N   . ALA A 1 76 ? 0.212   12.048  1.881   1.00 8.17  ? 215 ALA A N   1 
ATOM   659 C  CA  . ALA A 1 76 ? 1.361   11.996  2.806   1.00 9.54  ? 215 ALA A CA  1 
ATOM   660 C  C   . ALA A 1 76 ? 2.667   12.406  2.136   1.00 17.10 ? 215 ALA A C   1 
ATOM   661 O  O   . ALA A 1 76 ? 3.560   12.982  2.774   1.00 21.18 ? 215 ALA A O   1 
ATOM   662 C  CB  . ALA A 1 76 ? 1.493   10.630  3.417   1.00 11.96 ? 215 ALA A CB  1 
ATOM   663 N  N   . ASP A 1 77 ? 2.791   12.099  0.851   1.00 12.96 ? 216 ASP A N   1 
ATOM   664 C  CA  . ASP A 1 77 ? 4.017   12.414  0.106   1.00 15.68 ? 216 ASP A CA  1 
ATOM   665 C  C   . ASP A 1 77 ? 4.007   13.837  -0.463  1.00 25.93 ? 216 ASP A C   1 
ATOM   666 O  O   . ASP A 1 77 ? 4.986   14.287  -1.043  1.00 28.64 ? 216 ASP A O   1 
ATOM   667 C  CB  . ASP A 1 77 ? 4.186   11.393  -1.029  1.00 13.35 ? 216 ASP A CB  1 
ATOM   668 C  CG  . ASP A 1 77 ? 5.507   11.516  -1.760  1.00 18.95 ? 216 ASP A CG  1 
ATOM   669 O  OD1 . ASP A 1 77 ? 6.535   11.814  -1.113  1.00 19.13 ? 216 ASP A OD1 1 
ATOM   670 O  OD2 . ASP A 1 77 ? 5.522   11.306  -2.999  1.00 16.12 ? 216 ASP A OD2 1 
ATOM   671 N  N   A SER A 1 78 ? 2.892   14.540  -0.288  0.52 30.15 ? 217 SER A N   1 
ATOM   672 N  N   B SER A 1 78 ? 2.894   14.543  -0.286  0.48 30.13 ? 217 SER A N   1 
ATOM   673 C  CA  A SER A 1 78 ? 2.731   15.865  -0.871  0.52 33.09 ? 217 SER A CA  1 
ATOM   674 C  CA  B SER A 1 78 ? 2.753   15.890  -0.829  0.48 33.00 ? 217 SER A CA  1 
ATOM   675 C  C   A SER A 1 78 ? 2.886   16.967  0.172   0.52 37.29 ? 217 SER A C   1 
ATOM   676 C  C   B SER A 1 78 ? 3.164   16.947  0.190   0.48 38.37 ? 217 SER A C   1 
ATOM   677 O  O   A SER A 1 78 ? 3.329   18.074  -0.143  0.52 40.68 ? 217 SER A O   1 
ATOM   678 O  O   B SER A 1 78 ? 3.378   18.110  -0.161  0.48 40.60 ? 217 SER A O   1 
ATOM   679 C  CB  A SER A 1 78 ? 1.371   15.974  -1.566  0.52 37.43 ? 217 SER A CB  1 
ATOM   680 C  CB  B SER A 1 78 ? 1.314   16.138  -1.293  0.48 35.66 ? 217 SER A CB  1 
ATOM   681 O  OG  A SER A 1 78 ? 1.278   15.049  -2.640  0.52 35.55 ? 217 SER A OG  1 
ATOM   682 O  OG  B SER A 1 78 ? 0.429   16.236  -0.193  0.48 34.13 ? 217 SER A OG  1 
HETATM 683 S  S   . SO4 B 2 .  ? -0.509  8.972   -7.854  1.00 27.34 ? 1   SO4 A S   1 
HETATM 684 O  O1  . SO4 B 2 .  ? -1.806  8.413   -7.518  1.00 34.23 ? 1   SO4 A O1  1 
HETATM 685 O  O2  . SO4 B 2 .  ? 0.412   8.809   -6.739  1.00 36.03 ? 1   SO4 A O2  1 
HETATM 686 O  O3  . SO4 B 2 .  ? 0.003   8.255   -9.016  1.00 38.25 ? 1   SO4 A O3  1 
HETATM 687 O  O4  . SO4 B 2 .  ? -0.666  10.391  -8.143  1.00 47.05 ? 1   SO4 A O4  1 
HETATM 688 S  S   . SO4 C 2 .  ? -6.529  8.577   -8.300  0.46 23.19 ? 2   SO4 A S   1 
HETATM 689 O  O1  . SO4 C 2 .  ? -6.003  9.355   -9.414  0.42 20.33 ? 2   SO4 A O1  1 
HETATM 690 O  O2  . SO4 C 2 .  ? -7.298  7.434   -8.775  0.55 23.35 ? 2   SO4 A O2  1 
HETATM 691 O  O3  . SO4 C 2 .  ? -5.417  8.094   -7.481  0.64 32.30 ? 2   SO4 A O3  1 
HETATM 692 O  O4  . SO4 C 2 .  ? -7.364  9.442   -7.474  0.37 20.49 ? 2   SO4 A O4  1 
HETATM 693 S  S   . SO4 D 2 .  ? 3.126   14.835  -6.579  1.00 69.60 ? 4   SO4 A S   1 
HETATM 694 O  O1  . SO4 D 2 .  ? 1.723   14.566  -6.895  1.00 63.96 ? 4   SO4 A O1  1 
HETATM 695 O  O2  . SO4 D 2 .  ? 3.289   14.993  -5.133  1.00 65.35 ? 4   SO4 A O2  1 
HETATM 696 O  O3  . SO4 D 2 .  ? 3.949   13.722  -7.047  1.00 72.94 ? 4   SO4 A O3  1 
HETATM 697 O  O4  . SO4 D 2 .  ? 3.561   16.058  -7.251  1.00 72.50 ? 4   SO4 A O4  1 
HETATM 698 CL CL  . CL  E 3 .  ? -6.045  -8.951  -1.223  1.00 25.75 ? 234 CL  A CL  1 
HETATM 699 CL CL  . CL  F 3 .  ? 7.539   -12.506 9.517   1.00 40.30 ? 235 CL  A CL  1 
HETATM 700 CL CL  . CL  G 3 .  ? -14.049 -2.957  -3.086  1.00 45.06 ? 3   CL  A CL  1 
HETATM 701 CL CL  . CL  H 3 .  ? 5.300   7.168   -12.834 1.00 74.54 ? 236 CL  A CL  1 
HETATM 702 O  O   . HOH I 4 .  ? -1.764  -13.457 3.154   1.00 11.43 ? 7   HOH A O   1 
HETATM 703 O  O   . HOH I 4 .  ? -7.572  7.783   1.813   1.00 15.00 ? 8   HOH A O   1 
HETATM 704 O  O   . HOH I 4 .  ? -4.380  12.514  -2.241  1.00 12.12 ? 9   HOH A O   1 
HETATM 705 O  O   . HOH I 4 .  ? 0.508   4.994   -5.073  1.00 15.05 ? 10  HOH A O   1 
HETATM 706 O  O   . HOH I 4 .  ? -2.382  10.721  4.071   1.00 12.36 ? 11  HOH A O   1 
HETATM 707 O  O   . HOH I 4 .  ? -13.982 5.409   4.425   1.00 17.95 ? 13  HOH A O   1 
HETATM 708 O  O   . HOH I 4 .  ? -0.335  7.403   -4.455  1.00 15.69 ? 14  HOH A O   1 
HETATM 709 O  O   . HOH I 4 .  ? -0.635  -12.998 -0.424  1.00 11.90 ? 16  HOH A O   1 
HETATM 710 O  O   . HOH I 4 .  ? 10.389  1.943   2.050   1.00 19.66 ? 17  HOH A O   1 
HETATM 711 O  O   . HOH I 4 .  ? 10.625  3.493   -5.807  1.00 39.01 ? 20  HOH A O   1 
HETATM 712 O  O   . HOH I 4 .  ? -4.763  -3.355  -10.428 1.00 24.44 ? 21  HOH A O   1 
HETATM 713 O  O   . HOH I 4 .  ? -7.991  -5.679  0.465   1.00 22.04 ? 22  HOH A O   1 
HETATM 714 O  O   . HOH I 4 .  ? -5.084  11.289  3.344   1.00 14.34 ? 24  HOH A O   1 
HETATM 715 O  O   . HOH I 4 .  ? -7.360  -6.195  -4.257  1.00 18.51 ? 25  HOH A O   1 
HETATM 716 O  O   . HOH I 4 .  ? 13.920  -7.267  5.307   1.00 29.37 ? 27  HOH A O   1 
HETATM 717 O  O   . HOH I 4 .  ? -8.024  -4.511  -2.204  1.00 21.84 ? 28  HOH A O   1 
HETATM 718 O  O   . HOH I 4 .  ? -1.490  -6.078  -9.090  1.00 26.44 ? 29  HOH A O   1 
HETATM 719 O  O   . HOH I 4 .  ? 5.604   -5.269  9.923   1.00 25.75 ? 30  HOH A O   1 
HETATM 720 O  O   . HOH I 4 .  ? -7.142  4.958   11.022  1.00 21.77 ? 31  HOH A O   1 
HETATM 721 O  O   . HOH I 4 .  ? -6.222  -8.368  -7.895  1.00 36.37 ? 32  HOH A O   1 
HETATM 722 O  O   . HOH I 4 .  ? -4.897  3.431   -10.188 1.00 25.25 ? 33  HOH A O   1 
HETATM 723 O  O   . HOH I 4 .  ? 2.594   11.222  -9.778  1.00 40.44 ? 34  HOH A O   1 
HETATM 724 O  O   . HOH I 4 .  ? 8.785   12.694  -2.221  1.00 25.02 ? 35  HOH A O   1 
HETATM 725 O  O   . HOH I 4 .  ? 4.165   -1.755  11.524  1.00 22.80 ? 36  HOH A O   1 
HETATM 726 O  O   . HOH I 4 .  ? -6.619  9.216   3.976   1.00 14.65 ? 37  HOH A O   1 
HETATM 727 O  O   . HOH I 4 .  ? 6.756   -8.855  -0.540  1.00 32.28 ? 38  HOH A O   1 
HETATM 728 O  O   . HOH I 4 .  ? 9.357   5.168   8.667   1.00 31.48 ? 39  HOH A O   1 
HETATM 729 O  O   . HOH I 4 .  ? 11.304  -1.353  0.094   1.00 33.95 ? 40  HOH A O   1 
HETATM 730 O  O   . HOH I 4 .  ? -5.703  -8.581  -3.931  1.00 25.28 ? 41  HOH A O   1 
HETATM 731 O  O   . HOH I 4 .  ? 5.174   9.522   -6.789  1.00 24.55 ? 42  HOH A O   1 
HETATM 732 O  O   . HOH I 4 .  ? 5.803   -2.233  -7.653  1.00 28.12 ? 43  HOH A O   1 
HETATM 733 O  O   . HOH I 4 .  ? 6.959   9.317   -4.444  1.00 21.57 ? 44  HOH A O   1 
HETATM 734 O  O   . HOH I 4 .  ? -0.924  2.576   -11.371 1.00 25.77 ? 45  HOH A O   1 
HETATM 735 O  O   . HOH I 4 .  ? 11.143  -2.408  10.460  1.00 39.83 ? 47  HOH A O   1 
HETATM 736 O  O   . HOH I 4 .  ? 11.151  -1.602  6.561   1.00 33.66 ? 48  HOH A O   1 
HETATM 737 O  O   . HOH I 4 .  ? -8.508  10.244  0.836   1.00 25.10 ? 49  HOH A O   1 
HETATM 738 O  O   . HOH I 4 .  ? 10.199  6.614   -5.386  1.00 21.84 ? 50  HOH A O   1 
HETATM 739 O  O   . HOH I 4 .  ? 9.560   -8.132  -1.549  1.00 38.80 ? 51  HOH A O   1 
HETATM 740 O  O   . HOH I 4 .  ? 10.804  -0.104  12.394  1.00 44.58 ? 52  HOH A O   1 
HETATM 741 O  O   . HOH I 4 .  ? -8.347  -5.661  4.056   1.00 26.47 ? 53  HOH A O   1 
HETATM 742 O  O   . HOH I 4 .  ? -10.534 -4.591  0.676   1.00 31.74 ? 54  HOH A O   1 
HETATM 743 O  O   . HOH I 4 .  ? 2.176   -3.792  11.796  1.00 35.44 ? 55  HOH A O   1 
HETATM 744 O  O   . HOH I 4 .  ? -12.819 -5.240  -9.835  0.56 26.91 ? 57  HOH A O   1 
HETATM 745 O  O   . HOH I 4 .  ? 11.112  10.264  1.516   1.00 38.95 ? 61  HOH A O   1 
HETATM 746 O  O   . HOH I 4 .  ? 12.633  0.853   -3.841  1.00 37.29 ? 62  HOH A O   1 
HETATM 747 O  O   . HOH I 4 .  ? -13.757 1.597   -8.446  1.00 34.11 ? 64  HOH A O   1 
HETATM 748 O  O   . HOH I 4 .  ? 9.551   4.005   12.844  1.00 39.01 ? 65  HOH A O   1 
HETATM 749 O  O   . HOH I 4 .  ? -5.097  -11.847 -10.461 1.00 42.19 ? 66  HOH A O   1 
HETATM 750 O  O   . HOH I 4 .  ? -3.665  -5.629  11.071  1.00 41.81 ? 68  HOH A O   1 
HETATM 751 O  O   . HOH I 4 .  ? 12.171  0.150   4.565   1.00 35.44 ? 69  HOH A O   1 
HETATM 752 O  O   . HOH I 4 .  ? 2.857   3.678   16.326  1.00 49.16 ? 70  HOH A O   1 
HETATM 753 O  O   . HOH I 4 .  ? 13.418  3.434   4.735   1.00 49.42 ? 72  HOH A O   1 
HETATM 754 O  O   . HOH I 4 .  ? -4.457  2.747   14.300  1.00 43.83 ? 73  HOH A O   1 
HETATM 755 O  O   . HOH I 4 .  ? 7.383   8.028   -8.689  1.00 29.85 ? 75  HOH A O   1 
HETATM 756 O  O   . HOH I 4 .  ? -11.568 -1.639  3.878   1.00 31.31 ? 77  HOH A O   1 
HETATM 757 O  O   . HOH I 4 .  ? 11.556  8.742   -3.854  1.00 31.37 ? 78  HOH A O   1 
HETATM 758 O  O   . HOH I 4 .  ? -10.629 -4.173  3.297   1.00 29.80 ? 79  HOH A O   1 
HETATM 759 O  O   . HOH I 4 .  ? -11.547 -2.743  -0.679  1.00 16.70 ? 82  HOH A O   1 
HETATM 760 O  O   . HOH I 4 .  ? 12.181  -6.068  7.631   1.00 26.48 ? 84  HOH A O   1 
HETATM 761 O  O   . HOH I 4 .  ? -0.491  15.794  -6.373  1.00 26.96 ? 86  HOH A O   1 
HETATM 762 O  O   . HOH I 4 .  ? 8.902   -5.816  -9.758  1.00 45.55 ? 87  HOH A O   1 
HETATM 763 O  O   . HOH I 4 .  ? 0.618   -2.909  13.978  1.00 36.70 ? 91  HOH A O   1 
HETATM 764 O  O   . HOH I 4 .  ? -8.620  -8.485  -0.170  1.00 23.98 ? 93  HOH A O   1 
HETATM 765 O  O   . HOH I 4 .  ? -1.586  12.061  -9.286  1.00 34.53 ? 94  HOH A O   1 
HETATM 766 O  O   . HOH I 4 .  ? -8.527  -4.122  -12.149 1.00 42.60 ? 95  HOH A O   1 
HETATM 767 O  O   . HOH I 4 .  ? 5.968   -8.542  -3.171  1.00 35.18 ? 96  HOH A O   1 
HETATM 768 O  O   . HOH I 4 .  ? 12.649  8.517   -1.578  1.00 42.18 ? 101 HOH A O   1 
HETATM 769 O  O   . HOH I 4 .  ? -2.738  8.919   6.074   1.00 13.02 ? 112 HOH A O   1 
HETATM 770 O  O   . HOH I 4 .  ? -1.261  16.103  -3.660  1.00 22.58 ? 113 HOH A O   1 
HETATM 771 O  O   . HOH I 4 .  ? -3.356  4.371   16.858  1.00 28.18 ? 114 HOH A O   1 
HETATM 772 O  O   . HOH I 4 .  ? -16.560 4.096   -1.649  1.00 35.83 ? 121 HOH A O   1 
HETATM 773 O  O   . HOH I 4 .  ? -3.958  17.634  0.910   1.00 22.43 ? 122 HOH A O   1 
HETATM 774 O  O   A HOH I 4 .  ? 7.193   -13.892 -7.763  0.47 15.60 ? 124 HOH A O   1 
HETATM 775 O  O   B HOH I 4 .  ? 6.403   -14.463 -6.420  0.53 19.68 ? 124 HOH A O   1 
HETATM 776 O  O   . HOH I 4 .  ? 1.545   -11.319 -7.874  1.00 44.84 ? 125 HOH A O   1 
HETATM 777 O  O   . HOH I 4 .  ? -13.271 -1.629  1.535   1.00 35.25 ? 126 HOH A O   1 
HETATM 778 O  O   . HOH I 4 .  ? -13.392 -4.097  -6.656  1.00 42.90 ? 127 HOH A O   1 
HETATM 779 O  O   . HOH I 4 .  ? -3.295  15.085  -2.141  1.00 14.42 ? 128 HOH A O   1 
HETATM 780 O  O   . HOH I 4 .  ? 4.153   -7.234  -4.076  1.00 27.00 ? 237 HOH A O   1 
HETATM 781 O  O   . HOH I 4 .  ? -12.005 4.437   -1.352  1.00 12.92 ? 238 HOH A O   1 
HETATM 782 O  O   . HOH I 4 .  ? -9.421  -1.020  -14.731 1.00 54.02 ? 239 HOH A O   1 
# 
loop_
_atom_site_anisotrop.id 
_atom_site_anisotrop.type_symbol 
_atom_site_anisotrop.pdbx_label_atom_id 
_atom_site_anisotrop.pdbx_label_alt_id 
_atom_site_anisotrop.pdbx_label_comp_id 
_atom_site_anisotrop.pdbx_label_asym_id 
_atom_site_anisotrop.pdbx_label_seq_id 
_atom_site_anisotrop.pdbx_PDB_ins_code 
_atom_site_anisotrop.U[1][1] 
_atom_site_anisotrop.U[2][2] 
_atom_site_anisotrop.U[3][3] 
_atom_site_anisotrop.U[1][2] 
_atom_site_anisotrop.U[1][3] 
_atom_site_anisotrop.U[2][3] 
_atom_site_anisotrop.pdbx_auth_seq_id 
_atom_site_anisotrop.pdbx_auth_comp_id 
_atom_site_anisotrop.pdbx_auth_asym_id 
_atom_site_anisotrop.pdbx_auth_atom_id 
1   N  N   . THR A 1  ? 0.6089 0.6407 0.6388 -0.0405 0.0371  -0.0202 140 THR A N   
2   C  CA  . THR A 1  ? 0.6697 0.6986 0.7034 -0.0406 0.0300  -0.0141 140 THR A CA  
3   C  C   . THR A 1  ? 0.6268 0.6557 0.6686 -0.0330 0.0229  -0.0162 140 THR A C   
4   O  O   . THR A 1  ? 0.7430 0.7684 0.7869 -0.0325 0.0157  -0.0126 140 THR A O   
5   C  CB  . THR A 1  ? 0.7315 0.7676 0.7791 -0.0481 0.0324  -0.0105 140 THR A CB  
6   O  OG1 . THR A 1  ? 0.6790 0.7282 0.7469 -0.0469 0.0348  -0.0158 140 THR A OG1 
7   C  CG2 . THR A 1  ? 0.7672 0.8030 0.8051 -0.0566 0.0410  -0.0073 140 THR A CG2 
8   N  N   . GLY A 2  ? 0.4326 0.4637 0.4780 -0.0278 0.0242  -0.0219 141 GLY A N   
9   C  CA  . GLY A 2  ? 0.2350 0.2656 0.2872 -0.0211 0.0178  -0.0234 141 GLY A CA  
10  C  C   . GLY A 2  ? 0.2162 0.2379 0.2550 -0.0176 0.0131  -0.0195 141 GLY A C   
11  O  O   . GLY A 2  ? 0.2175 0.2341 0.2438 -0.0190 0.0147  -0.0168 141 GLY A O   
12  N  N   . ALA A 3  ? 0.1746 0.1951 0.2170 -0.0132 0.0070  -0.0193 142 ALA A N   
13  C  CA  . ALA A 3  ? 0.1531 0.1671 0.1849 -0.0106 0.0039  -0.0158 142 ALA A CA  
14  C  C   . ALA A 3  ? 0.1152 0.1269 0.1404 -0.0084 0.0071  -0.0153 142 ALA A C   
15  O  O   . ALA A 3  ? 0.1407 0.1486 0.1575 -0.0081 0.0070  -0.0119 142 ALA A O   
16  C  CB  . ALA A 3  ? 0.1515 0.1644 0.1881 -0.0067 -0.0034 -0.0185 142 ALA A CB  
17  N  N   . VAL A 4  ? 0.1337 0.1469 0.1644 -0.0072 0.0089  -0.0193 143 VAL A N   
18  C  CA  . VAL A 4  ? 0.1348 0.1439 0.1603 -0.0065 0.0099  -0.0185 143 VAL A CA  
19  C  C   . VAL A 4  ? 0.1372 0.1437 0.1525 -0.0100 0.0128  -0.0178 143 VAL A C   
20  O  O   . VAL A 4  ? 0.1343 0.1378 0.1432 -0.0097 0.0116  -0.0141 143 VAL A O   
21  C  CB  . VAL A 4  ? 0.1576 0.1684 0.1942 -0.0055 0.0094  -0.0228 143 VAL A CB  
22  C  CG1 . VAL A 4  ? 0.1550 0.1628 0.1874 -0.0063 0.0107  -0.0208 143 VAL A CG1 
23  C  CG2 . VAL A 4  ? 0.1807 0.1926 0.2282 -0.0014 0.0028  -0.0239 143 VAL A CG2 
24  N  N   . PRO A 5  ? 0.1431 0.1516 0.1584 -0.0142 0.0165  -0.0218 144 PRO A N   
25  C  CA  . PRO A 5  ? 0.1457 0.1513 0.1497 -0.0185 0.0177  -0.0207 144 PRO A CA  
26  C  C   . PRO A 5  ? 0.1540 0.1576 0.1510 -0.0186 0.0146  -0.0147 144 PRO A C   
27  O  O   . PRO A 5  ? 0.1692 0.1702 0.1589 -0.0201 0.0127  -0.0120 144 PRO A O   
28  C  CB  . PRO A 5  ? 0.2345 0.2435 0.2395 -0.0243 0.0231  -0.0246 144 PRO A CB  
29  C  CG  . PRO A 5  ? 0.2278 0.2434 0.2466 -0.0223 0.0243  -0.0266 144 PRO A CG  
30  C  CD  . PRO A 5  ? 0.1720 0.1865 0.1982 -0.0158 0.0197  -0.0267 144 PRO A CD  
31  N  N   . ARG A 6  ? 0.1330 0.1382 0.1344 -0.0175 0.0133  -0.0123 145 ARG A N   
32  C  CA  . ARG A 6  ? 0.1522 0.1544 0.1503 -0.0177 0.0098  -0.0071 145 ARG A CA  
33  C  C   . ARG A 6  ? 0.1777 0.1785 0.1763 -0.0134 0.0073  -0.0048 145 ARG A C   
34  O  O   . ARG A 6  ? 0.1693 0.1682 0.1661 -0.0139 0.0051  -0.0015 145 ARG A O   
35  C  CB  . ARG A 6  ? 0.1496 0.1517 0.1541 -0.0186 0.0079  -0.0056 145 ARG A CB  
36  C  CG  . ARG A 6  ? 0.2536 0.2500 0.2565 -0.0194 0.0039  -0.0015 145 ARG A CG  
37  C  CD  . ARG A 6  ? 0.2879 0.2809 0.2981 -0.0214 0.0007  -0.0015 145 ARG A CD  
38  N  NE  . ARG A 6  ? 0.3060 0.2906 0.3129 -0.0227 -0.0016 0.0005  145 ARG A NE  
39  C  CZ  . ARG A 6  ? 0.5397 0.5194 0.5447 -0.0284 -0.0026 0.0032  145 ARG A CZ  
40  N  NH1 . ARG A 6  ? 0.6439 0.6280 0.6529 -0.0338 0.0007  0.0036  145 ARG A NH1 
41  N  NH2 . ARG A 6  ? 0.5383 0.5079 0.5377 -0.0290 -0.0074 0.0064  145 ARG A NH2 
42  N  N   . ALA A 7  ? 0.1117 0.1137 0.1145 -0.0099 0.0076  -0.0062 146 ALA A N   
43  C  CA  . ALA A 7  ? 0.1301 0.1315 0.1338 -0.0073 0.0066  -0.0035 146 ALA A CA  
44  C  C   . ALA A 7  ? 0.1311 0.1328 0.1341 -0.0083 0.0064  -0.0020 146 ALA A C   
45  O  O   . ALA A 7  ? 0.1261 0.1293 0.1323 -0.0078 0.0054  0.0021  146 ALA A O   
46  C  CB  . ALA A 7  ? 0.1419 0.1441 0.1483 -0.0051 0.0070  -0.0039 146 ALA A CB  
47  N  N   . ASN A 8  ? 0.1370 0.1382 0.1375 -0.0104 0.0078  -0.0053 147 ASN A N   
48  C  CA  . ASN A 8  ? 0.0824 0.0833 0.0814 -0.0125 0.0073  -0.0044 147 ASN A CA  
49  C  C   . ASN A 8  ? 0.1300 0.1300 0.1244 -0.0158 0.0048  -0.0016 147 ASN A C   
50  O  O   . ASN A 8  ? 0.1453 0.1452 0.1425 -0.0170 0.0022  0.0013  147 ASN A O   
51  C  CB  . ASN A 8  ? 0.1167 0.1169 0.1130 -0.0147 0.0109  -0.0098 147 ASN A CB  
52  C  CG  . ASN A 8  ? 0.1719 0.1725 0.1763 -0.0116 0.0120  -0.0116 147 ASN A CG  
53  O  OD1 . ASN A 8  ? 0.1986 0.1987 0.2073 -0.0095 0.0098  -0.0072 147 ASN A OD1 
54  N  ND2 . ASN A 8  ? 0.1970 0.1993 0.2054 -0.0119 0.0149  -0.0164 147 ASN A ND2 
55  N  N   . ARG A 9  ? 0.1472 0.1459 0.1358 -0.0180 0.0048  -0.0021 148 ARG A N   
56  C  CA  . ARG A 9  ? 0.1833 0.1790 0.1664 -0.0217 0.0008  0.0018  148 ARG A CA  
57  C  C   . ARG A 9  ? 0.1671 0.1635 0.1604 -0.0181 -0.0023 0.0060  148 ARG A C   
58  O  O   . ARG A 9  ? 0.1399 0.1347 0.1339 -0.0198 -0.0073 0.0096  148 ARG A O   
59  C  CB  . ARG A 9  ? 0.1693 0.1623 0.1455 -0.0255 0.0017  0.0011  148 ARG A CB  
60  C  CG  . ARG A 9  ? 0.3221 0.3094 0.2923 -0.0294 -0.0039 0.0063  148 ARG A CG  
61  C  CD  . ARG A 9  ? 0.4752 0.4577 0.4337 -0.0353 -0.0088 0.0080  148 ARG A CD  
62  N  NE  . ARG A 9  ? 0.5862 0.5597 0.5335 -0.0427 -0.0156 0.0123  148 ARG A NE  
63  C  CZ  . ARG A 9  ? 0.5984 0.5638 0.5374 -0.0483 -0.0232 0.0159  148 ARG A CZ  
64  N  NH1 . ARG A 9  ? 0.6093 0.5636 0.5377 -0.0555 -0.0305 0.0203  148 ARG A NH1 
65  N  NH2 . ARG A 9  ? 0.6013 0.5676 0.5427 -0.0470 -0.0245 0.0160  148 ARG A NH2 
66  N  N   . ILE A 10 ? 0.1390 0.1371 0.1400 -0.0138 0.0006  0.0049  149 ILE A N   
67  C  CA  . ILE A 10 ? 0.1202 0.1186 0.1283 -0.0114 0.0007  0.0067  149 ILE A CA  
68  C  C   . ILE A 10 ? 0.1414 0.1446 0.1556 -0.0110 0.0000  0.0085  149 ILE A C   
69  O  O   . ILE A 10 ? 0.1464 0.1525 0.1717 -0.0108 -0.0050 0.0140  149 ILE A O   
70  C  CB  . ILE A 10 ? 0.1320 0.1311 0.1416 -0.0090 0.0035  0.0057  149 ILE A CB  
71  C  CG1 . ILE A 10 ? 0.1631 0.1555 0.1694 -0.0104 0.0022  0.0040  149 ILE A CG1 
72  C  CG2 . ILE A 10 ? 0.1333 0.1360 0.1567 -0.0024 0.0052  0.0092  149 ILE A CG2 
73  C  CD1 . ILE A 10 ? 0.1244 0.1147 0.1303 -0.0066 0.0033  0.0004  149 ILE A CD1 
74  N  N   . VAL A 11 ? 0.1187 0.1234 0.1317 -0.0108 0.0028  0.0065  150 VAL A N   
75  C  CA  . VAL A 11 ? 0.1237 0.1320 0.1435 -0.0111 0.0020  0.0088  150 VAL A CA  
76  C  C   . VAL A 11 ? 0.1408 0.1482 0.1619 -0.0148 -0.0039 0.0108  150 VAL A C   
77  O  O   . VAL A 11 ? 0.1233 0.1343 0.1550 -0.0149 -0.0073 0.0144  150 VAL A O   
78  C  CB  . VAL A 11 ? 0.1200 0.1275 0.1372 -0.0113 0.0046  0.0069  150 VAL A CB  
79  C  CG1 . VAL A 11 ? 0.1314 0.1409 0.1563 -0.0132 0.0033  0.0097  150 VAL A CG1 
80  C  CG2 . VAL A 11 ? 0.1439 0.1520 0.1602 -0.0073 0.0075  0.0074  150 VAL A CG2 
81  N  N   . GLN A 12 ? 0.1387 0.1410 0.1492 -0.0181 -0.0058 0.0091  151 GLN A N   
82  C  CA  . GLN A 12 ? 0.1343 0.1325 0.1388 -0.0229 -0.0129 0.0113  151 GLN A CA  
83  C  C   . GLN A 12 ? 0.1317 0.1287 0.1408 -0.0238 -0.0216 0.0182  151 GLN A C   
84  O  O   . GLN A 12 ? 0.1832 0.1786 0.1983 -0.0258 -0.0300 0.0224  151 GLN A O   
85  C  CB  . GLN A 12 ? 0.1216 0.1133 0.1071 -0.0276 -0.0121 0.0093  151 GLN A CB  
86  C  CG  . GLN A 12 ? 0.1835 0.1654 0.1523 -0.0358 -0.0206 0.0139  151 GLN A CG  
87  C  CD  . GLN A 12 ? 0.2167 0.1912 0.1633 -0.0428 -0.0154 0.0117  151 GLN A CD  
88  O  OE1 . GLN A 12 ? 0.2254 0.2046 0.1742 -0.0401 -0.0097 0.0075  151 GLN A OE1 
89  N  NE2 . GLN A 12 ? 0.2057 0.1692 0.1371 -0.0513 -0.0172 0.0122  151 GLN A NE2 
90  N  N   . GLN A 13 ? 0.1289 0.1246 0.1365 -0.0221 -0.0213 0.0191  152 GLN A N   
91  C  CA  . GLN A 13 ? 0.1290 0.1207 0.1440 -0.0221 -0.0318 0.0260  152 GLN A CA  
92  C  C   . GLN A 13 ? 0.1284 0.1275 0.1703 -0.0168 -0.0318 0.0283  152 GLN A C   
93  O  O   . GLN A 13 ? 0.1865 0.1825 0.2401 -0.0172 -0.0399 0.0315  152 GLN A O   
94  C  CB  . GLN A 13 ? 0.1340 0.1220 0.1434 -0.0216 -0.0310 0.0243  152 GLN A CB  
95  C  CG  . GLN A 13 ? 0.1867 0.1673 0.1734 -0.0280 -0.0306 0.0225  152 GLN A CG  
96  C  CD  . GLN A 13 ? 0.2321 0.2083 0.2170 -0.0271 -0.0283 0.0213  152 GLN A CD  
97  O  OE1 . GLN A 13 ? 0.2369 0.2163 0.2286 -0.0222 -0.0211 0.0179  152 GLN A OE1 
98  N  NE2 . GLN A 13 ? 0.4150 0.3816 0.3900 -0.0327 -0.0356 0.0245  152 GLN A NE2 
99  N  N   . LEU A 14 ? 0.1175 0.1263 0.1678 -0.0123 -0.0209 0.0247  153 LEU A N   
100 C  CA  . LEU A 14 ? 0.0935 0.1122 0.1646 -0.0076 -0.0164 0.0250  153 LEU A CA  
101 C  C   . LEU A 14 ? 0.1150 0.1363 0.1936 -0.0107 -0.0210 0.0269  153 LEU A C   
102 O  O   . LEU A 14 ? 0.1538 0.1806 0.2509 -0.0089 -0.0248 0.0287  153 LEU A O   
103 C  CB  . LEU A 14 ? 0.1465 0.1706 0.2145 -0.0037 -0.0037 0.0214  153 LEU A CB  
104 C  CG  . LEU A 14 ? 0.1170 0.1402 0.1819 0.0015  0.0012  0.0186  153 LEU A CG  
105 C  CD1 . LEU A 14 ? 0.1294 0.1526 0.1819 0.0035  0.0104  0.0154  153 LEU A CD1 
106 C  CD2 . LEU A 14 ? 0.1394 0.1662 0.2172 0.0086  0.0005  0.0171  153 LEU A CD2 
107 N  N   A VAL A 15 ? 0.1103 0.1284 0.1760 -0.0149 -0.0212 0.0253  154 VAL A N   
108 N  N   B VAL A 15 ? 0.1152 0.1335 0.1811 -0.0149 -0.0214 0.0254  154 VAL A N   
109 C  CA  A VAL A 15 ? 0.1143 0.1335 0.1870 -0.0186 -0.0272 0.0268  154 VAL A CA  
110 C  CA  B VAL A 15 ? 0.1099 0.1294 0.1835 -0.0185 -0.0273 0.0270  154 VAL A CA  
111 C  C   A VAL A 15 ? 0.1371 0.1493 0.2120 -0.0212 -0.0409 0.0306  154 VAL A C   
112 C  C   B VAL A 15 ? 0.1433 0.1553 0.2174 -0.0216 -0.0413 0.0306  154 VAL A C   
113 O  O   A VAL A 15 ? 0.1704 0.1870 0.2635 -0.0214 -0.0471 0.0330  154 VAL A O   
114 O  O   B VAL A 15 ? 0.1937 0.2092 0.2846 -0.0224 -0.0480 0.0330  154 VAL A O   
115 C  CB  A VAL A 15 ? 0.1371 0.1516 0.1948 -0.0226 -0.0257 0.0227  154 VAL A CB  
116 C  CB  B VAL A 15 ? 0.1268 0.1432 0.1883 -0.0221 -0.0245 0.0230  154 VAL A CB  
117 C  CG1 A VAL A 15 ? 0.1321 0.1464 0.1983 -0.0269 -0.0336 0.0242  154 VAL A CG1 
118 C  CG1 B VAL A 15 ? 0.0841 0.1066 0.1511 -0.0199 -0.0144 0.0218  154 VAL A CG1 
119 C  CG2 A VAL A 15 ? 0.1092 0.1269 0.1651 -0.0202 -0.0147 0.0196  154 VAL A CG2 
120 C  CG2 B VAL A 15 ? 0.1251 0.1332 0.1642 -0.0239 -0.0232 0.0187  154 VAL A CG2 
121 N  N   . GLU A 16 ? 0.1659 0.1667 0.2211 -0.0239 -0.0460 0.0314  155 GLU A N   
122 C  CA  . GLU A 16 ? 0.1907 0.1795 0.2408 -0.0275 -0.0596 0.0356  155 GLU A CA  
123 C  C   . GLU A 16 ? 0.2822 0.2765 0.3578 -0.0226 -0.0638 0.0374  155 GLU A C   
124 O  O   . GLU A 16 ? 0.2914 0.2820 0.3753 -0.0238 -0.0756 0.0399  155 GLU A O   
125 C  CB  . GLU A 16 ? 0.2873 0.2617 0.3122 -0.0317 -0.0611 0.0369  155 GLU A CB  
126 C  CG  . GLU A 16 ? 0.4891 0.4577 0.4862 -0.0370 -0.0555 0.0343  155 GLU A CG  
127 C  CD  . GLU A 16 ? 0.5306 0.4910 0.5086 -0.0408 -0.0526 0.0335  155 GLU A CD  
128 O  OE1 . GLU A 16 ? 0.4598 0.4209 0.4218 -0.0432 -0.0434 0.0290  155 GLU A OE1 
129 O  OE2 . GLU A 16 ? 0.5788 0.5338 0.5618 -0.0413 -0.0591 0.0357  155 GLU A OE2 
130 N  N   . ALA A 17 ? 0.1911 0.1942 0.2779 -0.0165 -0.0545 0.0352  156 ALA A N   
131 C  CA  . ALA A 17 ? 0.1934 0.2036 0.3025 -0.0097 -0.0557 0.0343  156 ALA A CA  
132 C  C   . ALA A 17 ? 0.2478 0.2751 0.3833 -0.0059 -0.0506 0.0335  156 ALA A C   
133 O  O   . ALA A 17 ? 0.3183 0.3547 0.4747 0.0008  -0.0501 0.0321  156 ALA A O   
134 C  CB  . ALA A 17 ? 0.1958 0.2076 0.3023 -0.0038 -0.0472 0.0307  156 ALA A CB  
135 N  N   . GLY A 18 ? 0.1626 0.1944 0.2972 -0.0100 -0.0465 0.0341  157 GLY A N   
136 C  CA  . GLY A 18 ? 0.2170 0.2640 0.3759 -0.0090 -0.0423 0.0344  157 GLY A CA  
137 C  C   . GLY A 18 ? 0.1762 0.2364 0.3410 -0.0048 -0.0252 0.0319  157 GLY A C   
138 O  O   . GLY A 18 ? 0.1610 0.2361 0.3475 -0.0035 -0.0198 0.0322  157 GLY A O   
139 N  N   . ALA A 19 ? 0.1700 0.2246 0.3146 -0.0032 -0.0171 0.0295  158 ALA A N   
140 C  CA  . ALA A 19 ? 0.1072 0.1698 0.2494 0.0004  -0.0022 0.0269  158 ALA A CA  
141 C  C   . ALA A 19 ? 0.1235 0.1906 0.2659 -0.0045 0.0036  0.0288  158 ALA A C   
142 O  O   . ALA A 19 ? 0.1876 0.2479 0.3239 -0.0103 -0.0028 0.0304  158 ALA A O   
143 C  CB  . ALA A 19 ? 0.1212 0.1741 0.2407 0.0024  0.0019  0.0242  158 ALA A CB  
144 N  N   . ASP A 20 ? 0.1486 0.2269 0.2975 -0.0021 0.0155  0.0281  159 ASP A N   
145 C  CA  . ASP A 20 ? 0.1054 0.1867 0.2522 -0.0069 0.0223  0.0304  159 ASP A CA  
146 C  C   . ASP A 20 ? 0.1199 0.1906 0.2405 -0.0057 0.0279  0.0286  159 ASP A C   
147 O  O   . ASP A 20 ? 0.1568 0.2304 0.2709 -0.0005 0.0356  0.0256  159 ASP A O   
148 C  CB  . ASP A 20 ? 0.1463 0.2467 0.3148 -0.0054 0.0329  0.0313  159 ASP A CB  
149 C  CG  . ASP A 20 ? 0.2796 0.3837 0.4471 -0.0113 0.0422  0.0354  159 ASP A CG  
150 O  OD1 . ASP A 20 ? 0.3895 0.5104 0.5793 -0.0135 0.0494  0.0380  159 ASP A OD1 
151 O  OD2 . ASP A 20 ? 0.2551 0.3463 0.4013 -0.0138 0.0426  0.0366  159 ASP A OD2 
152 N  N   . LEU A 21 ? 0.1456 0.2044 0.2517 -0.0096 0.0231  0.0294  160 LEU A N   
153 C  CA  . LEU A 21 ? 0.1485 0.1971 0.2327 -0.0079 0.0256  0.0274  160 LEU A CA  
154 C  C   . LEU A 21 ? 0.1746 0.2263 0.2537 -0.0076 0.0360  0.0294  160 LEU A C   
155 O  O   . LEU A 21 ? 0.1761 0.2224 0.2392 -0.0042 0.0391  0.0272  160 LEU A O   
156 C  CB  . LEU A 21 ? 0.1593 0.1969 0.2326 -0.0113 0.0186  0.0267  160 LEU A CB  
157 C  CG  . LEU A 21 ? 0.1691 0.2016 0.2392 -0.0120 0.0097  0.0239  160 LEU A CG  
158 C  CD1 . LEU A 21 ? 0.2092 0.2332 0.2680 -0.0150 0.0057  0.0215  160 LEU A CD1 
159 C  CD2 . LEU A 21 ? 0.1578 0.1884 0.2207 -0.0077 0.0099  0.0211  160 LEU A CD2 
160 N  N   . ALA A 22 ? 0.1565 0.2170 0.2487 -0.0119 0.0411  0.0339  161 ALA A N   
161 C  CA  . ALA A 22 ? 0.1678 0.2323 0.2541 -0.0130 0.0527  0.0368  161 ALA A CA  
162 C  C   . ALA A 22 ? 0.1694 0.2419 0.2537 -0.0063 0.0609  0.0326  161 ALA A C   
163 O  O   . ALA A 22 ? 0.1728 0.2414 0.2390 -0.0042 0.0674  0.0316  161 ALA A O   
164 C  CB  . ALA A 22 ? 0.1920 0.2666 0.2958 -0.0203 0.0578  0.0428  161 ALA A CB  
165 N  N   . ASN A 23 ? 0.1384 0.2214 0.2410 -0.0028 0.0598  0.0296  162 ASN A N   
166 C  CA  . ASN A 23 ? 0.1846 0.2763 0.2887 0.0049  0.0670  0.0239  162 ASN A CA  
167 C  C   . ASN A 23 ? 0.1711 0.2497 0.2552 0.0105  0.0621  0.0182  162 ASN A C   
168 O  O   . ASN A 23 ? 0.1605 0.2386 0.2317 0.0154  0.0690  0.0136  162 ASN A O   
169 C  CB  . ASN A 23 ? 0.2046 0.3115 0.3371 0.0080  0.0651  0.0221  162 ASN A CB  
170 C  CG  . ASN A 23 ? 0.2817 0.3953 0.4176 0.0186  0.0694  0.0144  162 ASN A CG  
171 O  OD1 . ASN A 23 ? 0.3303 0.4402 0.4722 0.0237  0.0604  0.0114  162 ASN A OD1 
172 N  ND2 . ASN A 23 ? 0.2753 0.3985 0.4068 0.0220  0.0833  0.0110  162 ASN A ND2 
173 N  N   . ILE A 24 ? 0.1228 0.1910 0.2040 0.0093  0.0504  0.0182  163 ILE A N   
174 C  CA  . ILE A 24 ? 0.1132 0.1696 0.1781 0.0132  0.0458  0.0138  163 ILE A CA  
175 C  C   . ILE A 24 ? 0.1626 0.2099 0.2055 0.0122  0.0488  0.0140  163 ILE A C   
176 O  O   . ILE A 24 ? 0.1623 0.2043 0.1920 0.0169  0.0505  0.0095  163 ILE A O   
177 C  CB  . ILE A 24 ? 0.1153 0.1631 0.1803 0.0104  0.0346  0.0150  163 ILE A CB  
178 C  CG1 . ILE A 24 ? 0.1128 0.1675 0.1985 0.0116  0.0296  0.0158  163 ILE A CG1 
179 C  CG2 . ILE A 24 ? 0.1240 0.1615 0.1741 0.0134  0.0314  0.0112  163 ILE A CG2 
180 C  CD1 . ILE A 24 ? 0.1344 0.1945 0.2284 0.0206  0.0316  0.0107  163 ILE A CD1 
181 N  N   . ARG A 25 ? 0.1216 0.1661 0.1616 0.0067  0.0490  0.0195  164 ARG A N   
182 C  CA  . ARG A 25 ? 0.1729 0.2086 0.1934 0.0059  0.0506  0.0208  164 ARG A CA  
183 C  C   . ARG A 25 ? 0.2154 0.2543 0.2242 0.0093  0.0609  0.0190  164 ARG A C   
184 O  O   . ARG A 25 ? 0.1839 0.2143 0.1741 0.0124  0.0602  0.0160  164 ARG A O   
185 C  CB  . ARG A 25 ? 0.1596 0.1931 0.1812 -0.0006 0.0497  0.0270  164 ARG A CB  
186 C  CG  . ARG A 25 ? 0.1962 0.2196 0.1982 -0.0017 0.0496  0.0292  164 ARG A CG  
187 C  CD  . ARG A 25 ? 0.1665 0.1859 0.1702 -0.0086 0.0481  0.0354  164 ARG A CD  
188 N  NE  . ARG A 25 ? 0.2117 0.2205 0.1953 -0.0104 0.0477  0.0393  164 ARG A NE  
189 C  CZ  . ARG A 25 ? 0.2000 0.2022 0.1789 -0.0171 0.0480  0.0466  164 ARG A CZ  
190 N  NH1 . ARG A 25 ? 0.2278 0.2340 0.2224 -0.0226 0.0495  0.0498  164 ARG A NH1 
191 N  NH2 . ARG A 25 ? 0.2522 0.2426 0.2105 -0.0186 0.0457  0.0516  164 ARG A NH2 
192 N  N   . THR A 26 ? 0.1840 0.2362 0.2044 0.0086  0.0708  0.0203  165 THR A N   
193 C  CA  . THR A 26 ? 0.1844 0.2421 0.1938 0.0116  0.0831  0.0179  165 THR A CA  
194 C  C   . THR A 26 ? 0.1837 0.2397 0.1882 0.0205  0.0829  0.0081  165 THR A C   
195 O  O   . THR A 26 ? 0.2576 0.3060 0.2401 0.0241  0.0863  0.0043  165 THR A O   
196 C  CB  . THR A 26 ? 0.1932 0.2693 0.2214 0.0087  0.0947  0.0208  165 THR A CB  
197 O  OG1 . THR A 26 ? 0.1901 0.2650 0.2209 -0.0005 0.0947  0.0302  165 THR A OG1 
198 C  CG2 . THR A 26 ? 0.2560 0.3409 0.2730 0.0120  0.1099  0.0170  165 THR A CG2 
199 N  N   A MSE A 27 ? 0.1701 0.2320 0.1947 0.0240  0.0781  0.0042  166 MSE A N   
200 N  N   B MSE A 27 ? 0.1784 0.2394 0.2019 0.0242  0.0778  0.0040  166 MSE A N   
201 C  CA  A MSE A 27 ? 0.1997 0.2589 0.2240 0.0326  0.0762  -0.0054 166 MSE A CA  
202 C  CA  B MSE A 27 ? 0.1838 0.2424 0.2050 0.0329  0.0773  -0.0058 166 MSE A CA  
203 C  C   A MSE A 27 ? 0.1938 0.2344 0.1954 0.0336  0.0684  -0.0079 166 MSE A C   
204 C  C   B MSE A 27 ? 0.1848 0.2251 0.1872 0.0340  0.0676  -0.0085 166 MSE A C   
205 O  O   A MSE A 27 ? 0.2321 0.2661 0.2192 0.0391  0.0709  -0.0153 166 MSE A O   
206 O  O   B MSE A 27 ? 0.2216 0.2547 0.2131 0.0400  0.0682  -0.0166 166 MSE A O   
207 C  CB  A MSE A 27 ? 0.1681 0.2324 0.2158 0.0348  0.0680  -0.0065 166 MSE A CB  
208 C  CB  B MSE A 27 ? 0.1649 0.2336 0.2126 0.0370  0.0734  -0.0087 166 MSE A CB  
209 C  CG  A MSE A 27 ? 0.1922 0.2747 0.2659 0.0339  0.0721  -0.0030 166 MSE A CG  
210 C  CG  B MSE A 27 ? 0.1949 0.2825 0.2644 0.0349  0.0809  -0.0047 166 MSE A CG  
211 SE SE  A MSE A 27 ? 0.3784 0.4744 0.4763 0.0472  0.0726  -0.0127 166 MSE A SE  
212 SE SE  B MSE A 27 ? 0.3311 0.4356 0.4288 0.0474  0.0825  -0.0137 166 MSE A SE  
213 C  CE  A MSE A 27 ? 0.2958 0.3946 0.3747 0.0538  0.0891  -0.0234 166 MSE A CE  
214 C  CE  B MSE A 27 ? 0.4163 0.5110 0.5269 0.0452  0.0629  -0.0081 166 MSE A CE  
215 N  N   . PHE A 28 ? 0.1880 0.2208 0.1879 0.0283  0.0589  -0.0024 167 PHE A N   
216 C  CA  . PHE A 28 ? 0.1730 0.1913 0.1572 0.0289  0.0504  -0.0043 167 PHE A CA  
217 C  C   . PHE A 28 ? 0.2128 0.2227 0.1728 0.0298  0.0532  -0.0043 167 PHE A C   
218 O  O   . PHE A 28 ? 0.2411 0.2404 0.1863 0.0335  0.0488  -0.0096 167 PHE A O   
219 C  CB  . PHE A 28 ? 0.1850 0.2003 0.1751 0.0232  0.0416  0.0007  167 PHE A CB  
220 C  CG  . PHE A 28 ? 0.1803 0.1846 0.1602 0.0238  0.0335  -0.0021 167 PHE A CG  
221 C  CD1 . PHE A 28 ? 0.1582 0.1579 0.1396 0.0273  0.0296  -0.0081 167 PHE A CD1 
222 C  CD2 . PHE A 28 ? 0.1312 0.1297 0.1023 0.0211  0.0294  0.0007  167 PHE A CD2 
223 C  CE1 . PHE A 28 ? 0.1726 0.1628 0.1467 0.0266  0.0218  -0.0107 167 PHE A CE1 
224 C  CE2 . PHE A 28 ? 0.1839 0.1747 0.1491 0.0216  0.0220  -0.0025 167 PHE A CE2 
225 C  CZ  . PHE A 28 ? 0.1691 0.1562 0.1358 0.0236  0.0181  -0.0081 167 PHE A CZ  
226 N  N   . ARG A 29 ? 0.2397 0.2535 0.1950 0.0259  0.0594  0.0019  168 ARG A N   
227 C  CA  . ARG A 29 ? 0.2543 0.2598 0.1836 0.0266  0.0625  0.0028  168 ARG A CA  
228 C  C   . ARG A 29 ? 0.2445 0.2487 0.1604 0.0329  0.0692  -0.0057 168 ARG A C   
229 O  O   . ARG A 29 ? 0.2902 0.2815 0.1832 0.0362  0.0650  -0.0098 168 ARG A O   
230 C  CB  . ARG A 29 ? 0.2830 0.2943 0.2104 0.0204  0.0701  0.0115  168 ARG A CB  
231 C  CG  . ARG A 29 ? 0.2799 0.2810 0.1774 0.0196  0.0716  0.0148  168 ARG A CG  
232 C  CD  . ARG A 29 ? 0.3207 0.3279 0.2163 0.0119  0.0801  0.0247  168 ARG A CD  
233 N  NE  . ARG A 29 ? 0.3657 0.3734 0.2791 0.0059  0.0732  0.0312  168 ARG A NE  
234 C  CZ  . ARG A 29 ? 0.3285 0.3477 0.2639 0.0003  0.0777  0.0348  168 ARG A CZ  
235 N  NH1 . ARG A 29 ? 0.3544 0.3880 0.2995 0.0001  0.0899  0.0335  168 ARG A NH1 
236 N  NH2 . ARG A 29 ? 0.3456 0.3618 0.2935 -0.0046 0.0699  0.0391  168 ARG A NH2 
237 N  N   . ASN A 30 ? 0.2787 0.2965 0.2097 0.0351  0.0792  -0.0095 169 ASN A N   
238 C  CA  . ASN A 30 ? 0.3058 0.3244 0.2278 0.0421  0.0873  -0.0199 169 ASN A CA  
239 C  C   . ASN A 30 ? 0.2808 0.2873 0.2014 0.0479  0.0773  -0.0292 169 ASN A C   
240 O  O   . ASN A 30 ? 0.3371 0.3337 0.2379 0.0529  0.0786  -0.0377 169 ASN A O   
241 C  CB  . ASN A 30 ? 0.3568 0.3960 0.3027 0.0440  0.0995  -0.0227 169 ASN A CB  
242 C  CG  . ASN A 30 ? 0.4711 0.5229 0.4166 0.0377  0.1113  -0.0142 169 ASN A CG  
243 O  OD1 . ASN A 30 ? 0.4663 0.5104 0.3866 0.0336  0.1138  -0.0088 169 ASN A OD1 
244 N  ND2 . ASN A 30 ? 0.5076 0.5791 0.4821 0.0367  0.1179  -0.0127 169 ASN A ND2 
245 N  N   . MSE A 31 ? 0.2645 0.2706 0.2043 0.0465  0.0676  -0.0276 170 MSE A N   
246 C  CA  . MSE A 31 ? 0.2489 0.2426 0.1889 0.0500  0.0574  -0.0344 170 MSE A CA  
247 C  C   . MSE A 31 ? 0.2575 0.2347 0.1717 0.0494  0.0485  -0.0348 170 MSE A C   
248 O  O   . MSE A 31 ? 0.3244 0.2895 0.2264 0.0537  0.0443  -0.0430 170 MSE A O   
249 C  CB  . MSE A 31 ? 0.2868 0.2830 0.2488 0.0467  0.0488  -0.0301 170 MSE A CB  
250 C  CG  . MSE A 31 ? 0.3163 0.2986 0.2775 0.0479  0.0378  -0.0345 170 MSE A CG  
251 SE SE  . MSE A 31 ? 0.5989 0.5755 0.5719 0.0570  0.0404  -0.0463 170 MSE A SE  
252 C  CE  . MSE A 31 ? 0.6679 0.6231 0.6302 0.0548  0.0237  -0.0474 170 MSE A CE  
253 N  N   . LEU A 32 ? 0.2774 0.2536 0.1847 0.0445  0.0448  -0.0264 171 LEU A N   
254 C  CA  . LEU A 32 ? 0.2856 0.2477 0.1721 0.0443  0.0348  -0.0267 171 LEU A CA  
255 C  C   . LEU A 32 ? 0.3303 0.2838 0.1890 0.0482  0.0389  -0.0316 171 LEU A C   
256 O  O   . LEU A 32 ? 0.3801 0.3197 0.2209 0.0499  0.0289  -0.0355 171 LEU A O   
257 C  CB  . LEU A 32 ? 0.2724 0.2352 0.1598 0.0393  0.0304  -0.0176 171 LEU A CB  
258 C  CG  . LEU A 32 ? 0.2744 0.2436 0.1849 0.0352  0.0258  -0.0138 171 LEU A CG  
259 C  CD1 . LEU A 32 ? 0.3357 0.3033 0.2447 0.0316  0.0213  -0.0074 171 LEU A CD1 
260 C  CD2 . LEU A 32 ? 0.2346 0.1984 0.1515 0.0359  0.0163  -0.0197 171 LEU A CD2 
261 N  N   A ARG A 33 ? 0.3630 0.3261 0.2186 0.0490  0.0535  -0.0315 172 ARG A N   
262 N  N   B ARG A 33 ? 0.3660 0.3288 0.2210 0.0490  0.0533  -0.0316 172 ARG A N   
263 C  CA  A ARG A 33 ? 0.4472 0.4049 0.2748 0.0522  0.0609  -0.0369 172 ARG A CA  
264 C  CA  B ARG A 33 ? 0.4400 0.3963 0.2662 0.0523  0.0599  -0.0371 172 ARG A CA  
265 C  C   A ARG A 33 ? 0.4545 0.4083 0.2810 0.0592  0.0637  -0.0505 172 ARG A C   
266 C  C   B ARG A 33 ? 0.4565 0.4084 0.2818 0.0592  0.0618  -0.0507 172 ARG A C   
267 O  O   A ARG A 33 ? 0.5001 0.4469 0.3015 0.0630  0.0688  -0.0581 172 ARG A O   
268 O  O   B ARG A 33 ? 0.5050 0.4473 0.3040 0.0631  0.0643  -0.0585 172 ARG A O   
269 C  CB  A ARG A 33 ? 0.4857 0.4578 0.3121 0.0492  0.0773  -0.0311 172 ARG A CB  
270 C  CB  B ARG A 33 ? 0.4788 0.4486 0.3012 0.0496  0.0765  -0.0319 172 ARG A CB  
271 C  CG  A ARG A 33 ? 0.5207 0.4922 0.3407 0.0421  0.0751  -0.0180 172 ARG A CG  
272 C  CG  B ARG A 33 ? 0.5066 0.4792 0.3297 0.0422  0.0750  -0.0181 172 ARG A CG  
273 C  CD  A ARG A 33 ? 0.5465 0.5349 0.3748 0.0371  0.0906  -0.0108 172 ARG A CD  
274 C  CD  B ARG A 33 ? 0.5600 0.5378 0.3634 0.0387  0.0884  -0.0128 172 ARG A CD  
275 N  NE  A ARG A 33 ? 0.5708 0.5554 0.3879 0.0300  0.0880  0.0017  172 ARG A NE  
276 N  NE  B ARG A 33 ? 0.5632 0.5488 0.3782 0.0306  0.0903  0.0005  172 ARG A NE  
277 C  CZ  A ARG A 33 ? 0.4951 0.4919 0.3211 0.0230  0.0978  0.0112  172 ARG A CZ  
278 C  CZ  B ARG A 33 ? 0.5382 0.5130 0.3430 0.0264  0.0798  0.0094  172 ARG A CZ  
279 N  NH1 A ARG A 33 ? 0.4599 0.4501 0.2746 0.0164  0.0934  0.0228  172 ARG A NH1 
280 N  NH1 B ARG A 33 ? 0.4895 0.4709 0.3064 0.0189  0.0817  0.0206  172 ARG A NH1 
281 N  NH2 A ARG A 33 ? 0.4326 0.4480 0.2806 0.0224  0.1107  0.0092  172 ARG A NH2 
282 N  NH2 B ARG A 33 ? 0.5589 0.5164 0.3431 0.0297  0.0664  0.0069  172 ARG A NH2 
283 N  N   . GLY A 34 ? 0.4219 0.3792 0.2750 0.0608  0.0602  -0.0538 173 GLY A N   
284 C  CA  . GLY A 34 ? 0.4478 0.3987 0.3038 0.0675  0.0605  -0.0666 173 GLY A CA  
285 C  C   . GLY A 34 ? 0.5363 0.5020 0.4170 0.0718  0.0738  -0.0723 173 GLY A C   
286 O  O   . GLY A 34 ? 0.5873 0.5468 0.4705 0.0785  0.0764  -0.0842 173 GLY A O   
287 N  N   . GLU A 35 ? 0.4595 0.4443 0.3604 0.0682  0.0815  -0.0644 174 GLU A N   
288 C  CA  . GLU A 35 ? 0.3883 0.3911 0.3167 0.0725  0.0934  -0.0699 174 GLU A CA  
289 C  C   . GLU A 35 ? 0.3970 0.4052 0.3592 0.0718  0.0848  -0.0663 174 GLU A C   
290 O  O   . GLU A 35 ? 0.4217 0.4333 0.3903 0.0651  0.0778  -0.0551 174 GLU A O   
291 C  CB  . GLU A 35 ? 0.4452 0.4685 0.3741 0.0692  0.1077  -0.0638 174 GLU A CB  
292 C  CG  . GLU A 35 ? 0.6068 0.6228 0.4979 0.0665  0.1138  -0.0616 174 GLU A CG  
293 C  CD  . GLU A 35 ? 0.7548 0.7892 0.6467 0.0610  0.1277  -0.0525 174 GLU A CD  
294 O  OE1 . GLU A 35 ? 0.7662 0.8219 0.6891 0.0611  0.1352  -0.0512 174 GLU A OE1 
295 O  OE2 . GLU A 35 ? 0.7595 0.7869 0.6216 0.0563  0.1302  -0.0460 174 GLU A OE2 
296 N  N   . GLU A 36 ? 0.3459 0.3527 0.3291 0.0788  0.0851  -0.0759 175 GLU A N   
297 C  CA  . GLU A 36 ? 0.3846 0.3944 0.3996 0.0786  0.0762  -0.0720 175 GLU A CA  
298 C  C   . GLU A 36 ? 0.3755 0.4089 0.4080 0.0748  0.0761  -0.0630 175 GLU A C   
299 O  O   . GLU A 36 ? 0.3544 0.4073 0.3896 0.0763  0.0879  -0.0635 175 GLU A O   
300 C  CB  . GLU A 36 ? 0.4849 0.4920 0.5227 0.0869  0.0790  -0.0798 175 GLU A CB  
301 C  CG  . GLU A 36 ? 0.5737 0.5519 0.5967 0.0925  0.0765  -0.0852 175 GLU A CG  
302 C  CD  . GLU A 36 ? 0.5713 0.5421 0.6147 0.1030  0.0819  -0.0874 175 GLU A CD  
303 O  OE1 . GLU A 36 ? 0.6393 0.6227 0.6944 0.1081  0.0958  -0.0965 175 GLU A OE1 
304 O  OE2 . GLU A 36 ? 0.5779 0.5323 0.6238 0.1075  0.0714  -0.0799 175 GLU A OE2 
305 N  N   . MSE A 37 ? 0.2817 0.3131 0.3249 0.0701  0.0635  -0.0543 176 MSE A N   
306 C  CA  . MSE A 37 ? 0.3007 0.3515 0.3590 0.0681  0.0620  -0.0453 176 MSE A CA  
307 C  C   . MSE A 37 ? 0.3189 0.3823 0.3996 0.0785  0.0574  -0.0465 176 MSE A C   
308 O  O   . MSE A 37 ? 0.3710 0.4232 0.4506 0.0873  0.0473  -0.0502 176 MSE A O   
309 C  CB  . MSE A 37 ? 0.3273 0.3698 0.3813 0.0597  0.0512  -0.0352 176 MSE A CB  
310 C  CG  . MSE A 37 ? 0.3437 0.3756 0.3729 0.0515  0.0532  -0.0299 176 MSE A CG  
311 SE SE  . MSE A 37 ? 0.3904 0.4151 0.4185 0.0423  0.0408  -0.0192 176 MSE A SE  
312 C  CE  . MSE A 37 ? 0.2135 0.2193 0.2390 0.0449  0.0303  -0.0253 176 MSE A CE  
313 N  N   . ILE A 38 ? 0.2800 0.3652 0.3773 0.0787  0.0654  -0.0406 177 ILE A N   
314 C  CA  . ILE A 38 ? 0.2535 0.3519 0.3760 0.0879  0.0636  -0.0374 177 ILE A CA  
315 C  C   . ILE A 38 ? 0.3217 0.4167 0.4559 0.0782  0.0528  -0.0249 177 ILE A C   
316 O  O   . ILE A 38 ? 0.4050 0.5107 0.5494 0.0679  0.0562  -0.0179 177 ILE A O   
317 C  CB  . ILE A 38 ? 0.4008 0.5250 0.5417 0.0892  0.0794  -0.0387 177 ILE A CB  
318 C  CG1 . ILE A 38 ? 0.4223 0.5491 0.5497 0.0971  0.0917  -0.0521 177 ILE A CG1 
319 C  CG2 . ILE A 38 ? 0.4828 0.6211 0.6570 0.0963  0.0769  -0.0348 177 ILE A CG2 
320 C  CD1 . ILE A 38 ? 0.4546 0.6095 0.6004 0.1016  0.1095  -0.0546 177 ILE A CD1 
321 N  N   . LEU A 39 ? 0.2151 0.2927 0.3462 0.0807  0.0398  -0.0220 178 LEU A N   
322 C  CA  . LEU A 39 ? 0.2090 0.2803 0.3463 0.0694  0.0285  -0.0125 178 LEU A CA  
323 C  C   . LEU A 39 ? 0.2179 0.2905 0.3802 0.0718  0.0185  -0.0089 178 LEU A C   
324 O  O   . LEU A 39 ? 0.2199 0.2892 0.3899 0.0829  0.0173  -0.0130 178 LEU A O   
325 C  CB  . LEU A 39 ? 0.1685 0.2178 0.2820 0.0651  0.0205  -0.0112 178 LEU A CB  
326 C  CG  . LEU A 39 ? 0.2318 0.2768 0.3218 0.0613  0.0262  -0.0151 178 LEU A CG  
327 C  CD1 . LEU A 39 ? 0.2598 0.2834 0.3306 0.0590  0.0177  -0.0139 178 LEU A CD1 
328 C  CD2 . LEU A 39 ? 0.2241 0.2793 0.3167 0.0496  0.0316  -0.0094 178 LEU A CD2 
329 N  N   . SER A 40 ? 0.1975 0.2726 0.3715 0.0613  0.0100  -0.0016 179 SER A N   
330 C  CA  . SER A 40 ? 0.2244 0.2956 0.4174 0.0612  -0.0045 0.0019  179 SER A CA  
331 C  C   . SER A 40 ? 0.2235 0.2708 0.3990 0.0606  -0.0160 0.0025  179 SER A C   
332 O  O   . SER A 40 ? 0.1833 0.2192 0.3347 0.0573  -0.0135 0.0017  179 SER A O   
333 C  CB  . SER A 40 ? 0.2568 0.3323 0.4604 0.0495  -0.0125 0.0091  179 SER A CB  
334 O  OG  . SER A 40 ? 0.1689 0.2294 0.3493 0.0394  -0.0180 0.0130  179 SER A OG  
335 N  N   . ARG A 41 ? 0.2358 0.2752 0.4239 0.0631  -0.0295 0.0039  180 ARG A N   
336 C  CA  . ARG A 41 ? 0.2690 0.2843 0.4395 0.0598  -0.0416 0.0055  180 ARG A CA  
337 C  C   . ARG A 41 ? 0.1852 0.1913 0.3342 0.0460  -0.0463 0.0111  180 ARG A C   
338 O  O   . ARG A 41 ? 0.2170 0.2089 0.3447 0.0426  -0.0467 0.0107  180 ARG A O   
339 C  CB  . ARG A 41 ? 0.3183 0.3253 0.5047 0.0619  -0.0582 0.0079  180 ARG A CB  
340 C  CG  . ARG A 41 ? 0.3351 0.3165 0.5022 0.0564  -0.0719 0.0109  180 ARG A CG  
341 C  CD  . ARG A 41 ? 0.4722 0.4421 0.6294 0.0643  -0.0667 0.0043  180 ARG A CD  
342 N  NE  . ARG A 41 ? 0.5013 0.4765 0.6802 0.0791  -0.0637 -0.0022 180 ARG A NE  
343 C  CZ  . ARG A 41 ? 0.5017 0.4637 0.6907 0.0845  -0.0765 -0.0030 180 ARG A CZ  
344 N  NH1 . ARG A 41 ? 0.4218 0.3633 0.5988 0.0754  -0.0934 0.0032  180 ARG A NH1 
345 N  NH2 . ARG A 41 ? 0.4332 0.4023 0.6437 0.0992  -0.0717 -0.0101 180 ARG A NH2 
346 N  N   . ALA A 42 ? 0.1971 0.2110 0.3523 0.0380  -0.0494 0.0160  181 ALA A N   
347 C  CA  . ALA A 42 ? 0.1832 0.1888 0.3184 0.0256  -0.0532 0.0209  181 ALA A CA  
348 C  C   . ALA A 42 ? 0.1440 0.1524 0.2636 0.0241  -0.0401 0.0184  181 ALA A C   
349 O  O   . ALA A 42 ? 0.1751 0.1718 0.2745 0.0175  -0.0422 0.0200  181 ALA A O   
350 C  CB  . ALA A 42 ? 0.2685 0.2807 0.4138 0.0185  -0.0592 0.0256  181 ALA A CB  
351 N  N   . GLU A 43 ? 0.1462 0.1702 0.2746 0.0297  -0.0266 0.0147  182 GLU A N   
352 C  CA  . GLU A 43 ? 0.1186 0.1443 0.2318 0.0293  -0.0147 0.0119  182 GLU A CA  
353 C  C   . GLU A 43 ? 0.1221 0.1355 0.2196 0.0348  -0.0130 0.0070  182 GLU A C   
354 O  O   . GLU A 43 ? 0.1472 0.1532 0.2280 0.0306  -0.0113 0.0068  182 GLU A O   
355 C  CB  . GLU A 43 ? 0.1539 0.1971 0.2763 0.0331  -0.0014 0.0093  182 GLU A CB  
356 C  CG  . GLU A 43 ? 0.1525 0.2059 0.2891 0.0258  -0.0024 0.0144  182 GLU A CG  
357 C  CD  . GLU A 43 ? 0.2420 0.3131 0.3928 0.0292  0.0092  0.0126  182 GLU A CD  
358 O  OE1 . GLU A 43 ? 0.1859 0.2632 0.3379 0.0385  0.0175  0.0069  182 GLU A OE1 
359 O  OE2 . GLU A 43 ? 0.1935 0.2716 0.3534 0.0224  0.0097  0.0168  182 GLU A OE2 
360 N  N   . GLN A 44 ? 0.1724 0.1827 0.2759 0.0444  -0.0137 0.0030  183 GLN A N   
361 C  CA  . GLN A 44 ? 0.1657 0.1598 0.2541 0.0485  -0.0140 -0.0013 183 GLN A CA  
362 C  C   . GLN A 44 ? 0.1749 0.1526 0.2512 0.0383  -0.0256 0.0028  183 GLN A C   
363 O  O   . GLN A 44 ? 0.2126 0.1807 0.2730 0.0351  -0.0243 0.0009  183 GLN A O   
364 C  CB  . GLN A 44 ? 0.2308 0.2211 0.3298 0.0593  -0.0155 -0.0056 183 GLN A CB  
365 C  CG  . GLN A 44 ? 0.2192 0.1884 0.3048 0.0601  -0.0203 -0.0093 183 GLN A CG  
366 C  CD  . GLN A 44 ? 0.2686 0.2313 0.3663 0.0705  -0.0238 -0.0138 183 GLN A CD  
367 O  OE1 . GLN A 44 ? 0.3410 0.2950 0.4473 0.0686  -0.0375 -0.0106 183 GLN A OE1 
368 N  NE2 . GLN A 44 ? 0.2421 0.2075 0.3395 0.0817  -0.0114 -0.0213 183 GLN A NE2 
369 N  N   A ASN A 45 ? 0.1667 0.1418 0.2501 0.0327  -0.0371 0.0087  184 ASN A N   
370 N  N   B ASN A 45 ? 0.1540 0.1283 0.2365 0.0325  -0.0372 0.0086  184 ASN A N   
371 C  CA  A ASN A 45 ? 0.2027 0.1636 0.2720 0.0216  -0.0480 0.0142  184 ASN A CA  
372 C  CA  B ASN A 45 ? 0.2220 0.1812 0.2890 0.0219  -0.0472 0.0134  184 ASN A CA  
373 C  C   A ASN A 45 ? 0.2129 0.1741 0.2659 0.0127  -0.0432 0.0157  184 ASN A C   
374 C  C   B ASN A 45 ? 0.2314 0.1925 0.2835 0.0127  -0.0425 0.0154  184 ASN A C   
375 O  O   A ASN A 45 ? 0.2328 0.1837 0.2709 0.0065  -0.0453 0.0165  184 ASN A O   
376 O  O   B ASN A 45 ? 0.2062 0.1576 0.2433 0.0063  -0.0441 0.0162  184 ASN A O   
377 C  CB  A ASN A 45 ? 0.1786 0.1392 0.2555 0.0168  -0.0595 0.0203  184 ASN A CB  
378 C  CB  B ASN A 45 ? 0.1949 0.1487 0.2667 0.0172  -0.0608 0.0195  184 ASN A CB  
379 C  CG  A ASN A 45 ? 0.1761 0.1220 0.2341 0.0050  -0.0699 0.0263  184 ASN A CG  
380 C  CG  B ASN A 45 ? 0.3103 0.2559 0.3935 0.0251  -0.0687 0.0177  184 ASN A CG  
381 O  OD1 A ASN A 45 ? 0.2372 0.1840 0.2801 -0.0041 -0.0674 0.0289  184 ASN A OD1 
382 O  OD1 B ASN A 45 ? 0.3162 0.2610 0.4040 0.0346  -0.0628 0.0112  184 ASN A OD1 
383 N  ND2 A ASN A 45 ? 0.2145 0.1473 0.2725 0.0054  -0.0812 0.0286  184 ASN A ND2 
384 N  ND2 B ASN A 45 ? 0.4549 0.3929 0.5414 0.0213  -0.0825 0.0232  184 ASN A ND2 
385 N  N   . VAL A 46 ? 0.1404 0.1146 0.1980 0.0120  -0.0363 0.0162  185 VAL A N   
386 C  CA  . VAL A 46 ? 0.1406 0.1165 0.1860 0.0050  -0.0312 0.0172  185 VAL A CA  
387 C  C   . VAL A 46 ? 0.1503 0.1226 0.1876 0.0087  -0.0238 0.0116  185 VAL A C   
388 O  O   . VAL A 46 ? 0.1593 0.1253 0.1834 0.0019  -0.0237 0.0118  185 VAL A O   
389 C  CB  . VAL A 46 ? 0.1667 0.1568 0.2213 0.0040  -0.0259 0.0189  185 VAL A CB  
390 C  CG1 . VAL A 46 ? 0.1119 0.1026 0.1546 -0.0017 -0.0200 0.0192  185 VAL A CG1 
391 C  CG2 . VAL A 46 ? 0.1908 0.1816 0.2505 -0.0020 -0.0352 0.0239  185 VAL A CG2 
392 N  N   . PHE A 47 ? 0.1556 0.1330 0.1994 0.0191  -0.0168 0.0061  186 PHE A N   
393 C  CA  . PHE A 47 ? 0.1453 0.1181 0.1781 0.0229  -0.0109 -0.0002 186 PHE A CA  
394 C  C   . PHE A 47 ? 0.1690 0.1264 0.1932 0.0197  -0.0181 -0.0021 186 PHE A C   
395 O  O   . PHE A 47 ? 0.1767 0.1295 0.1911 0.0155  -0.0178 -0.0045 186 PHE A O   
396 C  CB  . PHE A 47 ? 0.1415 0.1219 0.1761 0.0339  -0.0010 -0.0051 186 PHE A CB  
397 C  CG  . PHE A 47 ? 0.1447 0.1397 0.1787 0.0334  0.0066  -0.0057 186 PHE A CG  
398 C  CD1 . PHE A 47 ? 0.1509 0.1449 0.1746 0.0301  0.0100  -0.0097 186 PHE A CD1 
399 C  CD2 . PHE A 47 ? 0.1664 0.1758 0.2154 0.0313  0.0096  -0.0017 186 PHE A CD2 
400 C  CE1 . PHE A 47 ? 0.1568 0.1601 0.1766 0.0266  0.0173  -0.0065 186 PHE A CE1 
401 C  CE2 . PHE A 47 ? 0.1406 0.1598 0.1882 0.0268  0.0173  0.0003  186 PHE A CE2 
402 C  CZ  . PHE A 47 ? 0.1551 0.1699 0.1864 0.0247  0.0209  -0.0014 186 PHE A CZ  
403 N  N   . LEU A 48 ? 0.1359 0.0867 0.1658 0.0212  -0.0254 -0.0005 187 LEU A N   
404 C  CA  . LEU A 48 ? 0.1649 0.1015 0.1884 0.0178  -0.0329 -0.0015 187 LEU A CA  
405 C  C   . LEU A 48 ? 0.2041 0.1376 0.2184 0.0052  -0.0367 0.0044  187 LEU A C   
406 O  O   . LEU A 48 ? 0.2197 0.1453 0.2287 0.0011  -0.0398 0.0038  187 LEU A O   
407 C  CB  . LEU A 48 ? 0.1664 0.0954 0.1986 0.0224  -0.0410 -0.0006 187 LEU A CB  
408 C  CG  . LEU A 48 ? 0.2131 0.1435 0.2544 0.0357  -0.0363 -0.0078 187 LEU A CG  
409 C  CD1 . LEU A 48 ? 0.1781 0.1012 0.2310 0.0401  -0.0458 -0.0065 187 LEU A CD1 
410 C  CD2 . LEU A 48 ? 0.2012 0.1239 0.2325 0.0394  -0.0324 -0.0163 187 LEU A CD2 
411 N  N   . GLN A 49 ? 0.1599 0.1011 0.1728 -0.0009 -0.0355 0.0100  188 GLN A N   
412 C  CA  . GLN A 49 ? 0.1886 0.1301 0.1904 -0.0117 -0.0347 0.0145  188 GLN A CA  
413 C  C   . GLN A 49 ? 0.2083 0.1558 0.2073 -0.0138 -0.0265 0.0104  188 GLN A C   
414 O  O   . GLN A 49 ? 0.2032 0.1519 0.1974 -0.0206 -0.0237 0.0118  188 GLN A O   
415 C  CB  . GLN A 49 ? 0.2076 0.1562 0.2052 -0.0165 -0.0345 0.0191  188 GLN A CB  
416 C  CG  . GLN A 49 ? 0.2810 0.2237 0.2807 -0.0170 -0.0449 0.0238  188 GLN A CG  
417 C  CD  . GLN A 49 ? 0.3273 0.2753 0.3206 -0.0228 -0.0464 0.0272  188 GLN A CD  
418 O  OE1 . GLN A 49 ? 0.2890 0.2383 0.2680 -0.0297 -0.0420 0.0277  188 GLN A OE1 
419 N  NE2 . GLN A 49 ? 0.3480 0.2985 0.3530 -0.0198 -0.0522 0.0285  188 GLN A NE2 
420 N  N   . HIS A 50 ? 0.1616 0.1128 0.1645 -0.0076 -0.0225 0.0051  189 HIS A N   
421 C  CA  . HIS A 50 ? 0.1243 0.0820 0.1254 -0.0095 -0.0166 0.0011  189 HIS A CA  
422 C  C   . HIS A 50 ? 0.1578 0.1106 0.1580 -0.0035 -0.0181 -0.0057 189 HIS A C   
423 O  O   . HIS A 50 ? 0.1592 0.1154 0.1585 -0.0061 -0.0170 -0.0085 189 HIS A O   
424 C  CB  . HIS A 50 ? 0.1147 0.0820 0.1168 -0.0091 -0.0108 0.0014  189 HIS A CB  
425 C  CG  . HIS A 50 ? 0.1639 0.1377 0.1643 -0.0140 -0.0091 0.0060  189 HIS A CG  
426 N  ND1 . HIS A 50 ? 0.1786 0.1584 0.1766 -0.0180 -0.0049 0.0056  189 HIS A ND1 
427 C  CD2 . HIS A 50 ? 0.1816 0.1556 0.1828 -0.0138 -0.0126 0.0102  189 HIS A CD2 
428 C  CE1 . HIS A 50 ? 0.1857 0.1664 0.1776 -0.0207 -0.0063 0.0087  189 HIS A CE1 
429 N  NE2 . HIS A 50 ? 0.1815 0.1596 0.1758 -0.0185 -0.0110 0.0114  189 HIS A NE2 
430 N  N   . PHE A 51 ? 0.1451 0.0918 0.1455 0.0052  -0.0201 -0.0091 190 PHE A N   
431 C  CA  . PHE A 51 ? 0.1448 0.0869 0.1401 0.0113  -0.0210 -0.0162 190 PHE A CA  
432 C  C   . PHE A 51 ? 0.1447 0.0754 0.1420 0.0144  -0.0272 -0.0178 190 PHE A C   
433 O  O   . PHE A 51 ? 0.1689 0.0981 0.1679 0.0231  -0.0248 -0.0212 190 PHE A O   
434 C  CB  . PHE A 51 ? 0.1434 0.0920 0.1348 0.0200  -0.0129 -0.0200 190 PHE A CB  
435 C  CG  . PHE A 51 ? 0.1273 0.0860 0.1168 0.0177  -0.0077 -0.0178 190 PHE A CG  
436 C  CD1 . PHE A 51 ? 0.1309 0.0908 0.1130 0.0163  -0.0089 -0.0201 190 PHE A CD1 
437 C  CD2 . PHE A 51 ? 0.1826 0.1490 0.1791 0.0175  -0.0031 -0.0133 190 PHE A CD2 
438 C  CE1 . PHE A 51 ? 0.1457 0.1136 0.1265 0.0148  -0.0051 -0.0179 190 PHE A CE1 
439 C  CE2 . PHE A 51 ? 0.1724 0.1467 0.1667 0.0156  0.0014  -0.0115 190 PHE A CE2 
440 C  CZ  . PHE A 51 ? 0.1774 0.1523 0.1639 0.0142  0.0005  -0.0139 190 PHE A CZ  
441 N  N   . PRO A 52 ? 0.1483 0.0718 0.1468 0.0072  -0.0340 -0.0148 191 PRO A N   
442 C  CA  . PRO A 52 ? 0.1366 0.0475 0.1378 0.0088  -0.0416 -0.0144 191 PRO A CA  
443 C  C   . PRO A 52 ? 0.1561 0.0584 0.1546 0.0185  -0.0434 -0.0235 191 PRO A C   
444 O  O   . PRO A 52 ? 0.1860 0.0801 0.1890 0.0239  -0.0471 -0.0248 191 PRO A O   
445 C  CB  . PRO A 52 ? 0.2321 0.1377 0.2334 -0.0018 -0.0466 -0.0097 191 PRO A CB  
446 C  CG  . PRO A 52 ? 0.1889 0.1053 0.1891 -0.0066 -0.0410 -0.0108 191 PRO A CG  
447 C  CD  . PRO A 52 ? 0.1658 0.0935 0.1649 -0.0030 -0.0337 -0.0111 191 PRO A CD  
448 N  N   . ASP A 53 ? 0.1819 0.0855 0.1728 0.0209  -0.0412 -0.0298 192 ASP A N   
449 C  CA  . ASP A 53 ? 0.2024 0.0961 0.1865 0.0291  -0.0432 -0.0391 192 ASP A CA  
450 C  C   . ASP A 53 ? 0.1875 0.0878 0.1671 0.0391  -0.0323 -0.0443 192 ASP A C   
451 O  O   . ASP A 53 ? 0.2362 0.1297 0.2068 0.0460  -0.0310 -0.0528 192 ASP A O   
452 C  CB  . ASP A 53 ? 0.2125 0.1025 0.1889 0.0258  -0.0485 -0.0429 192 ASP A CB  
453 C  CG  . ASP A 53 ? 0.3124 0.1970 0.2963 0.0156  -0.0572 -0.0380 192 ASP A CG  
454 O  OD1 . ASP A 53 ? 0.3330 0.2070 0.3222 0.0138  -0.0630 -0.0358 192 ASP A OD1 
455 O  OD2 . ASP A 53 ? 0.3497 0.2408 0.3349 0.0092  -0.0578 -0.0361 192 ASP A OD2 
456 N  N   A MSE A 54 ? 0.1810 0.0940 0.1670 0.0392  -0.0242 -0.0391 193 MSE A N   
457 N  N   B MSE A 54 ? 0.1623 0.0754 0.1483 0.0395  -0.0241 -0.0393 193 MSE A N   
458 C  CA  A MSE A 54 ? 0.2050 0.1279 0.1899 0.0465  -0.0118 -0.0417 193 MSE A CA  
459 C  CA  B MSE A 54 ? 0.1955 0.1180 0.1789 0.0467  -0.0117 -0.0425 193 MSE A CA  
460 C  C   A MSE A 54 ? 0.2161 0.1334 0.2019 0.0569  -0.0068 -0.0498 193 MSE A C   
461 C  C   B MSE A 54 ? 0.2106 0.1277 0.1962 0.0572  -0.0064 -0.0500 193 MSE A C   
462 O  O   A MSE A 54 ? 0.2592 0.1776 0.2343 0.0616  0.0008  -0.0566 193 MSE A O   
463 O  O   B MSE A 54 ? 0.1997 0.1186 0.1755 0.0623  0.0018  -0.0569 193 MSE A O   
464 C  CB  A MSE A 54 ? 0.1848 0.1206 0.1826 0.0452  -0.0060 -0.0339 193 MSE A CB  
465 C  CB  B MSE A 54 ? 0.2188 0.1557 0.2131 0.0448  -0.0048 -0.0348 193 MSE A CB  
466 C  CG  A MSE A 54 ? 0.2656 0.2135 0.2697 0.0517  0.0075  -0.0354 193 MSE A CG  
467 C  CG  B MSE A 54 ? 0.2827 0.2316 0.2799 0.0503  0.0086  -0.0367 193 MSE A CG  
468 SE SE  A MSE A 54 ? 0.2309 0.1968 0.2529 0.0484  0.0128  -0.0245 193 MSE A SE  
469 SE SE  B MSE A 54 ? 0.5672 0.5336 0.5838 0.0469  0.0138  -0.0261 193 MSE A SE  
470 C  CE  A MSE A 54 ? 0.1225 0.0833 0.1587 0.0541  0.0040  -0.0202 193 MSE A CE  
471 C  CE  B MSE A 54 ? 0.1101 0.0649 0.1293 0.0425  -0.0017 -0.0201 193 MSE A CE  
472 N  N   . LEU A 55 ? 0.2086 0.1194 0.2067 0.0605  -0.0113 -0.0491 194 LEU A N   
473 C  CA  . LEU A 55 ? 0.2171 0.1240 0.2210 0.0720  -0.0050 -0.0566 194 LEU A CA  
474 C  C   . LEU A 55 ? 0.2470 0.1397 0.2357 0.0768  -0.0064 -0.0685 194 LEU A C   
475 O  O   . LEU A 55 ? 0.2904 0.1855 0.2742 0.0842  0.0056  -0.0766 194 LEU A O   
476 C  CB  . LEU A 55 ? 0.2215 0.1250 0.2434 0.0759  -0.0113 -0.0525 194 LEU A CB  
477 C  CG  . LEU A 55 ? 0.2235 0.1422 0.2595 0.0732  -0.0096 -0.0419 194 LEU A CG  
478 C  CD1 . LEU A 55 ? 0.2442 0.1604 0.2978 0.0781  -0.0177 -0.0388 194 LEU A CD1 
479 C  CD2 . LEU A 55 ? 0.2727 0.2092 0.3124 0.0772  0.0073  -0.0413 194 LEU A CD2 
480 N  N   . PRO A 56 ? 0.2567 0.1342 0.2382 0.0720  -0.0207 -0.0698 195 PRO A N   
481 C  CA  . PRO A 56 ? 0.2877 0.1510 0.2536 0.0764  -0.0235 -0.0814 195 PRO A CA  
482 C  C   . PRO A 56 ? 0.2896 0.1560 0.2356 0.0723  -0.0224 -0.0835 195 PRO A C   
483 O  O   . PRO A 56 ? 0.3230 0.1804 0.2527 0.0777  -0.0209 -0.0938 195 PRO A O   
484 C  CB  . PRO A 56 ? 0.3077 0.1540 0.2770 0.0717  -0.0407 -0.0804 195 PRO A CB  
485 C  CG  . PRO A 56 ? 0.2682 0.1234 0.2473 0.0604  -0.0459 -0.0672 195 PRO A CG  
486 C  CD  . PRO A 56 ? 0.2705 0.1419 0.2599 0.0634  -0.0345 -0.0618 195 PRO A CD  
487 N  N   . CYS A 57 ? 0.2725 0.1503 0.2189 0.0636  -0.0235 -0.0743 196 CYS A N   
488 C  CA  . CYS A 57 ? 0.2828 0.1608 0.2123 0.0598  -0.0267 -0.0752 196 CYS A CA  
489 C  C   . CYS A 57 ? 0.2990 0.1923 0.2223 0.0587  -0.0167 -0.0707 196 CYS A C   
490 O  O   . CYS A 57 ? 0.3397 0.2319 0.2482 0.0566  -0.0201 -0.0709 196 CYS A O   
491 C  CB  . CYS A 57 ? 0.2530 0.1275 0.1874 0.0501  -0.0406 -0.0697 196 CYS A CB  
492 S  SG  . CYS A 57 ? 0.3068 0.1632 0.2493 0.0485  -0.0542 -0.0726 196 CYS A SG  
493 N  N   . GLY A 58 ? 0.3209 0.2275 0.2564 0.0597  -0.0056 -0.0660 197 GLY A N   
494 C  CA  . GLY A 58 ? 0.3023 0.2228 0.2338 0.0572  0.0025  -0.0605 197 GLY A CA  
495 C  C   . GLY A 58 ? 0.2872 0.2129 0.2227 0.0486  -0.0045 -0.0517 197 GLY A C   
496 O  O   . GLY A 58 ? 0.2315 0.1532 0.1762 0.0436  -0.0136 -0.0491 197 GLY A O   
497 N  N   . ILE A 59 ? 0.2063 0.1407 0.1352 0.0467  0.0003  -0.0472 198 ILE A N   
498 C  CA  . ILE A 59 ? 0.2025 0.1421 0.1358 0.0397  -0.0048 -0.0401 198 ILE A CA  
499 C  C   . ILE A 59 ? 0.2996 0.2354 0.2157 0.0400  -0.0084 -0.0401 198 ILE A C   
500 O  O   . ILE A 59 ? 0.2801 0.2155 0.1811 0.0440  -0.0018 -0.0412 198 ILE A O   
501 C  CB  . ILE A 59 ? 0.2087 0.1618 0.1549 0.0369  0.0029  -0.0330 198 ILE A CB  
502 C  CG1 . ILE A 59 ? 0.1975 0.1520 0.1610 0.0362  0.0031  -0.0319 198 ILE A CG1 
503 C  CG2 . ILE A 59 ? 0.2284 0.1858 0.1764 0.0309  -0.0010 -0.0274 198 ILE A CG2 
504 C  CD1 . ILE A 59 ? 0.2101 0.1774 0.1872 0.0346  0.0099  -0.0259 198 ILE A CD1 
505 N  N   . ASP A 60 ? 0.2430 0.1762 0.1624 0.0356  -0.0190 -0.0389 199 ASP A N   
506 C  CA  . ASP A 60 ? 0.2908 0.2178 0.1963 0.0365  -0.0259 -0.0396 199 ASP A CA  
507 C  C   . ASP A 60 ? 0.2405 0.1752 0.1469 0.0348  -0.0223 -0.0329 199 ASP A C   
508 O  O   . ASP A 60 ? 0.2421 0.1847 0.1649 0.0300  -0.0234 -0.0293 199 ASP A O   
509 C  CB  . ASP A 60 ? 0.3129 0.2354 0.2282 0.0324  -0.0391 -0.0416 199 ASP A CB  
510 C  CG  . ASP A 60 ? 0.3968 0.3129 0.3024 0.0332  -0.0489 -0.0427 199 ASP A CG  
511 O  OD1 . ASP A 60 ? 0.3651 0.2769 0.2514 0.0374  -0.0464 -0.0419 199 ASP A OD1 
512 O  OD2 . ASP A 60 ? 0.4555 0.3708 0.3735 0.0294  -0.0593 -0.0439 199 ASP A OD2 
513 N  N   A ARG A 61 ? 0.2527 0.1841 0.1404 0.0383  -0.0178 -0.0314 200 ARG A N   
514 N  N   B ARG A 61 ? 0.2515 0.1825 0.1390 0.0384  -0.0180 -0.0316 200 ARG A N   
515 C  CA  A ARG A 61 ? 0.2621 0.1986 0.1497 0.0366  -0.0142 -0.0244 200 ARG A CA  
516 C  CA  B ARG A 61 ? 0.2770 0.2129 0.1631 0.0369  -0.0143 -0.0246 200 ARG A CA  
517 C  C   A ARG A 61 ? 0.2487 0.1834 0.1436 0.0341  -0.0260 -0.0234 200 ARG A C   
518 C  C   B ARG A 61 ? 0.2685 0.2022 0.1608 0.0345  -0.0261 -0.0234 200 ARG A C   
519 O  O   A ARG A 61 ? 0.2468 0.1868 0.1489 0.0321  -0.0248 -0.0186 200 ARG A O   
520 O  O   B ARG A 61 ? 0.2394 0.1771 0.1360 0.0329  -0.0249 -0.0183 200 ARG A O   
521 C  CB  A ARG A 61 ? 0.3147 0.2464 0.1791 0.0393  -0.0076 -0.0222 200 ARG A CB  
522 C  CB  B ARG A 61 ? 0.3169 0.2476 0.1790 0.0399  -0.0076 -0.0228 200 ARG A CB  
523 C  CG  A ARG A 61 ? 0.3487 0.2658 0.1895 0.0424  -0.0163 -0.0267 200 ARG A CG  
524 C  CG  B ARG A 61 ? 0.3630 0.2791 0.2027 0.0421  -0.0182 -0.0258 200 ARG A CG  
525 C  CD  A ARG A 61 ? 0.4444 0.3564 0.2614 0.0428  -0.0124 -0.0216 200 ARG A CD  
526 C  CD  B ARG A 61 ? 0.4380 0.3489 0.2499 0.0443  -0.0100 -0.0244 200 ARG A CD  
527 N  NE  A ARG A 61 ? 0.4039 0.3267 0.2218 0.0416  0.0044  -0.0169 200 ARG A NE  
528 N  NE  B ARG A 61 ? 0.4770 0.3896 0.2825 0.0475  0.0005  -0.0307 200 ARG A NE  
529 C  CZ  A ARG A 61 ? 0.4567 0.3809 0.2609 0.0439  0.0155  -0.0203 200 ARG A CZ  
530 C  CZ  B ARG A 61 ? 0.4947 0.3964 0.2842 0.0514  -0.0039 -0.0396 200 ARG A CZ  
531 N  NH1 A ARG A 61 ? 0.3497 0.2865 0.1603 0.0419  0.0304  -0.0157 200 ARG A NH1 
532 N  NH1 B ARG A 61 ? 0.5387 0.4426 0.3244 0.0549  0.0069  -0.0464 200 ARG A NH1 
533 N  NH2 A ARG A 61 ? 0.5159 0.4290 0.3009 0.0482  0.0118  -0.0289 200 ARG A NH2 
534 N  NH2 B ARG A 61 ? 0.4460 0.3338 0.2242 0.0519  -0.0197 -0.0427 200 ARG A NH2 
535 N  N   . ASN A 62 ? 0.2675 0.1949 0.1623 0.0343  -0.0378 -0.0284 201 ASN A N   
536 C  CA  . ASN A 62 ? 0.2365 0.1640 0.1430 0.0320  -0.0496 -0.0284 201 ASN A CA  
537 C  C   . ASN A 62 ? 0.2561 0.1958 0.1915 0.0264  -0.0504 -0.0288 201 ASN A C   
538 O  O   . ASN A 62 ? 0.2649 0.2092 0.2164 0.0241  -0.0575 -0.0290 201 ASN A O   
539 C  CB  . ASN A 62 ? 0.3146 0.2297 0.2106 0.0341  -0.0625 -0.0331 201 ASN A CB  
540 C  CG  . ASN A 62 ? 0.4457 0.3480 0.3102 0.0385  -0.0627 -0.0324 201 ASN A CG  
541 O  OD1 . ASN A 62 ? 0.5269 0.4292 0.3826 0.0388  -0.0590 -0.0267 201 ASN A OD1 
542 N  ND2 . ASN A 62 ? 0.5842 0.4747 0.4303 0.0414  -0.0668 -0.0380 201 ASN A ND2 
543 N  N   . SER A 63 ? 0.2425 0.1882 0.1855 0.0239  -0.0426 -0.0287 202 SER A N   
544 C  CA  . SER A 63 ? 0.2031 0.1595 0.1699 0.0171  -0.0419 -0.0282 202 SER A CA  
545 C  C   . SER A 63 ? 0.1955 0.1623 0.1731 0.0149  -0.0370 -0.0249 202 SER A C   
546 O  O   . SER A 63 ? 0.1975 0.1635 0.1646 0.0178  -0.0316 -0.0222 202 SER A O   
547 C  CB  . SER A 63 ? 0.2605 0.2169 0.2299 0.0145  -0.0363 -0.0283 202 SER A CB  
548 O  OG  . SER A 63 ? 0.2809 0.2408 0.2457 0.0160  -0.0266 -0.0254 202 SER A OG  
549 N  N   . GLU A 64 ? 0.1531 0.1296 0.1520 0.0095  -0.0379 -0.0253 203 GLU A N   
550 C  CA  . GLU A 64 ? 0.1416 0.1282 0.1526 0.0076  -0.0328 -0.0237 203 GLU A CA  
551 C  C   . GLU A 64 ? 0.1399 0.1287 0.1457 0.0059  -0.0231 -0.0210 203 GLU A C   
552 O  O   . GLU A 64 ? 0.1296 0.1201 0.1341 0.0075  -0.0201 -0.0198 203 GLU A O   
553 C  CB  . GLU A 64 ? 0.1972 0.1950 0.2308 0.0021  -0.0310 -0.0248 203 GLU A CB  
554 C  CG  . GLU A 64 ? 0.3278 0.3268 0.3734 0.0045  -0.0401 -0.0278 203 GLU A CG  
555 C  CD  . GLU A 64 ? 0.4999 0.5114 0.5680 -0.0010 -0.0357 -0.0293 203 GLU A CD  
556 O  OE1 . GLU A 64 ? 0.5273 0.5441 0.5961 -0.0074 -0.0264 -0.0271 203 GLU A OE1 
557 O  OE2 . GLU A 64 ? 0.5544 0.5697 0.6379 0.0011  -0.0417 -0.0322 203 GLU A OE2 
558 N  N   . LEU A 65 ? 0.1543 0.1408 0.1573 0.0027  -0.0190 -0.0200 204 LEU A N   
559 C  CA  . LEU A 65 ? 0.1436 0.1312 0.1439 0.0011  -0.0113 -0.0172 204 LEU A CA  
560 C  C   . LEU A 65 ? 0.1199 0.1026 0.1057 0.0081  -0.0082 -0.0160 204 LEU A C   
561 O  O   . LEU A 65 ? 0.1435 0.1298 0.1297 0.0084  -0.0018 -0.0129 204 LEU A O   
562 C  CB  . LEU A 65 ? 0.1457 0.1301 0.1470 -0.0033 -0.0100 -0.0158 204 LEU A CB  
563 C  CG  . LEU A 65 ? 0.1439 0.1282 0.1445 -0.0050 -0.0050 -0.0127 204 LEU A CG  
564 C  CD1 . LEU A 65 ? 0.1816 0.1760 0.1887 -0.0091 -0.0008 -0.0090 204 LEU A CD1 
565 C  CD2 . LEU A 65 ? 0.1525 0.1310 0.1532 -0.0082 -0.0065 -0.0110 204 LEU A CD2 
566 N  N   . ALA A 66 ? 0.1342 0.1099 0.1078 0.0132  -0.0110 -0.0172 205 ALA A N   
567 C  CA  . ALA A 66 ? 0.1419 0.1157 0.1025 0.0185  -0.0048 -0.0144 205 ALA A CA  
568 C  C   . ALA A 66 ? 0.1503 0.1242 0.1046 0.0201  -0.0037 -0.0106 205 ALA A C   
569 O  O   . ALA A 66 ? 0.1729 0.1503 0.1259 0.0203  0.0045  -0.0053 205 ALA A O   
570 C  CB  . ALA A 66 ? 0.1819 0.1474 0.1288 0.0233  -0.0073 -0.0177 205 ALA A CB  
571 N  N   . ILE A 67 ? 0.1556 0.1258 0.1091 0.0206  -0.0130 -0.0129 206 ILE A N   
572 C  CA  . ILE A 67 ? 0.1574 0.1251 0.1049 0.0224  -0.0152 -0.0088 206 ILE A CA  
573 C  C   . ILE A 67 ? 0.1719 0.1498 0.1387 0.0174  -0.0080 -0.0050 206 ILE A C   
574 O  O   . ILE A 67 ? 0.1462 0.1231 0.1093 0.0172  -0.0028 0.0016  206 ILE A O   
575 C  CB  . ILE A 67 ? 0.1507 0.1153 0.1043 0.0232  -0.0291 -0.0121 206 ILE A CB  
576 C  CG1 . ILE A 67 ? 0.1796 0.1336 0.1180 0.0261  -0.0341 -0.0138 206 ILE A CG1 
577 C  CG2 . ILE A 67 ? 0.1541 0.1174 0.1114 0.0243  -0.0323 -0.0068 206 ILE A CG2 
578 C  CD1 . ILE A 67 ? 0.2313 0.1830 0.1799 0.0262  -0.0475 -0.0177 206 ILE A CD1 
579 N  N   . ALA A 68 ? 0.1230 0.1093 0.1088 0.0126  -0.0080 -0.0092 207 ALA A N   
580 C  CA  . ALA A 68 ? 0.1219 0.1157 0.1213 0.0079  -0.0021 -0.0075 207 ALA A CA  
581 C  C   . ALA A 68 ? 0.1108 0.1057 0.1061 0.0063  0.0061  -0.0022 207 ALA A C   
582 O  O   . ALA A 68 ? 0.1193 0.1156 0.1193 0.0041  0.0093  0.0014  207 ALA A O   
583 C  CB  . ALA A 68 ? 0.1355 0.1374 0.1505 0.0022  -0.0015 -0.0129 207 ALA A CB  
584 N  N   . LEU A 69 ? 0.1133 0.1075 0.1025 0.0077  0.0085  -0.0023 208 LEU A N   
585 C  CA  . LEU A 69 ? 0.1201 0.1182 0.1127 0.0060  0.0130  0.0020  208 LEU A CA  
586 C  C   . LEU A 69 ? 0.1086 0.1059 0.0967 0.0079  0.0160  0.0065  208 LEU A C   
587 O  O   . LEU A 69 ? 0.1324 0.1336 0.1281 0.0046  0.0168  0.0091  208 LEU A O   
588 C  CB  . LEU A 69 ? 0.1266 0.1244 0.1188 0.0079  0.0131  -0.0001 208 LEU A CB  
589 C  CG  . LEU A 69 ? 0.1274 0.1300 0.1271 0.0072  0.0155  0.0030  208 LEU A CG  
590 C  CD1 . LEU A 69 ? 0.1279 0.1334 0.1351 0.0016  0.0124  0.0046  208 LEU A CD1 
591 C  CD2 . LEU A 69 ? 0.1273 0.1286 0.1283 0.0117  0.0162  0.0005  208 LEU A CD2 
592 N  N   A ARG A 70 ? 0.1278 0.1189 0.1011 0.0128  0.0163  0.0066  209 ARG A N   
593 N  N   B ARG A 70 ? 0.1407 0.1318 0.1141 0.0127  0.0165  0.0068  209 ARG A N   
594 C  CA  A ARG A 70 ? 0.1277 0.1168 0.0932 0.0132  0.0197  0.0114  209 ARG A CA  
595 C  CA  B ARG A 70 ? 0.1033 0.0933 0.0706 0.0127  0.0202  0.0117  209 ARG A CA  
596 C  C   A ARG A 70 ? 0.1221 0.1103 0.0933 0.0092  0.0188  0.0164  209 ARG A C   
597 C  C   B ARG A 70 ? 0.1246 0.1132 0.0968 0.0089  0.0188  0.0165  209 ARG A C   
598 O  O   A ARG A 70 ? 0.1479 0.1394 0.1241 0.0053  0.0218  0.0203  209 ARG A O   
599 O  O   B ARG A 70 ? 0.1155 0.1071 0.0927 0.0050  0.0216  0.0205  209 ARG A O   
600 C  CB  A ARG A 70 ? 0.1743 0.1529 0.1187 0.0181  0.0162  0.0099  209 ARG A CB  
601 C  CB  B ARG A 70 ? 0.1813 0.1620 0.1275 0.0174  0.0188  0.0110  209 ARG A CB  
602 C  CG  A ARG A 70 ? 0.2977 0.2730 0.2287 0.0177  0.0202  0.0150  209 ARG A CG  
603 C  CG  B ARG A 70 ? 0.3384 0.3199 0.2762 0.0163  0.0256  0.0156  209 ARG A CG  
604 C  CD  A ARG A 70 ? 0.2700 0.2355 0.1794 0.0225  0.0167  0.0110  209 ARG A CD  
605 C  CD  B ARG A 70 ? 0.3600 0.3299 0.2751 0.0182  0.0214  0.0178  209 ARG A CD  
606 N  NE  A ARG A 70 ? 0.2414 0.1965 0.1422 0.0245  0.0043  0.0098  209 ARG A NE  
607 N  NE  B ARG A 70 ? 0.4045 0.3707 0.3014 0.0216  0.0248  0.0149  209 ARG A NE  
608 C  CZ  A ARG A 70 ? 0.3451 0.2945 0.2423 0.0278  -0.0049 0.0026  209 ARG A CZ  
609 C  CZ  B ARG A 70 ? 0.3800 0.3536 0.2776 0.0216  0.0353  0.0141  209 ARG A CZ  
610 N  NH1 A ARG A 70 ? 0.4220 0.3642 0.3175 0.0287  -0.0178 0.0014  209 ARG A NH1 
611 N  NH1 B ARG A 70 ? 0.1806 0.1665 0.0986 0.0181  0.0421  0.0163  209 ARG A NH1 
612 N  NH2 A ARG A 70 ? 0.2099 0.1611 0.1090 0.0295  -0.0029 -0.0035 209 ARG A NH2 
613 N  NH2 B ARG A 70 ? 0.2329 0.2015 0.1108 0.0253  0.0382  0.0101  209 ARG A NH2 
614 N  N   . GLU A 71 ? 0.1418 0.1246 0.1125 0.0104  0.0137  0.0161  210 GLU A N   
615 C  CA  . GLU A 71 ? 0.1358 0.1143 0.1143 0.0077  0.0107  0.0199  210 GLU A CA  
616 C  C   . GLU A 71 ? 0.1367 0.1238 0.1317 0.0016  0.0135  0.0183  210 GLU A C   
617 O  O   . GLU A 71 ? 0.1435 0.1283 0.1416 -0.0019 0.0127  0.0212  210 GLU A O   
618 C  CB  . GLU A 71 ? 0.1044 0.0804 0.0908 0.0103  0.0010  0.0131  210 GLU A CB  
619 C  CG  . GLU A 71 ? 0.1268 0.0935 0.0991 0.0161  -0.0082 0.0135  210 GLU A CG  
620 C  CD  . GLU A 71 ? 0.1586 0.1286 0.1469 0.0187  -0.0183 0.0051  210 GLU A CD  
621 O  OE1 . GLU A 71 ? 0.2154 0.1957 0.2232 0.0156  -0.0148 -0.0013 210 GLU A OE1 
622 O  OE2 . GLU A 71 ? 0.1904 0.1543 0.1721 0.0224  -0.0284 0.0046  210 GLU A OE2 
623 N  N   . ALA A 72 ? 0.1065 0.1009 0.1084 0.0004  0.0140  0.0127  211 ALA A N   
624 C  CA  . ALA A 72 ? 0.1093 0.1081 0.1181 -0.0038 0.0115  0.0096  211 ALA A CA  
625 C  C   . ALA A 72 ? 0.1490 0.1506 0.1598 -0.0049 0.0134  0.0130  211 ALA A C   
626 O  O   . ALA A 72 ? 0.1222 0.1238 0.1382 -0.0079 0.0125  0.0142  211 ALA A O   
627 C  CB  . ALA A 72 ? 0.1299 0.1316 0.1390 -0.0042 0.0095  0.0051  211 ALA A CB  
628 N  N   . LEU A 73 ? 0.1074 0.1116 0.1159 -0.0023 0.0167  0.0143  212 LEU A N   
629 C  CA  . LEU A 73 ? 0.0655 0.0745 0.0796 -0.0029 0.0206  0.0180  212 LEU A CA  
630 C  C   . LEU A 73 ? 0.1026 0.1096 0.1151 -0.0060 0.0235  0.0232  212 LEU A C   
631 O  O   . LEU A 73 ? 0.1352 0.1456 0.1565 -0.0095 0.0251  0.0264  212 LEU A O   
632 C  CB  . LEU A 73 ? 0.1055 0.1179 0.1168 0.0009  0.0253  0.0176  212 LEU A CB  
633 C  CG  . LEU A 73 ? 0.1067 0.1205 0.1218 0.0026  0.0225  0.0140  212 LEU A CG  
634 C  CD1 . LEU A 73 ? 0.1272 0.1420 0.1370 0.0072  0.0267  0.0118  212 LEU A CD1 
635 C  CD2 . LEU A 73 ? 0.1462 0.1650 0.1741 0.0004  0.0211  0.0157  212 LEU A CD2 
636 N  N   . ARG A 74 ? 0.1189 0.1191 0.1192 -0.0056 0.0235  0.0249  213 ARG A N   
637 C  CA  . ARG A 74 ? 0.1197 0.1135 0.1143 -0.0099 0.0250  0.0315  213 ARG A CA  
638 C  C   . ARG A 74 ? 0.1638 0.1522 0.1663 -0.0139 0.0206  0.0322  213 ARG A C   
639 O  O   . ARG A 74 ? 0.1585 0.1453 0.1650 -0.0186 0.0228  0.0370  213 ARG A O   
640 C  CB  . ARG A 74 ? 0.1488 0.1325 0.1261 -0.0075 0.0235  0.0354  213 ARG A CB  
641 C  CG  . ARG A 74 ? 0.1570 0.1278 0.1257 -0.0121 0.0211  0.0435  213 ARG A CG  
642 C  CD  . ARG A 74 ? 0.2055 0.1665 0.1554 -0.0093 0.0164  0.0487  213 ARG A CD  
643 N  NE  . ARG A 74 ? 0.2354 0.1941 0.1873 -0.0022 0.0089  0.0439  213 ARG A NE  
644 C  CZ  . ARG A 74 ? 0.3496 0.3026 0.2885 0.0036  0.0035  0.0451  213 ARG A CZ  
645 N  NH1 . ARG A 74 ? 0.3041 0.2544 0.2463 0.0099  -0.0038 0.0384  213 ARG A NH1 
646 N  NH2 . ARG A 74 ? 0.4032 0.3522 0.3239 0.0029  0.0051  0.0516  213 ARG A NH2 
647 N  N   . ARG A 75 ? 0.1475 0.1330 0.1530 -0.0120 0.0153  0.0272  214 ARG A N   
648 C  CA  . ARG A 75 ? 0.1219 0.1013 0.1340 -0.0148 0.0114  0.0261  214 ARG A CA  
649 C  C   . ARG A 75 ? 0.1419 0.1288 0.1645 -0.0182 0.0116  0.0248  214 ARG A C   
650 O  O   . ARG A 75 ? 0.1676 0.1498 0.1956 -0.0224 0.0101  0.0271  214 ARG A O   
651 C  CB  . ARG A 75 ? 0.1411 0.1175 0.1562 -0.0118 0.0073  0.0204  214 ARG A CB  
652 C  CG  . ARG A 75 ? 0.1962 0.1653 0.2177 -0.0137 0.0032  0.0173  214 ARG A CG  
653 C  CD  . ARG A 75 ? 0.2157 0.1799 0.2416 -0.0091 -0.0004 0.0109  214 ARG A CD  
654 N  NE  . ARG A 75 ? 0.1840 0.1394 0.2070 -0.0043 -0.0039 0.0150  214 ARG A NE  
655 C  CZ  . ARG A 75 ? 0.1847 0.1417 0.2053 0.0008  -0.0052 0.0144  214 ARG A CZ  
656 N  NH1 . ARG A 75 ? 0.2010 0.1678 0.2242 0.0010  -0.0019 0.0097  214 ARG A NH1 
657 N  NH2 . ARG A 75 ? 0.1873 0.1354 0.2019 0.0055  -0.0107 0.0184  214 ARG A NH2 
658 N  N   . ALA A 76 ? 0.0960 0.0924 0.1219 -0.0162 0.0123  0.0218  215 ALA A N   
659 C  CA  . ALA A 76 ? 0.1083 0.1100 0.1441 -0.0189 0.0108  0.0219  215 ALA A CA  
660 C  C   . ALA A 76 ? 0.1994 0.2060 0.2444 -0.0220 0.0145  0.0283  215 ALA A C   
661 O  O   . ALA A 76 ? 0.2468 0.2552 0.3027 -0.0263 0.0119  0.0300  215 ALA A O   
662 C  CB  . ALA A 76 ? 0.1371 0.1446 0.1729 -0.0161 0.0100  0.0187  215 ALA A CB  
663 N  N   . ASP A 77 ? 0.1477 0.1566 0.1882 -0.0205 0.0209  0.0320  216 ASP A N   
664 C  CA  . ASP A 77 ? 0.1774 0.1925 0.2258 -0.0243 0.0274  0.0384  216 ASP A CA  
665 C  C   . ASP A 77 ? 0.3113 0.3175 0.3564 -0.0304 0.0285  0.0444  216 ASP A C   
666 O  O   . ASP A 77 ? 0.3423 0.3524 0.3935 -0.0357 0.0345  0.0506  216 ASP A O   
667 C  CB  . ASP A 77 ? 0.1481 0.1692 0.1899 -0.0204 0.0354  0.0391  216 ASP A CB  
668 C  CG  . ASP A 77 ? 0.2126 0.2438 0.2637 -0.0242 0.0448  0.0446  216 ASP A CG  
669 O  OD1 . ASP A 77 ? 0.2060 0.2449 0.2758 -0.0279 0.0441  0.0465  216 ASP A OD1 
670 O  OD2 . ASP A 77 ? 0.1803 0.2125 0.2197 -0.0238 0.0533  0.0471  216 ASP A OD2 
671 N  N   A SER A 78 ? 0.3723 0.3653 0.4079 -0.0301 0.0231  0.0427  217 SER A N   
672 N  N   B SER A 78 ? 0.3720 0.3650 0.4077 -0.0301 0.0231  0.0427  217 SER A N   
673 C  CA  A SER A 78 ? 0.4161 0.3953 0.4459 -0.0349 0.0229  0.0488  217 SER A CA  
674 C  CA  B SER A 78 ? 0.4148 0.3939 0.4451 -0.0351 0.0227  0.0487  217 SER A CA  
675 C  C   A SER A 78 ? 0.4676 0.4406 0.5086 -0.0387 0.0160  0.0475  217 SER A C   
676 C  C   B SER A 78 ? 0.4797 0.4549 0.5233 -0.0398 0.0168  0.0482  217 SER A C   
677 O  O   A SER A 78 ? 0.5125 0.4770 0.5563 -0.0447 0.0162  0.0536  217 SER A O   
678 O  O   B SER A 78 ? 0.5112 0.4758 0.5554 -0.0451 0.0163  0.0540  217 SER A O   
679 C  CB  A SER A 78 ? 0.4822 0.4470 0.4931 -0.0308 0.0207  0.0486  217 SER A CB  
680 C  CB  B SER A 78 ? 0.4591 0.4231 0.4727 -0.0309 0.0192  0.0477  217 SER A CB  
681 O  OG  A SER A 78 ? 0.4614 0.4299 0.4593 -0.0286 0.0257  0.0504  217 SER A OG  
682 O  OG  B SER A 78 ? 0.4391 0.4004 0.4571 -0.0274 0.0123  0.0401  217 SER A OG  
# 
